data_5UZG
# 
_entry.id   5UZG 
# 
_audit_conform.dict_name       mmcif_pdbx.dic 
_audit_conform.dict_version    5.379 
_audit_conform.dict_location   http://mmcif.pdb.org/dictionaries/ascii/mmcif_pdbx.dic 
# 
loop_
_database_2.database_id 
_database_2.database_code 
_database_2.pdbx_database_accession 
_database_2.pdbx_DOI 
PDB   5UZG         pdb_00005uzg 10.2210/pdb5uzg/pdb 
WWPDB D_1000226641 ?            ?                   
# 
loop_
_pdbx_database_related.content_type 
_pdbx_database_related.db_id 
_pdbx_database_related.db_name 
_pdbx_database_related.details 
unspecified 5UZM PDB . 
unspecified 5UZN PDB . 
# 
_pdbx_database_status.status_code                     REL 
_pdbx_database_status.status_code_sf                  REL 
_pdbx_database_status.status_code_mr                  ? 
_pdbx_database_status.entry_id                        5UZG 
_pdbx_database_status.recvd_initial_deposition_date   2017-02-26 
_pdbx_database_status.SG_entry                        N 
_pdbx_database_status.deposit_site                    RCSB 
_pdbx_database_status.process_site                    RCSB 
_pdbx_database_status.status_code_cs                  ? 
_pdbx_database_status.methods_development_category    ? 
_pdbx_database_status.pdb_format_compatible           Y 
_pdbx_database_status.status_code_nmr_data            ? 
# 
loop_
_audit_author.name 
_audit_author.pdbx_ordinal 
_audit_author.identifier_ORCID 
'Teramoto, T.' 1 ? 
'Hall, T.M.T.' 2 ? 
# 
_citation.abstract                  ? 
_citation.abstract_id_CAS           ? 
_citation.book_id_ISBN              ? 
_citation.book_publisher            ? 
_citation.book_publisher_city       ? 
_citation.book_title                ? 
_citation.coordinate_linkage        ? 
_citation.country                   US 
_citation.database_id_Medline       ? 
_citation.details                   ? 
_citation.id                        primary 
_citation.journal_abbrev            'Cell Rep' 
_citation.journal_id_ASTM           ? 
_citation.journal_id_CSD            ? 
_citation.journal_id_ISSN           2211-1247 
_citation.journal_full              ? 
_citation.journal_issue             ? 
_citation.journal_volume            19 
_citation.language                  ? 
_citation.page_first                150 
_citation.page_last                 161 
_citation.title                     
'The Drosophila hnRNP F/H Homolog Glorund Uses Two Distinct RNA-Binding Modes to Diversify Target Recognition.' 
_citation.year                      2017 
_citation.database_id_CSD           ? 
_citation.pdbx_database_id_DOI      10.1016/j.celrep.2017.03.022 
_citation.pdbx_database_id_PubMed   28380354 
_citation.unpublished_flag          ? 
# 
loop_
_citation_author.citation_id 
_citation_author.name 
_citation_author.ordinal 
_citation_author.identifier_ORCID 
primary 'Tamayo, J.V.'   1 ? 
primary 'Teramoto, T.'   2 ? 
primary 'Chatterjee, S.' 3 ? 
primary 'Hall, T.M.'     4 ? 
primary 'Gavis, E.R.'    5 ? 
# 
_cell.angle_alpha                  90.00 
_cell.angle_alpha_esd              ? 
_cell.angle_beta                   109.39 
_cell.angle_beta_esd               ? 
_cell.angle_gamma                  90.00 
_cell.angle_gamma_esd              ? 
_cell.entry_id                     5UZG 
_cell.details                      ? 
_cell.formula_units_Z              ? 
_cell.length_a                     115.240 
_cell.length_a_esd                 ? 
_cell.length_b                     27.720 
_cell.length_b_esd                 ? 
_cell.length_c                     66.415 
_cell.length_c_esd                 ? 
_cell.volume                       ? 
_cell.volume_esd                   ? 
_cell.Z_PDB                        8 
_cell.reciprocal_angle_alpha       ? 
_cell.reciprocal_angle_beta        ? 
_cell.reciprocal_angle_gamma       ? 
_cell.reciprocal_angle_alpha_esd   ? 
_cell.reciprocal_angle_beta_esd    ? 
_cell.reciprocal_angle_gamma_esd   ? 
_cell.reciprocal_length_a          ? 
_cell.reciprocal_length_b          ? 
_cell.reciprocal_length_c          ? 
_cell.reciprocal_length_a_esd      ? 
_cell.reciprocal_length_b_esd      ? 
_cell.reciprocal_length_c_esd      ? 
_cell.pdbx_unique_axis             ? 
# 
_symmetry.entry_id                         5UZG 
_symmetry.cell_setting                     ? 
_symmetry.Int_Tables_number                5 
_symmetry.space_group_name_Hall            ? 
_symmetry.space_group_name_H-M             'C 1 2 1' 
_symmetry.pdbx_full_space_group_name_H-M   ? 
# 
loop_
_entity.id 
_entity.type 
_entity.src_method 
_entity.pdbx_description 
_entity.formula_weight 
_entity.pdbx_number_of_molecules 
_entity.pdbx_ec 
_entity.pdbx_mutation 
_entity.pdbx_fragment 
_entity.details 
1 polymer     man AT27789p      11130.540 2   ? ? 'qRRM1 domain residues 45-141' ? 
2 non-polymer syn GLYCEROL      92.094    5   ? ? ?                              ? 
3 non-polymer syn 'SULFATE ION' 96.063    2   ? ? ?                              ? 
4 water       nat water         18.015    230 ? ? ?                              ? 
# 
_entity_name_com.entity_id   1 
_entity_name_com.name        'Glorund,isoform A,isoform B' 
# 
_entity_poly.entity_id                      1 
_entity_poly.type                           'polypeptide(L)' 
_entity_poly.nstd_linkage                   no 
_entity_poly.nstd_monomer                   no 
_entity_poly.pdbx_seq_one_letter_code       
;GSHMGESPKFVRLRGLPWSATHKEILDFLENVNVTNGSAGIHLVTSRVDGKNTGEAYVEVASQEDVEEARKLNKASMGHR
YIEVFTATPKEAKEAMRKISG
;
_entity_poly.pdbx_seq_one_letter_code_can   
;GSHMGESPKFVRLRGLPWSATHKEILDFLENVNVTNGSAGIHLVTSRVDGKNTGEAYVEVASQEDVEEARKLNKASMGHR
YIEVFTATPKEAKEAMRKISG
;
_entity_poly.pdbx_strand_id                 B,A 
_entity_poly.pdbx_target_identifier         ? 
# 
loop_
_entity_poly_seq.entity_id 
_entity_poly_seq.num 
_entity_poly_seq.mon_id 
_entity_poly_seq.hetero 
1 1   GLY n 
1 2   SER n 
1 3   HIS n 
1 4   MET n 
1 5   GLY n 
1 6   GLU n 
1 7   SER n 
1 8   PRO n 
1 9   LYS n 
1 10  PHE n 
1 11  VAL n 
1 12  ARG n 
1 13  LEU n 
1 14  ARG n 
1 15  GLY n 
1 16  LEU n 
1 17  PRO n 
1 18  TRP n 
1 19  SER n 
1 20  ALA n 
1 21  THR n 
1 22  HIS n 
1 23  LYS n 
1 24  GLU n 
1 25  ILE n 
1 26  LEU n 
1 27  ASP n 
1 28  PHE n 
1 29  LEU n 
1 30  GLU n 
1 31  ASN n 
1 32  VAL n 
1 33  ASN n 
1 34  VAL n 
1 35  THR n 
1 36  ASN n 
1 37  GLY n 
1 38  SER n 
1 39  ALA n 
1 40  GLY n 
1 41  ILE n 
1 42  HIS n 
1 43  LEU n 
1 44  VAL n 
1 45  THR n 
1 46  SER n 
1 47  ARG n 
1 48  VAL n 
1 49  ASP n 
1 50  GLY n 
1 51  LYS n 
1 52  ASN n 
1 53  THR n 
1 54  GLY n 
1 55  GLU n 
1 56  ALA n 
1 57  TYR n 
1 58  VAL n 
1 59  GLU n 
1 60  VAL n 
1 61  ALA n 
1 62  SER n 
1 63  GLN n 
1 64  GLU n 
1 65  ASP n 
1 66  VAL n 
1 67  GLU n 
1 68  GLU n 
1 69  ALA n 
1 70  ARG n 
1 71  LYS n 
1 72  LEU n 
1 73  ASN n 
1 74  LYS n 
1 75  ALA n 
1 76  SER n 
1 77  MET n 
1 78  GLY n 
1 79  HIS n 
1 80  ARG n 
1 81  TYR n 
1 82  ILE n 
1 83  GLU n 
1 84  VAL n 
1 85  PHE n 
1 86  THR n 
1 87  ALA n 
1 88  THR n 
1 89  PRO n 
1 90  LYS n 
1 91  GLU n 
1 92  ALA n 
1 93  LYS n 
1 94  GLU n 
1 95  ALA n 
1 96  MET n 
1 97  ARG n 
1 98  LYS n 
1 99  ILE n 
1 100 SER n 
1 101 GLY n 
# 
_entity_src_gen.entity_id                          1 
_entity_src_gen.pdbx_src_id                        1 
_entity_src_gen.pdbx_alt_source_flag               sample 
_entity_src_gen.pdbx_seq_type                      'Biological sequence' 
_entity_src_gen.pdbx_beg_seq_num                   1 
_entity_src_gen.pdbx_end_seq_num                   101 
_entity_src_gen.gene_src_common_name               'Fruit fly' 
_entity_src_gen.gene_src_genus                     ? 
_entity_src_gen.pdbx_gene_src_gene                 'glo, CG6946, Dmel_CG6946' 
_entity_src_gen.gene_src_species                   ? 
_entity_src_gen.gene_src_strain                    ? 
_entity_src_gen.gene_src_tissue                    ? 
_entity_src_gen.gene_src_tissue_fraction           ? 
_entity_src_gen.gene_src_details                   ? 
_entity_src_gen.pdbx_gene_src_fragment             ? 
_entity_src_gen.pdbx_gene_src_scientific_name      'Drosophila melanogaster' 
_entity_src_gen.pdbx_gene_src_ncbi_taxonomy_id     7227 
_entity_src_gen.pdbx_gene_src_variant              ? 
_entity_src_gen.pdbx_gene_src_cell_line            ? 
_entity_src_gen.pdbx_gene_src_atcc                 ? 
_entity_src_gen.pdbx_gene_src_organ                ? 
_entity_src_gen.pdbx_gene_src_organelle            ? 
_entity_src_gen.pdbx_gene_src_cell                 ? 
_entity_src_gen.pdbx_gene_src_cellular_location    ? 
_entity_src_gen.host_org_common_name               ? 
_entity_src_gen.pdbx_host_org_scientific_name      'Escherichia coli' 
_entity_src_gen.pdbx_host_org_ncbi_taxonomy_id     562 
_entity_src_gen.host_org_genus                     ? 
_entity_src_gen.pdbx_host_org_gene                 ? 
_entity_src_gen.pdbx_host_org_organ                ? 
_entity_src_gen.host_org_species                   ? 
_entity_src_gen.pdbx_host_org_tissue               ? 
_entity_src_gen.pdbx_host_org_tissue_fraction      ? 
_entity_src_gen.pdbx_host_org_strain               ? 
_entity_src_gen.pdbx_host_org_variant              ? 
_entity_src_gen.pdbx_host_org_cell_line            ? 
_entity_src_gen.pdbx_host_org_atcc                 ? 
_entity_src_gen.pdbx_host_org_culture_collection   ? 
_entity_src_gen.pdbx_host_org_cell                 ? 
_entity_src_gen.pdbx_host_org_organelle            ? 
_entity_src_gen.pdbx_host_org_cellular_location    ? 
_entity_src_gen.pdbx_host_org_vector_type          ? 
_entity_src_gen.pdbx_host_org_vector               ? 
_entity_src_gen.host_org_details                   ? 
_entity_src_gen.expression_system_id               ? 
_entity_src_gen.plasmid_name                       ? 
_entity_src_gen.plasmid_details                    ? 
_entity_src_gen.pdbx_description                   ? 
# 
_struct_ref.id                         1 
_struct_ref.db_name                    UNP 
_struct_ref.db_code                    Q9VGH5_DROME 
_struct_ref.pdbx_db_accession          Q9VGH5 
_struct_ref.pdbx_db_isoform            ? 
_struct_ref.entity_id                  1 
_struct_ref.pdbx_seq_one_letter_code   
;GESPKFVRLRGLPWSATHKEILDFLENVNVTNGSAGIHLVTSRVDGKNTGEAYVEVASQEDVEEARKLNKASMGHRYIEV
FTATPKEAKEAMRKISG
;
_struct_ref.pdbx_align_begin           45 
# 
loop_
_struct_ref_seq.align_id 
_struct_ref_seq.ref_id 
_struct_ref_seq.pdbx_PDB_id_code 
_struct_ref_seq.pdbx_strand_id 
_struct_ref_seq.seq_align_beg 
_struct_ref_seq.pdbx_seq_align_beg_ins_code 
_struct_ref_seq.seq_align_end 
_struct_ref_seq.pdbx_seq_align_end_ins_code 
_struct_ref_seq.pdbx_db_accession 
_struct_ref_seq.db_align_beg 
_struct_ref_seq.pdbx_db_align_beg_ins_code 
_struct_ref_seq.db_align_end 
_struct_ref_seq.pdbx_db_align_end_ins_code 
_struct_ref_seq.pdbx_auth_seq_align_beg 
_struct_ref_seq.pdbx_auth_seq_align_end 
1 1 5UZG B 5 ? 101 ? Q9VGH5 45 ? 141 ? 45 141 
2 1 5UZG A 5 ? 101 ? Q9VGH5 45 ? 141 ? 45 141 
# 
loop_
_struct_ref_seq_dif.align_id 
_struct_ref_seq_dif.pdbx_pdb_id_code 
_struct_ref_seq_dif.mon_id 
_struct_ref_seq_dif.pdbx_pdb_strand_id 
_struct_ref_seq_dif.seq_num 
_struct_ref_seq_dif.pdbx_pdb_ins_code 
_struct_ref_seq_dif.pdbx_seq_db_name 
_struct_ref_seq_dif.pdbx_seq_db_accession_code 
_struct_ref_seq_dif.db_mon_id 
_struct_ref_seq_dif.pdbx_seq_db_seq_num 
_struct_ref_seq_dif.details 
_struct_ref_seq_dif.pdbx_auth_seq_num 
_struct_ref_seq_dif.pdbx_ordinal 
1 5UZG GLY B 1 ? UNP Q9VGH5 ? ? 'expression tag' 41 1 
1 5UZG SER B 2 ? UNP Q9VGH5 ? ? 'expression tag' 42 2 
1 5UZG HIS B 3 ? UNP Q9VGH5 ? ? 'expression tag' 43 3 
1 5UZG MET B 4 ? UNP Q9VGH5 ? ? 'expression tag' 44 4 
2 5UZG GLY A 1 ? UNP Q9VGH5 ? ? 'expression tag' 41 5 
2 5UZG SER A 2 ? UNP Q9VGH5 ? ? 'expression tag' 42 6 
2 5UZG HIS A 3 ? UNP Q9VGH5 ? ? 'expression tag' 43 7 
2 5UZG MET A 4 ? UNP Q9VGH5 ? ? 'expression tag' 44 8 
# 
loop_
_chem_comp.id 
_chem_comp.type 
_chem_comp.mon_nstd_flag 
_chem_comp.name 
_chem_comp.pdbx_synonyms 
_chem_comp.formula 
_chem_comp.formula_weight 
ALA 'L-peptide linking' y ALANINE         ?                               'C3 H7 N O2'     89.093  
ARG 'L-peptide linking' y ARGININE        ?                               'C6 H15 N4 O2 1' 175.209 
ASN 'L-peptide linking' y ASPARAGINE      ?                               'C4 H8 N2 O3'    132.118 
ASP 'L-peptide linking' y 'ASPARTIC ACID' ?                               'C4 H7 N O4'     133.103 
GLN 'L-peptide linking' y GLUTAMINE       ?                               'C5 H10 N2 O3'   146.144 
GLU 'L-peptide linking' y 'GLUTAMIC ACID' ?                               'C5 H9 N O4'     147.129 
GLY 'peptide linking'   y GLYCINE         ?                               'C2 H5 N O2'     75.067  
GOL non-polymer         . GLYCEROL        'GLYCERIN; PROPANE-1,2,3-TRIOL' 'C3 H8 O3'       92.094  
HIS 'L-peptide linking' y HISTIDINE       ?                               'C6 H10 N3 O2 1' 156.162 
HOH non-polymer         . WATER           ?                               'H2 O'           18.015  
ILE 'L-peptide linking' y ISOLEUCINE      ?                               'C6 H13 N O2'    131.173 
LEU 'L-peptide linking' y LEUCINE         ?                               'C6 H13 N O2'    131.173 
LYS 'L-peptide linking' y LYSINE          ?                               'C6 H15 N2 O2 1' 147.195 
MET 'L-peptide linking' y METHIONINE      ?                               'C5 H11 N O2 S'  149.211 
PHE 'L-peptide linking' y PHENYLALANINE   ?                               'C9 H11 N O2'    165.189 
PRO 'L-peptide linking' y PROLINE         ?                               'C5 H9 N O2'     115.130 
SER 'L-peptide linking' y SERINE          ?                               'C3 H7 N O3'     105.093 
SO4 non-polymer         . 'SULFATE ION'   ?                               'O4 S -2'        96.063  
THR 'L-peptide linking' y THREONINE       ?                               'C4 H9 N O3'     119.119 
TRP 'L-peptide linking' y TRYPTOPHAN      ?                               'C11 H12 N2 O2'  204.225 
TYR 'L-peptide linking' y TYROSINE        ?                               'C9 H11 N O3'    181.189 
VAL 'L-peptide linking' y VALINE          ?                               'C5 H11 N O2'    117.146 
# 
_exptl.absorpt_coefficient_mu     ? 
_exptl.absorpt_correction_T_max   ? 
_exptl.absorpt_correction_T_min   ? 
_exptl.absorpt_correction_type    ? 
_exptl.absorpt_process_details    ? 
_exptl.entry_id                   5UZG 
_exptl.crystals_number            1 
_exptl.details                    ? 
_exptl.method                     'X-RAY DIFFRACTION' 
_exptl.method_details             ? 
# 
_exptl_crystal.colour                      ? 
_exptl_crystal.density_diffrn              ? 
_exptl_crystal.density_Matthews            2.33 
_exptl_crystal.density_method              ? 
_exptl_crystal.density_percent_sol         47.31 
_exptl_crystal.description                 ? 
_exptl_crystal.F_000                       ? 
_exptl_crystal.id                          1 
_exptl_crystal.preparation                 ? 
_exptl_crystal.size_max                    ? 
_exptl_crystal.size_mid                    ? 
_exptl_crystal.size_min                    ? 
_exptl_crystal.size_rad                    ? 
_exptl_crystal.colour_lustre               ? 
_exptl_crystal.colour_modifier             ? 
_exptl_crystal.colour_primary              ? 
_exptl_crystal.density_meas                ? 
_exptl_crystal.density_meas_esd            ? 
_exptl_crystal.density_meas_gt             ? 
_exptl_crystal.density_meas_lt             ? 
_exptl_crystal.density_meas_temp           ? 
_exptl_crystal.density_meas_temp_esd       ? 
_exptl_crystal.density_meas_temp_gt        ? 
_exptl_crystal.density_meas_temp_lt        ? 
_exptl_crystal.pdbx_crystal_image_url      ? 
_exptl_crystal.pdbx_crystal_image_format   ? 
_exptl_crystal.pdbx_mosaicity              ? 
_exptl_crystal.pdbx_mosaicity_esd          ? 
# 
_exptl_crystal_grow.apparatus       ? 
_exptl_crystal_grow.atmosphere      ? 
_exptl_crystal_grow.crystal_id      1 
_exptl_crystal_grow.details         ? 
_exptl_crystal_grow.method          'VAPOR DIFFUSION, HANGING DROP' 
_exptl_crystal_grow.method_ref      ? 
_exptl_crystal_grow.pH              ? 
_exptl_crystal_grow.pressure        ? 
_exptl_crystal_grow.pressure_esd    ? 
_exptl_crystal_grow.seeding         ? 
_exptl_crystal_grow.seeding_ref     ? 
_exptl_crystal_grow.temp            277 
_exptl_crystal_grow.temp_details    ? 
_exptl_crystal_grow.temp_esd        ? 
_exptl_crystal_grow.time            ? 
_exptl_crystal_grow.pdbx_details    '0.2 M ammonium sulfate, 0.1 M Na acetate pH 4.6, 30% w/v PEGMME 2000' 
_exptl_crystal_grow.pdbx_pH_range   ? 
# 
_diffrn.ambient_environment    ? 
_diffrn.ambient_temp           100 
_diffrn.ambient_temp_details   ? 
_diffrn.ambient_temp_esd       ? 
_diffrn.crystal_id             1 
_diffrn.crystal_support        ? 
_diffrn.crystal_treatment      ? 
_diffrn.details                ? 
_diffrn.id                     1 
_diffrn.ambient_pressure       ? 
_diffrn.ambient_pressure_esd   ? 
_diffrn.ambient_pressure_gt    ? 
_diffrn.ambient_pressure_lt    ? 
_diffrn.ambient_temp_gt        ? 
_diffrn.ambient_temp_lt        ? 
# 
_diffrn_detector.details                      ? 
_diffrn_detector.detector                     CCD 
_diffrn_detector.diffrn_id                    1 
_diffrn_detector.type                         'RIGAKU SATURN 92' 
_diffrn_detector.area_resol_mean              ? 
_diffrn_detector.dtime                        ? 
_diffrn_detector.pdbx_frames_total            ? 
_diffrn_detector.pdbx_collection_time_total   ? 
_diffrn_detector.pdbx_collection_date         2012-08-28 
# 
_diffrn_radiation.collimation                      ? 
_diffrn_radiation.diffrn_id                        1 
_diffrn_radiation.filter_edge                      ? 
_diffrn_radiation.inhomogeneity                    ? 
_diffrn_radiation.monochromator                    ? 
_diffrn_radiation.polarisn_norm                    ? 
_diffrn_radiation.polarisn_ratio                   ? 
_diffrn_radiation.probe                            ? 
_diffrn_radiation.type                             ? 
_diffrn_radiation.xray_symbol                      ? 
_diffrn_radiation.wavelength_id                    1 
_diffrn_radiation.pdbx_monochromatic_or_laue_m_l   M 
_diffrn_radiation.pdbx_wavelength_list             ? 
_diffrn_radiation.pdbx_wavelength                  ? 
_diffrn_radiation.pdbx_diffrn_protocol             'SINGLE WAVELENGTH' 
_diffrn_radiation.pdbx_analyzer                    ? 
_diffrn_radiation.pdbx_scattering_type             x-ray 
# 
_diffrn_radiation_wavelength.id           1 
_diffrn_radiation_wavelength.wavelength   1.54 
_diffrn_radiation_wavelength.wt           1.0 
# 
_diffrn_source.current                     ? 
_diffrn_source.details                     ? 
_diffrn_source.diffrn_id                   1 
_diffrn_source.power                       ? 
_diffrn_source.size                        ? 
_diffrn_source.source                      'ROTATING ANODE' 
_diffrn_source.target                      ? 
_diffrn_source.type                        'RIGAKU MICROMAX-007 HF' 
_diffrn_source.voltage                     ? 
_diffrn_source.take-off_angle              ? 
_diffrn_source.pdbx_wavelength_list        1.54 
_diffrn_source.pdbx_wavelength             ? 
_diffrn_source.pdbx_synchrotron_beamline   ? 
_diffrn_source.pdbx_synchrotron_site       ? 
# 
_reflns.B_iso_Wilson_estimate            ? 
_reflns.entry_id                         5UZG 
_reflns.data_reduction_details           ? 
_reflns.data_reduction_method            ? 
_reflns.d_resolution_high                1.54 
_reflns.d_resolution_low                 50 
_reflns.details                          ? 
_reflns.limit_h_max                      ? 
_reflns.limit_h_min                      ? 
_reflns.limit_k_max                      ? 
_reflns.limit_k_min                      ? 
_reflns.limit_l_max                      ? 
_reflns.limit_l_min                      ? 
_reflns.number_all                       ? 
_reflns.number_obs                       26983 
_reflns.observed_criterion               ? 
_reflns.observed_criterion_F_max         ? 
_reflns.observed_criterion_F_min         ? 
_reflns.observed_criterion_I_max         ? 
_reflns.observed_criterion_I_min         ? 
_reflns.observed_criterion_sigma_F       ? 
_reflns.observed_criterion_sigma_I       ? 
_reflns.percent_possible_obs             90.9 
_reflns.R_free_details                   ? 
_reflns.Rmerge_F_all                     ? 
_reflns.Rmerge_F_obs                     ? 
_reflns.Friedel_coverage                 ? 
_reflns.number_gt                        ? 
_reflns.threshold_expression             ? 
_reflns.pdbx_redundancy                  3.3 
_reflns.pdbx_Rmerge_I_obs                0.065 
_reflns.pdbx_Rmerge_I_all                ? 
_reflns.pdbx_Rsym_value                  ? 
_reflns.pdbx_netI_over_av_sigmaI         ? 
_reflns.pdbx_netI_over_sigmaI            20.2 
_reflns.pdbx_res_netI_over_av_sigmaI_2   ? 
_reflns.pdbx_res_netI_over_sigmaI_2      ? 
_reflns.pdbx_chi_squared                 ? 
_reflns.pdbx_scaling_rejects             ? 
_reflns.pdbx_d_res_high_opt              ? 
_reflns.pdbx_d_res_low_opt               ? 
_reflns.pdbx_d_res_opt_method            ? 
_reflns.phase_calculation_details        ? 
_reflns.pdbx_Rrim_I_all                  ? 
_reflns.pdbx_Rpim_I_all                  ? 
_reflns.pdbx_d_opt                       ? 
_reflns.pdbx_number_measured_all         ? 
_reflns.pdbx_diffrn_id                   1 
_reflns.pdbx_ordinal                     1 
_reflns.pdbx_CC_half                     ? 
_reflns.pdbx_R_split                     ? 
# 
_reflns_shell.d_res_high                  . 
_reflns_shell.d_res_low                   ? 
_reflns_shell.meanI_over_sigI_all         ? 
_reflns_shell.meanI_over_sigI_obs         ? 
_reflns_shell.number_measured_all         ? 
_reflns_shell.number_measured_obs         ? 
_reflns_shell.number_possible             ? 
_reflns_shell.number_unique_all           ? 
_reflns_shell.number_unique_obs           ? 
_reflns_shell.percent_possible_all        ? 
_reflns_shell.percent_possible_obs        ? 
_reflns_shell.Rmerge_F_all                ? 
_reflns_shell.Rmerge_F_obs                ? 
_reflns_shell.Rmerge_I_all                ? 
_reflns_shell.Rmerge_I_obs                ? 
_reflns_shell.meanI_over_sigI_gt          ? 
_reflns_shell.meanI_over_uI_all           ? 
_reflns_shell.meanI_over_uI_gt            ? 
_reflns_shell.number_measured_gt          ? 
_reflns_shell.number_unique_gt            ? 
_reflns_shell.percent_possible_gt         ? 
_reflns_shell.Rmerge_F_gt                 ? 
_reflns_shell.Rmerge_I_gt                 ? 
_reflns_shell.pdbx_redundancy             ? 
_reflns_shell.pdbx_Rsym_value             ? 
_reflns_shell.pdbx_chi_squared            ? 
_reflns_shell.pdbx_netI_over_sigmaI_all   ? 
_reflns_shell.pdbx_netI_over_sigmaI_obs   ? 
_reflns_shell.pdbx_Rrim_I_all             ? 
_reflns_shell.pdbx_Rpim_I_all             ? 
_reflns_shell.pdbx_rejects                ? 
_reflns_shell.pdbx_ordinal                1 
_reflns_shell.pdbx_diffrn_id              1 
_reflns_shell.pdbx_CC_half                ? 
_reflns_shell.pdbx_R_split                ? 
# 
_refine.aniso_B[1][1]                            ? 
_refine.aniso_B[1][2]                            ? 
_refine.aniso_B[1][3]                            ? 
_refine.aniso_B[2][2]                            ? 
_refine.aniso_B[2][3]                            ? 
_refine.aniso_B[3][3]                            ? 
_refine.B_iso_max                                ? 
_refine.B_iso_mean                               ? 
_refine.B_iso_min                                ? 
_refine.correlation_coeff_Fo_to_Fc               ? 
_refine.correlation_coeff_Fo_to_Fc_free          ? 
_refine.details                                  ? 
_refine.diff_density_max                         ? 
_refine.diff_density_max_esd                     ? 
_refine.diff_density_min                         ? 
_refine.diff_density_min_esd                     ? 
_refine.diff_density_rms                         ? 
_refine.diff_density_rms_esd                     ? 
_refine.entry_id                                 5UZG 
_refine.pdbx_refine_id                           'X-RAY DIFFRACTION' 
_refine.ls_abs_structure_details                 ? 
_refine.ls_abs_structure_Flack                   ? 
_refine.ls_abs_structure_Flack_esd               ? 
_refine.ls_abs_structure_Rogers                  ? 
_refine.ls_abs_structure_Rogers_esd              ? 
_refine.ls_d_res_high                            1.541 
_refine.ls_d_res_low                             23.984 
_refine.ls_extinction_coef                       ? 
_refine.ls_extinction_coef_esd                   ? 
_refine.ls_extinction_expression                 ? 
_refine.ls_extinction_method                     ? 
_refine.ls_goodness_of_fit_all                   ? 
_refine.ls_goodness_of_fit_all_esd               ? 
_refine.ls_goodness_of_fit_obs                   ? 
_refine.ls_goodness_of_fit_obs_esd               ? 
_refine.ls_hydrogen_treatment                    ? 
_refine.ls_matrix_type                           ? 
_refine.ls_number_constraints                    ? 
_refine.ls_number_parameters                     ? 
_refine.ls_number_reflns_all                     ? 
_refine.ls_number_reflns_obs                     26928 
_refine.ls_number_reflns_R_free                  1354 
_refine.ls_number_reflns_R_work                  ? 
_refine.ls_number_restraints                     ? 
_refine.ls_percent_reflns_obs                    90.43 
_refine.ls_percent_reflns_R_free                 5.03 
_refine.ls_R_factor_all                          ? 
_refine.ls_R_factor_obs                          0.1756 
_refine.ls_R_factor_R_free                       0.2085 
_refine.ls_R_factor_R_free_error                 ? 
_refine.ls_R_factor_R_free_error_details         ? 
_refine.ls_R_factor_R_work                       0.1739 
_refine.ls_R_Fsqd_factor_obs                     ? 
_refine.ls_R_I_factor_obs                        ? 
_refine.ls_redundancy_reflns_all                 ? 
_refine.ls_redundancy_reflns_obs                 ? 
_refine.ls_restrained_S_all                      ? 
_refine.ls_restrained_S_obs                      ? 
_refine.ls_shift_over_esd_max                    ? 
_refine.ls_shift_over_esd_mean                   ? 
_refine.ls_structure_factor_coef                 ? 
_refine.ls_weighting_details                     ? 
_refine.ls_weighting_scheme                      ? 
_refine.ls_wR_factor_all                         ? 
_refine.ls_wR_factor_obs                         ? 
_refine.ls_wR_factor_R_free                      ? 
_refine.ls_wR_factor_R_work                      ? 
_refine.occupancy_max                            ? 
_refine.occupancy_min                            ? 
_refine.solvent_model_details                    ? 
_refine.solvent_model_param_bsol                 ? 
_refine.solvent_model_param_ksol                 ? 
_refine.ls_R_factor_gt                           ? 
_refine.ls_goodness_of_fit_gt                    ? 
_refine.ls_goodness_of_fit_ref                   ? 
_refine.ls_shift_over_su_max                     ? 
_refine.ls_shift_over_su_max_lt                  ? 
_refine.ls_shift_over_su_mean                    ? 
_refine.ls_shift_over_su_mean_lt                 ? 
_refine.pdbx_ls_sigma_I                          ? 
_refine.pdbx_ls_sigma_F                          1.35 
_refine.pdbx_ls_sigma_Fsqd                       ? 
_refine.pdbx_data_cutoff_high_absF               ? 
_refine.pdbx_data_cutoff_high_rms_absF           ? 
_refine.pdbx_data_cutoff_low_absF                ? 
_refine.pdbx_isotropic_thermal_model             ? 
_refine.pdbx_ls_cross_valid_method               'FREE R-VALUE' 
_refine.pdbx_method_to_determine_struct          'MOLECULAR REPLACEMENT' 
_refine.pdbx_starting_model                      2KFY 
_refine.pdbx_stereochemistry_target_values       ? 
_refine.pdbx_R_Free_selection_details            ? 
_refine.pdbx_stereochem_target_val_spec_case     ? 
_refine.pdbx_overall_ESU_R                       ? 
_refine.pdbx_overall_ESU_R_Free                  ? 
_refine.pdbx_solvent_vdw_probe_radii             1.11 
_refine.pdbx_solvent_ion_probe_radii             ? 
_refine.pdbx_solvent_shrinkage_radii             0.90 
_refine.pdbx_real_space_R                        ? 
_refine.pdbx_density_correlation                 ? 
_refine.pdbx_pd_number_of_powder_patterns        ? 
_refine.pdbx_pd_number_of_points                 ? 
_refine.pdbx_pd_meas_number_of_points            ? 
_refine.pdbx_pd_proc_ls_prof_R_factor            ? 
_refine.pdbx_pd_proc_ls_prof_wR_factor           ? 
_refine.pdbx_pd_Marquardt_correlation_coeff      ? 
_refine.pdbx_pd_Fsqrd_R_factor                   ? 
_refine.pdbx_pd_ls_matrix_band_width             ? 
_refine.pdbx_overall_phase_error                 20.00 
_refine.pdbx_overall_SU_R_free_Cruickshank_DPI   ? 
_refine.pdbx_overall_SU_R_free_Blow_DPI          ? 
_refine.pdbx_overall_SU_R_Blow_DPI               ? 
_refine.pdbx_TLS_residual_ADP_flag               ? 
_refine.pdbx_diffrn_id                           1 
_refine.overall_SU_B                             ? 
_refine.overall_SU_ML                            0.12 
_refine.overall_SU_R_Cruickshank_DPI             ? 
_refine.overall_SU_R_free                        ? 
_refine.overall_FOM_free_R_set                   ? 
_refine.overall_FOM_work_R_set                   ? 
_refine.pdbx_average_fsc_overall                 ? 
_refine.pdbx_average_fsc_work                    ? 
_refine.pdbx_average_fsc_free                    ? 
# 
_refine_hist.pdbx_refine_id                   'X-RAY DIFFRACTION' 
_refine_hist.cycle_id                         LAST 
_refine_hist.pdbx_number_atoms_protein        1362 
_refine_hist.pdbx_number_atoms_nucleic_acid   0 
_refine_hist.pdbx_number_atoms_ligand         40 
_refine_hist.number_atoms_solvent             230 
_refine_hist.number_atoms_total               1632 
_refine_hist.d_res_high                       1.541 
_refine_hist.d_res_low                        23.984 
# 
loop_
_refine_ls_restr.pdbx_refine_id 
_refine_ls_restr.criterion 
_refine_ls_restr.dev_ideal 
_refine_ls_restr.dev_ideal_target 
_refine_ls_restr.number 
_refine_ls_restr.rejects 
_refine_ls_restr.type 
_refine_ls_restr.weight 
_refine_ls_restr.pdbx_restraint_function 
'X-RAY DIFFRACTION' ? 0.009  ? 1440 ? f_bond_d           ? ? 
'X-RAY DIFFRACTION' ? 1.038  ? 1939 ? f_angle_d          ? ? 
'X-RAY DIFFRACTION' ? 27.415 ? 540  ? f_dihedral_angle_d ? ? 
'X-RAY DIFFRACTION' ? 0.069  ? 215  ? f_chiral_restr     ? ? 
'X-RAY DIFFRACTION' ? 0.005  ? 245  ? f_plane_restr      ? ? 
# 
loop_
_refine_ls_shell.pdbx_refine_id 
_refine_ls_shell.d_res_high 
_refine_ls_shell.d_res_low 
_refine_ls_shell.number_reflns_all 
_refine_ls_shell.number_reflns_obs 
_refine_ls_shell.number_reflns_R_free 
_refine_ls_shell.number_reflns_R_work 
_refine_ls_shell.percent_reflns_obs 
_refine_ls_shell.percent_reflns_R_free 
_refine_ls_shell.R_factor_all 
_refine_ls_shell.R_factor_obs 
_refine_ls_shell.R_factor_R_free 
_refine_ls_shell.R_factor_R_free_error 
_refine_ls_shell.R_factor_R_work 
_refine_ls_shell.redundancy_reflns_all 
_refine_ls_shell.redundancy_reflns_obs 
_refine_ls_shell.wR_factor_all 
_refine_ls_shell.wR_factor_obs 
_refine_ls_shell.wR_factor_R_free 
_refine_ls_shell.wR_factor_R_work 
_refine_ls_shell.pdbx_total_number_of_bins_used 
_refine_ls_shell.pdbx_phase_error 
_refine_ls_shell.pdbx_fsc_work 
_refine_ls_shell.pdbx_fsc_free 
'X-RAY DIFFRACTION' 1.5413 1.5963  . . 97  1876 68.00  . . . 0.1861 . 0.1551 . . . . . . . . . . 
'X-RAY DIFFRACTION' 1.5963 1.6602  . . 120 2249 81.00  . . . 0.2023 . 0.1707 . . . . . . . . . . 
'X-RAY DIFFRACTION' 1.6602 1.7358  . . 119 2385 84.00  . . . 0.1908 . 0.1724 . . . . . . . . . . 
'X-RAY DIFFRACTION' 1.7358 1.8273  . . 125 2412 87.00  . . . 0.2122 . 0.1786 . . . . . . . . . . 
'X-RAY DIFFRACTION' 1.8273 1.9417  . . 123 2531 90.00  . . . 0.2042 . 0.1720 . . . . . . . . . . 
'X-RAY DIFFRACTION' 1.9417 2.0915  . . 152 2713 96.00  . . . 0.2062 . 0.1693 . . . . . . . . . . 
'X-RAY DIFFRACTION' 2.0915 2.3019  . . 155 2796 99.00  . . . 0.2047 . 0.1717 . . . . . . . . . . 
'X-RAY DIFFRACTION' 2.3019 2.6346  . . 143 2813 100.00 . . . 0.2006 . 0.1790 . . . . . . . . . . 
'X-RAY DIFFRACTION' 2.6346 3.3179  . . 168 2852 100.00 . . . 0.2229 . 0.1844 . . . . . . . . . . 
'X-RAY DIFFRACTION' 3.3179 23.9873 . . 152 2947 100.00 . . . 0.2109 . 0.1690 . . . . . . . . . . 
# 
_struct.entry_id                     5UZG 
_struct.title                        'Crystal structure of Glorund qRRM1 domain' 
_struct.pdbx_model_details           ? 
_struct.pdbx_formula_weight          ? 
_struct.pdbx_formula_weight_method   ? 
_struct.pdbx_model_type_details      ? 
_struct.pdbx_CASP_flag               N 
# 
_struct_keywords.entry_id        5UZG 
_struct_keywords.text            'quasi-RNA recognition motif, qRRM, RNA BINDING PROTEIN' 
_struct_keywords.pdbx_keywords   'RNA BINDING PROTEIN' 
# 
loop_
_struct_asym.id 
_struct_asym.pdbx_blank_PDB_chainid_flag 
_struct_asym.pdbx_modified 
_struct_asym.entity_id 
_struct_asym.details 
A N N 1 ? 
B N N 1 ? 
C N N 2 ? 
D N N 2 ? 
E N N 2 ? 
F N N 2 ? 
G N N 2 ? 
H N N 3 ? 
I N N 3 ? 
J N N 4 ? 
K N N 4 ? 
# 
loop_
_struct_conf.conf_type_id 
_struct_conf.id 
_struct_conf.pdbx_PDB_helix_id 
_struct_conf.beg_label_comp_id 
_struct_conf.beg_label_asym_id 
_struct_conf.beg_label_seq_id 
_struct_conf.pdbx_beg_PDB_ins_code 
_struct_conf.end_label_comp_id 
_struct_conf.end_label_asym_id 
_struct_conf.end_label_seq_id 
_struct_conf.pdbx_end_PDB_ins_code 
_struct_conf.beg_auth_comp_id 
_struct_conf.beg_auth_asym_id 
_struct_conf.beg_auth_seq_id 
_struct_conf.end_auth_comp_id 
_struct_conf.end_auth_asym_id 
_struct_conf.end_auth_seq_id 
_struct_conf.pdbx_PDB_helix_class 
_struct_conf.details 
_struct_conf.pdbx_PDB_helix_length 
HELX_P HELX_P1 AA1 THR A 21 ? LEU A 29 ? THR B 61  LEU B 69  1 ? 9  
HELX_P HELX_P2 AA2 ASN A 36 ? ALA A 39 ? ASN B 76  ALA B 79  5 ? 4  
HELX_P HELX_P3 AA3 SER A 62 ? LEU A 72 ? SER B 102 LEU B 112 1 ? 11 
HELX_P HELX_P4 AA4 THR A 88 ? MET A 96 ? THR B 128 MET B 136 1 ? 9  
HELX_P HELX_P5 AA5 THR B 21 ? LEU B 29 ? THR A 61  LEU A 69  1 ? 9  
HELX_P HELX_P6 AA6 ASN B 36 ? ALA B 39 ? ASN A 76  ALA A 79  5 ? 4  
HELX_P HELX_P7 AA7 SER B 62 ? LEU B 72 ? SER A 102 LEU A 112 1 ? 11 
HELX_P HELX_P8 AA8 THR B 88 ? MET B 96 ? THR A 128 MET A 136 1 ? 9  
# 
_struct_conf_type.id          HELX_P 
_struct_conf_type.criteria    ? 
_struct_conf_type.reference   ? 
# 
loop_
_struct_sheet.id 
_struct_sheet.type 
_struct_sheet.number_strands 
_struct_sheet.details 
AA1 ? 5 ? 
AA2 ? 5 ? 
# 
loop_
_struct_sheet_order.sheet_id 
_struct_sheet_order.range_id_1 
_struct_sheet_order.range_id_2 
_struct_sheet_order.offset 
_struct_sheet_order.sense 
AA1 1 2 ? anti-parallel 
AA1 2 3 ? anti-parallel 
AA1 3 4 ? anti-parallel 
AA1 4 5 ? anti-parallel 
AA2 1 2 ? anti-parallel 
AA2 2 3 ? anti-parallel 
AA2 3 4 ? anti-parallel 
AA2 4 5 ? anti-parallel 
# 
loop_
_struct_sheet_range.sheet_id 
_struct_sheet_range.id 
_struct_sheet_range.beg_label_comp_id 
_struct_sheet_range.beg_label_asym_id 
_struct_sheet_range.beg_label_seq_id 
_struct_sheet_range.pdbx_beg_PDB_ins_code 
_struct_sheet_range.end_label_comp_id 
_struct_sheet_range.end_label_asym_id 
_struct_sheet_range.end_label_seq_id 
_struct_sheet_range.pdbx_end_PDB_ins_code 
_struct_sheet_range.beg_auth_comp_id 
_struct_sheet_range.beg_auth_asym_id 
_struct_sheet_range.beg_auth_seq_id 
_struct_sheet_range.end_auth_comp_id 
_struct_sheet_range.end_auth_asym_id 
_struct_sheet_range.end_auth_seq_id 
AA1 1 ILE A 41 ? LEU A 43 ? ILE B 81  LEU B 83  
AA1 2 GLU A 55 ? VAL A 60 ? GLU B 95  VAL B 100 
AA1 3 LYS A 9  ? ARG A 14 ? LYS B 49  ARG B 54  
AA1 4 ARG A 80 ? ALA A 87 ? ARG B 120 ALA B 127 
AA1 5 ALA A 75 ? MET A 77 ? ALA B 115 MET B 117 
AA2 1 ILE B 41 ? THR B 45 ? ILE A 81  THR A 85  
AA2 2 ASN B 52 ? VAL B 60 ? ASN A 92  VAL A 100 
AA2 3 LYS B 9  ? ARG B 14 ? LYS A 49  ARG A 54  
AA2 4 ARG B 80 ? ALA B 87 ? ARG A 120 ALA A 127 
AA2 5 ALA B 75 ? MET B 77 ? ALA A 115 MET A 117 
# 
loop_
_pdbx_struct_sheet_hbond.sheet_id 
_pdbx_struct_sheet_hbond.range_id_1 
_pdbx_struct_sheet_hbond.range_id_2 
_pdbx_struct_sheet_hbond.range_1_label_atom_id 
_pdbx_struct_sheet_hbond.range_1_label_comp_id 
_pdbx_struct_sheet_hbond.range_1_label_asym_id 
_pdbx_struct_sheet_hbond.range_1_label_seq_id 
_pdbx_struct_sheet_hbond.range_1_PDB_ins_code 
_pdbx_struct_sheet_hbond.range_1_auth_atom_id 
_pdbx_struct_sheet_hbond.range_1_auth_comp_id 
_pdbx_struct_sheet_hbond.range_1_auth_asym_id 
_pdbx_struct_sheet_hbond.range_1_auth_seq_id 
_pdbx_struct_sheet_hbond.range_2_label_atom_id 
_pdbx_struct_sheet_hbond.range_2_label_comp_id 
_pdbx_struct_sheet_hbond.range_2_label_asym_id 
_pdbx_struct_sheet_hbond.range_2_label_seq_id 
_pdbx_struct_sheet_hbond.range_2_PDB_ins_code 
_pdbx_struct_sheet_hbond.range_2_auth_atom_id 
_pdbx_struct_sheet_hbond.range_2_auth_comp_id 
_pdbx_struct_sheet_hbond.range_2_auth_asym_id 
_pdbx_struct_sheet_hbond.range_2_auth_seq_id 
AA1 1 2 N HIS A 42 ? N HIS B 82  O TYR A 57 ? O TYR B 97  
AA1 2 3 O ALA A 56 ? O ALA B 96  N LEU A 13 ? N LEU B 53  
AA1 3 4 N ARG A 12 ? N ARG B 52  O PHE A 85 ? O PHE B 125 
AA1 4 5 O ILE A 82 ? O ILE B 122 N ALA A 75 ? N ALA B 115 
AA2 1 2 N HIS B 42 ? N HIS A 82  O TYR B 57 ? O TYR A 97  
AA2 2 3 O ALA B 56 ? O ALA A 96  N LEU B 13 ? N LEU A 53  
AA2 3 4 N ARG B 12 ? N ARG A 52  O PHE B 85 ? O PHE A 125 
AA2 4 5 O ARG B 80 ? O ARG A 120 N MET B 77 ? N MET A 117 
# 
loop_
_struct_site.id 
_struct_site.pdbx_evidence_code 
_struct_site.pdbx_auth_asym_id 
_struct_site.pdbx_auth_comp_id 
_struct_site.pdbx_auth_seq_id 
_struct_site.pdbx_auth_ins_code 
_struct_site.pdbx_num_residues 
_struct_site.details 
AC1 Software B GOL 201 ? 4 'binding site for residue GOL B 201' 
AC2 Software A GOL 201 ? 6 'binding site for residue GOL A 201' 
AC3 Software A GOL 202 ? 3 'binding site for residue GOL A 202' 
AC4 Software A GOL 203 ? 6 'binding site for residue GOL A 203' 
AC5 Software A SO4 204 ? 6 'binding site for residue SO4 A 204' 
AC6 Software A SO4 205 ? 2 'binding site for residue SO4 A 205' 
# 
loop_
_struct_site_gen.id 
_struct_site_gen.site_id 
_struct_site_gen.pdbx_num_res 
_struct_site_gen.label_comp_id 
_struct_site_gen.label_asym_id 
_struct_site_gen.label_seq_id 
_struct_site_gen.pdbx_auth_ins_code 
_struct_site_gen.auth_comp_id 
_struct_site_gen.auth_asym_id 
_struct_site_gen.auth_seq_id 
_struct_site_gen.label_atom_id 
_struct_site_gen.label_alt_id 
_struct_site_gen.symmetry 
_struct_site_gen.details 
1  AC1 4 HIS A 22 ? HIS B 62  . ? 1_555 ? 
2  AC1 4 ILE A 41 ? ILE B 81  . ? 1_555 ? 
3  AC1 4 HIS A 42 ? HIS B 82  . ? 1_555 ? 
4  AC1 4 LEU A 43 ? LEU B 83  . ? 1_555 ? 
5  AC2 6 HIS B 22 ? HIS A 62  . ? 1_555 ? 
6  AC2 6 ILE B 41 ? ILE A 81  . ? 1_555 ? 
7  AC2 6 HIS B 42 ? HIS A 82  . ? 1_555 ? 
8  AC2 6 LEU B 43 ? LEU A 83  . ? 1_555 ? 
9  AC2 6 MET B 96 ? MET A 136 . ? 1_555 ? 
10 AC2 6 HOH K .  ? HOH A 301 . ? 1_555 ? 
11 AC3 3 THR B 21 ? THR A 61  . ? 1_555 ? 
12 AC3 3 HIS B 22 ? HIS A 62  . ? 1_555 ? 
13 AC3 3 LYS B 23 ? LYS A 63  . ? 1_555 ? 
14 AC4 6 LYS B 9  ? LYS A 49  . ? 1_555 ? 
15 AC4 6 SER B 62 ? SER A 102 . ? 1_555 ? 
16 AC4 6 GLN B 63 ? GLN A 103 . ? 1_555 ? 
17 AC4 6 LYS B 74 ? LYS A 114 . ? 4_456 ? 
18 AC4 6 HOH K .  ? HOH A 304 . ? 4_456 ? 
19 AC4 6 HOH K .  ? HOH A 347 . ? 1_555 ? 
20 AC5 6 HIS B 79 ? HIS A 119 . ? 1_555 ? 
21 AC5 6 HOH K .  ? HOH A 314 . ? 1_555 ? 
22 AC5 6 HOH K .  ? HOH A 322 . ? 1_555 ? 
23 AC5 6 HOH K .  ? HOH A 358 . ? 1_555 ? 
24 AC5 6 HOH K .  ? HOH A 387 . ? 1_555 ? 
25 AC5 6 ARG A 14 ? ARG B 54  . ? 1_555 ? 
26 AC6 2 ARG B 14 ? ARG A 54  . ? 1_555 ? 
27 AC6 2 LYS B 23 ? LYS A 63  . ? 1_545 ? 
# 
_atom_sites.entry_id                    5UZG 
_atom_sites.fract_transf_matrix[1][1]   -0.00752850 
_atom_sites.fract_transf_matrix[1][2]   0.00221038 
_atom_sites.fract_transf_matrix[1][3]   -0.00480380 
_atom_sites.fract_transf_matrix[2][1]   0.01805373 
_atom_sites.fract_transf_matrix[2][2]   0.02686250 
_atom_sites.fract_transf_matrix[2][3]   -0.01593344 
_atom_sites.fract_transf_matrix[3][1]   -0.00008110 
_atom_sites.fract_transf_matrix[3][2]   -0.00810316 
_atom_sites.fract_transf_matrix[3][3]   -0.01375317 
_atom_sites.fract_transf_vector[1]      -0.145444 
_atom_sites.fract_transf_vector[2]      -0.404839 
_atom_sites.fract_transf_vector[3]      0.323713 
# 
loop_
_atom_type.symbol 
C 
N 
O 
S 
# 
loop_
_atom_site.group_PDB 
_atom_site.id 
_atom_site.type_symbol 
_atom_site.label_atom_id 
_atom_site.label_alt_id 
_atom_site.label_comp_id 
_atom_site.label_asym_id 
_atom_site.label_entity_id 
_atom_site.label_seq_id 
_atom_site.pdbx_PDB_ins_code 
_atom_site.Cartn_x 
_atom_site.Cartn_y 
_atom_site.Cartn_z 
_atom_site.occupancy 
_atom_site.B_iso_or_equiv 
_atom_site.pdbx_formal_charge 
_atom_site.auth_seq_id 
_atom_site.auth_comp_id 
_atom_site.auth_asym_id 
_atom_site.auth_atom_id 
_atom_site.pdbx_PDB_model_num 
ATOM   1    N N   . PRO A 1 8  ? -7.242  16.225  26.193  1.00 33.86 ? 48  PRO B N   1 
ATOM   2    C CA  . PRO A 1 8  ? -7.577  15.246  25.149  1.00 29.71 ? 48  PRO B CA  1 
ATOM   3    C C   . PRO A 1 8  ? -6.437  15.061  24.160  1.00 26.73 ? 48  PRO B C   1 
ATOM   4    O O   . PRO A 1 8  ? -5.849  16.043  23.708  1.00 26.13 ? 48  PRO B O   1 
ATOM   5    C CB  . PRO A 1 8  ? -8.804  15.854  24.462  1.00 33.27 ? 48  PRO B CB  1 
ATOM   6    C CG  . PRO A 1 8  ? -8.760  17.306  24.811  1.00 35.07 ? 48  PRO B CG  1 
ATOM   7    C CD  . PRO A 1 8  ? -8.137  17.390  26.168  1.00 35.14 ? 48  PRO B CD  1 
ATOM   8    N N   . LYS A 1 9  ? -6.141  13.809  23.828  1.00 18.56 ? 49  LYS B N   1 
ATOM   9    C CA  . LYS A 1 9  ? -4.970  13.448  23.040  1.00 16.39 ? 49  LYS B CA  1 
ATOM   10   C C   . LYS A 1 9  ? -5.402  12.890  21.692  1.00 12.38 ? 49  LYS B C   1 
ATOM   11   O O   . LYS A 1 9  ? -6.332  12.082  21.618  1.00 12.47 ? 49  LYS B O   1 
ATOM   12   C CB  . LYS A 1 9  ? -4.119  12.404  23.763  1.00 17.41 ? 49  LYS B CB  1 
ATOM   13   C CG  . LYS A 1 9  ? -3.768  12.724  25.210  1.00 25.56 ? 49  LYS B CG  1 
ATOM   14   C CD  . LYS A 1 9  ? -2.537  13.580  25.320  1.00 31.40 ? 49  LYS B CD  1 
ATOM   15   C CE  . LYS A 1 9  ? -1.964  13.511  26.734  1.00 26.88 ? 49  LYS B CE  1 
ATOM   16   N NZ  . LYS A 1 9  ? -3.007  13.802  27.759  1.00 33.62 ? 49  LYS B NZ  1 
ATOM   17   N N   . PHE A 1 10 ? -4.703  13.306  20.629  1.00 12.19 ? 50  PHE B N   1 
ATOM   18   C CA  . PHE A 1 10 ? -5.005  12.857  19.277  1.00 11.91 ? 50  PHE B CA  1 
ATOM   19   C C   . PHE A 1 10 ? -3.758  12.342  18.571  1.00 11.51 ? 50  PHE B C   1 
ATOM   20   O O   . PHE A 1 10 ? -2.638  12.832  18.774  1.00 11.08 ? 50  PHE B O   1 
ATOM   21   C CB  . PHE A 1 10 ? -5.595  13.985  18.415  1.00 12.55 ? 50  PHE B CB  1 
ATOM   22   C CG  . PHE A 1 10 ? -6.952  14.442  18.860  1.00 13.29 ? 50  PHE B CG  1 
ATOM   23   C CD1 . PHE A 1 10 ? -7.078  15.419  19.836  1.00 18.53 ? 50  PHE B CD1 1 
ATOM   24   C CD2 . PHE A 1 10 ? -8.099  13.896  18.308  1.00 15.48 ? 50  PHE B CD2 1 
ATOM   25   C CE1 . PHE A 1 10 ? -8.329  15.840  20.256  1.00 19.75 ? 50  PHE B CE1 1 
ATOM   26   C CE2 . PHE A 1 10 ? -9.358  14.323  18.723  1.00 16.97 ? 50  PHE B CE2 1 
ATOM   27   C CZ  . PHE A 1 10 ? -9.465  15.291  19.694  1.00 19.77 ? 50  PHE B CZ  1 
ATOM   28   N N   . VAL A 1 11 ? -3.984  11.362  17.708  1.00 10.46 ? 51  VAL B N   1 
ATOM   29   C CA  . VAL A 1 11 ? -3.025  10.985  16.690  1.00 10.88 ? 51  VAL B CA  1 
ATOM   30   C C   . VAL A 1 11 ? -3.693  11.165  15.333  1.00 11.03 ? 51  VAL B C   1 
ATOM   31   O O   . VAL A 1 11 ? -4.920  11.247  15.218  1.00 10.20 ? 51  VAL B O   1 
ATOM   32   C CB  . VAL A 1 11 ? -2.520  9.542   16.874  1.00 9.08  ? 51  VAL B CB  1 
ATOM   33   C CG1 . VAL A 1 11 ? -1.781  9.413   18.205  1.00 11.33 ? 51  VAL B CG1 1 
ATOM   34   C CG2 . VAL A 1 11 ? -3.676  8.533   16.794  1.00 12.20 ? 51  VAL B CG2 1 
ATOM   35   N N   . ARG A 1 12 ? -2.866  11.249  14.299  1.00 9.51  ? 52  ARG B N   1 
ATOM   36   C CA  . ARG A 1 12 ? -3.317  11.356  12.920  1.00 10.78 ? 52  ARG B CA  1 
ATOM   37   C C   . ARG A 1 12 ? -2.740  10.195  12.123  1.00 9.96  ? 52  ARG B C   1 
ATOM   38   O O   . ARG A 1 12 ? -1.535  9.923   12.191  1.00 10.95 ? 52  ARG B O   1 
ATOM   39   C CB  . ARG A 1 12 ? -2.909  12.696  12.295  1.00 11.81 ? 52  ARG B CB  1 
ATOM   40   C CG  . ARG A 1 12 ? -3.303  12.824  10.824  1.00 11.60 ? 52  ARG B CG  1 
ATOM   41   C CD  . ARG A 1 12 ? -3.002  14.229  10.282  1.00 13.81 ? 52  ARG B CD  1 
ATOM   42   N NE  . ARG A 1 12 ? -1.611  14.630  10.459  1.00 13.80 ? 52  ARG B NE  1 
ATOM   43   C CZ  . ARG A 1 12 ? -0.639  14.421  9.573   1.00 13.51 ? 52  ARG B CZ  1 
ATOM   44   N NH1 . ARG A 1 12 ? 0.601   14.823  9.834   1.00 12.51 ? 52  ARG B NH1 1 
ATOM   45   N NH2 . ARG A 1 12 ? -0.895  13.788  8.435   1.00 15.35 ? 52  ARG B NH2 1 
ATOM   46   N N   . LEU A 1 13 ? -3.605  9.502   11.391  1.00 10.43 ? 53  LEU B N   1 
ATOM   47   C CA  . LEU A 1 13 ? -3.185  8.447   10.478  1.00 12.46 ? 53  LEU B CA  1 
ATOM   48   C C   . LEU A 1 13 ? -3.197  8.992   9.058   1.00 10.60 ? 53  LEU B C   1 
ATOM   49   O O   . LEU A 1 13 ? -4.104  9.742   8.688   1.00 11.06 ? 53  LEU B O   1 
ATOM   50   C CB  . LEU A 1 13 ? -4.111  7.233   10.583  1.00 12.58 ? 53  LEU B CB  1 
ATOM   51   C CG  . LEU A 1 13 ? -3.894  6.227   11.720  1.00 17.02 ? 53  LEU B CG  1 
ATOM   52   C CD1 . LEU A 1 13 ? -3.620  6.821   13.079  1.00 18.53 ? 53  LEU B CD1 1 
ATOM   53   C CD2 . LEU A 1 13 ? -5.105  5.304   11.770  1.00 13.98 ? 53  LEU B CD2 1 
ATOM   54   N N   . ARG A 1 14 ? -2.202  8.614   8.255   1.00 7.91  ? 54  ARG B N   1 
ATOM   55   C CA  . ARG A 1 14 ? -2.164  9.013   6.851   1.00 8.43  ? 54  ARG B CA  1 
ATOM   56   C C   . ARG A 1 14 ? -1.793  7.812   5.998   1.00 9.42  ? 54  ARG B C   1 
ATOM   57   O O   . ARG A 1 14 ? -0.968  6.995   6.401   1.00 11.37 ? 54  ARG B O   1 
ATOM   58   C CB  . ARG A 1 14 ? -1.165  10.162  6.643   1.00 8.71  ? 54  ARG B CB  1 
ATOM   59   C CG  . ARG A 1 14 ? -1.039  10.651  5.206   1.00 9.82  ? 54  ARG B CG  1 
ATOM   60   C CD  . ARG A 1 14 ? -0.077  11.795  5.093   1.00 13.25 ? 54  ARG B CD  1 
ATOM   61   N NE  . ARG A 1 14 ? 0.040   12.219  3.700   1.00 14.75 ? 54  ARG B NE  1 
ATOM   62   C CZ  . ARG A 1 14 ? 0.793   13.240  3.314   1.00 17.43 ? 54  ARG B CZ  1 
ATOM   63   N NH1 . ARG A 1 14 ? 1.500   13.917  4.210   1.00 15.09 ? 54  ARG B NH1 1 
ATOM   64   N NH2 . ARG A 1 14 ? 0.845   13.572  2.030   1.00 17.08 ? 54  ARG B NH2 1 
ATOM   65   N N   . GLY A 1 15 ? -2.420  7.694   4.829   1.00 10.91 ? 55  GLY B N   1 
ATOM   66   C CA  . GLY A 1 15 ? -2.168  6.573   3.948   1.00 12.34 ? 55  GLY B CA  1 
ATOM   67   C C   . GLY A 1 15 ? -3.236  5.506   3.967   1.00 14.23 ? 55  GLY B C   1 
ATOM   68   O O   . GLY A 1 15 ? -3.011  4.417   3.422   1.00 12.60 ? 55  GLY B O   1 
ATOM   69   N N   . LEU A 1 16 ? -4.380  5.774   4.591   1.00 13.26 ? 56  LEU B N   1 
ATOM   70   C CA  . LEU A 1 16 ? -5.450  4.791   4.679   1.00 13.55 ? 56  LEU B CA  1 
ATOM   71   C C   . LEU A 1 16 ? -6.009  4.478   3.292   1.00 14.84 ? 56  LEU B C   1 
ATOM   72   O O   . LEU A 1 16 ? -6.092  5.361   2.436   1.00 15.10 ? 56  LEU B O   1 
ATOM   73   C CB  . LEU A 1 16 ? -6.577  5.305   5.574   1.00 13.22 ? 56  LEU B CB  1 
ATOM   74   C CG  . LEU A 1 16 ? -6.175  5.489   7.036   1.00 13.23 ? 56  LEU B CG  1 
ATOM   75   C CD1 . LEU A 1 16 ? -7.197  6.362   7.738   1.00 14.42 ? 56  LEU B CD1 1 
ATOM   76   C CD2 . LEU A 1 16 ? -6.042  4.150   7.742   1.00 14.40 ? 56  LEU B CD2 1 
ATOM   77   N N   . PRO A 1 17 ? -6.416  3.233   3.061   1.00 14.87 ? 57  PRO B N   1 
ATOM   78   C CA  . PRO A 1 17 ? -7.077  2.892   1.800   1.00 16.74 ? 57  PRO B CA  1 
ATOM   79   C C   . PRO A 1 17 ? -8.423  3.585   1.667   1.00 17.21 ? 57  PRO B C   1 
ATOM   80   O O   . PRO A 1 17 ? -9.071  3.948   2.652   1.00 17.95 ? 57  PRO B O   1 
ATOM   81   C CB  . PRO A 1 17 ? -7.256  1.377   1.901   1.00 16.90 ? 57  PRO B CB  1 
ATOM   82   C CG  . PRO A 1 17 ? -7.358  1.118   3.374   1.00 16.57 ? 57  PRO B CG  1 
ATOM   83   C CD  . PRO A 1 17 ? -6.363  2.089   3.987   1.00 15.06 ? 57  PRO B CD  1 
ATOM   84   N N   . TRP A 1 18 ? -8.854  3.741   0.410   1.00 18.30 ? 58  TRP B N   1 
ATOM   85   C CA  . TRP A 1 18 ? -10.173 4.305   0.133   1.00 17.66 ? 58  TRP B CA  1 
ATOM   86   C C   . TRP A 1 18 ? -11.260 3.598   0.930   1.00 17.85 ? 58  TRP B C   1 
ATOM   87   O O   . TRP A 1 18 ? -12.273 4.207   1.286   1.00 19.38 ? 58  TRP B O   1 
ATOM   88   C CB  . TRP A 1 18 ? -10.492 4.210   -1.370  1.00 19.26 ? 58  TRP B CB  1 
ATOM   89   C CG  . TRP A 1 18 ? -10.694 2.787   -1.818  1.00 18.90 ? 58  TRP B CG  1 
ATOM   90   C CD1 . TRP A 1 18 ? -9.746  1.940   -2.304  1.00 18.88 ? 58  TRP B CD1 1 
ATOM   91   C CD2 . TRP A 1 18 ? -11.920 2.038   -1.778  1.00 17.70 ? 58  TRP B CD2 1 
ATOM   92   N NE1 . TRP A 1 18 ? -10.304 0.711   -2.578  1.00 20.30 ? 58  TRP B NE1 1 
ATOM   93   C CE2 . TRP A 1 18 ? -11.634 0.742   -2.255  1.00 16.00 ? 58  TRP B CE2 1 
ATOM   94   C CE3 . TRP A 1 18 ? -13.227 2.337   -1.382  1.00 17.83 ? 58  TRP B CE3 1 
ATOM   95   C CZ2 . TRP A 1 18 ? -12.609 -0.251  -2.348  1.00 16.26 ? 58  TRP B CZ2 1 
ATOM   96   C CZ3 . TRP A 1 18 ? -14.190 1.352   -1.469  1.00 17.36 ? 58  TRP B CZ3 1 
ATOM   97   C CH2 . TRP A 1 18 ? -13.880 0.076   -1.958  1.00 18.73 ? 58  TRP B CH2 1 
ATOM   98   N N   . SER A 1 19 ? -11.066 2.314   1.220   1.00 15.54 ? 59  SER B N   1 
ATOM   99   C CA  . SER A 1 19 ? -12.077 1.468   1.825   1.00 15.09 ? 59  SER B CA  1 
ATOM   100  C C   . SER A 1 19 ? -12.043 1.474   3.350   1.00 16.08 ? 59  SER B C   1 
ATOM   101  O O   . SER A 1 19 ? -12.861 0.791   3.968   1.00 16.31 ? 59  SER B O   1 
ATOM   102  C CB  . SER A 1 19 ? -11.894 0.035   1.321   1.00 14.14 ? 59  SER B CB  1 
ATOM   103  O OG  . SER A 1 19 ? -10.545 -0.375  1.501   1.00 17.54 ? 59  SER B OG  1 
ATOM   104  N N   . ALA A 1 20 ? -11.131 2.224   3.969   1.00 14.84 ? 60  ALA B N   1 
ATOM   105  C CA  . ALA A 1 20 ? -10.969 2.153   5.417   1.00 17.40 ? 60  ALA B CA  1 
ATOM   106  C C   . ALA A 1 20 ? -12.261 2.501   6.149   1.00 14.09 ? 60  ALA B C   1 
ATOM   107  O O   . ALA A 1 20 ? -12.907 3.516   5.869   1.00 15.42 ? 60  ALA B O   1 
ATOM   108  C CB  . ALA A 1 20 ? -9.849  3.088   5.867   1.00 17.13 ? 60  ALA B CB  1 
ATOM   109  N N   . THR A 1 21 ? -12.638 1.646   7.091   1.00 14.71 ? 61  THR B N   1 
ATOM   110  C CA  . THR A 1 21 ? -13.783 1.871   7.958   1.00 15.49 ? 61  THR B CA  1 
ATOM   111  C C   . THR A 1 21 ? -13.307 2.169   9.368   1.00 16.85 ? 61  THR B C   1 
ATOM   112  O O   . THR A 1 21 ? -12.149 1.929   9.722   1.00 14.40 ? 61  THR B O   1 
ATOM   113  C CB  . THR A 1 21 ? -14.696 0.642   7.990   1.00 16.74 ? 61  THR B CB  1 
ATOM   114  O OG1 . THR A 1 21 ? -13.959 -0.470  8.512   1.00 18.56 ? 61  THR B OG1 1 
ATOM   115  C CG2 . THR A 1 21 ? -15.197 0.294   6.593   1.00 17.40 ? 61  THR B CG2 1 
ATOM   116  N N   . HIS A 1 22 ? -14.229 2.671   10.191  1.00 15.94 ? 62  HIS B N   1 
ATOM   117  C CA  . HIS A 1 22 ? -13.898 2.892   11.593  1.00 14.34 ? 62  HIS B CA  1 
ATOM   118  C C   . HIS A 1 22 ? -13.499 1.589   12.277  1.00 17.25 ? 62  HIS B C   1 
ATOM   119  O O   . HIS A 1 22 ? -12.537 1.553   13.060  1.00 14.56 ? 62  HIS B O   1 
ATOM   120  C CB  . HIS A 1 22 ? -15.077 3.546   12.313  1.00 17.41 ? 62  HIS B CB  1 
ATOM   121  C CG  . HIS A 1 22 ? -15.427 4.905   11.788  1.00 15.85 ? 62  HIS B CG  1 
ATOM   122  N ND1 . HIS A 1 22 ? -16.070 5.096   10.582  1.00 25.02 ? 62  HIS B ND1 1 
ATOM   123  C CD2 . HIS A 1 22 ? -15.252 6.141   12.315  1.00 23.34 ? 62  HIS B CD2 1 
ATOM   124  C CE1 . HIS A 1 22 ? -16.262 6.389   10.384  1.00 24.27 ? 62  HIS B CE1 1 
ATOM   125  N NE2 . HIS A 1 22 ? -15.766 7.045   11.419  1.00 21.65 ? 62  HIS B NE2 1 
ATOM   126  N N   . LYS A 1 23 ? -14.215 0.501   11.983  1.00 16.70 ? 63  LYS B N   1 
ATOM   127  C CA  . LYS A 1 23 ? -13.881 -0.789  12.578  1.00 16.11 ? 63  LYS B CA  1 
ATOM   128  C C   . LYS A 1 23 ? -12.476 -1.232  12.185  1.00 15.49 ? 63  LYS B C   1 
ATOM   129  O O   . LYS A 1 23 ? -11.709 -1.709  13.028  1.00 15.25 ? 63  LYS B O   1 
ATOM   130  C CB  . LYS A 1 23 ? -14.918 -1.838  12.175  1.00 21.07 ? 63  LYS B CB  1 
ATOM   131  C CG  . LYS A 1 23 ? -14.598 -3.232  12.695  1.00 23.63 ? 63  LYS B CG  1 
ATOM   132  C CD  . LYS A 1 23 ? -15.752 -4.201  12.456  1.00 32.23 ? 63  LYS B CD  1 
ATOM   133  C CE  . LYS A 1 23 ? -16.048 -4.361  10.978  1.00 42.79 ? 63  LYS B CE  1 
ATOM   134  N NZ  . LYS A 1 23 ? -17.508 -4.242  10.672  1.00 49.92 ? 63  LYS B NZ  1 
ATOM   135  N N   . GLU A 1 24 ? -12.107 -1.056  10.913  1.00 13.93 ? 64  GLU B N   1 
ATOM   136  C CA  . GLU A 1 24 ? -10.778 -1.463  10.475  1.00 15.42 ? 64  GLU B CA  1 
ATOM   137  C C   . GLU A 1 24 ? -9.698  -0.631  11.151  1.00 11.92 ? 64  GLU B C   1 
ATOM   138  O O   . GLU A 1 24 ? -8.631  -1.156  11.503  1.00 12.80 ? 64  GLU B O   1 
ATOM   139  C CB  . GLU A 1 24 ? -10.681 -1.354  8.954   1.00 16.10 ? 64  GLU B CB  1 
ATOM   140  C CG  . GLU A 1 24 ? -11.407 -2.483  8.251   1.00 15.48 ? 64  GLU B CG  1 
ATOM   141  C CD  . GLU A 1 24 ? -11.594 -2.228  6.764   1.00 26.52 ? 64  GLU B CD  1 
ATOM   142  O OE1 . GLU A 1 24 ? -11.245 -1.123  6.295   1.00 23.67 ? 64  GLU B OE1 1 
ATOM   143  O OE2 . GLU A 1 24 ? -12.097 -3.137  6.071   1.00 27.48 ? 64  GLU B OE2 1 
ATOM   144  N N   . ILE A 1 25 ? -9.958  0.665   11.342  1.00 12.13 ? 65  ILE B N   1 
ATOM   145  C CA  . ILE A 1 25 ? -8.991  1.523   12.017  1.00 12.48 ? 65  ILE B CA  1 
ATOM   146  C C   . ILE A 1 25 ? -8.875  1.138   13.485  1.00 10.73 ? 65  ILE B C   1 
ATOM   147  O O   . ILE A 1 25 ? -7.768  1.049   14.030  1.00 11.43 ? 65  ILE B O   1 
ATOM   148  C CB  . ILE A 1 25 ? -9.375  3.002   11.847  1.00 12.45 ? 65  ILE B CB  1 
ATOM   149  C CG1 . ILE A 1 25 ? -9.188  3.440   10.391  1.00 14.03 ? 65  ILE B CG1 1 
ATOM   150  C CG2 . ILE A 1 25 ? -8.554  3.869   12.785  1.00 11.60 ? 65  ILE B CG2 1 
ATOM   151  C CD1 . ILE A 1 25 ? -9.923  4.725   10.049  1.00 14.44 ? 65  ILE B CD1 1 
ATOM   152  N N   . LEU A 1 26 ? -10.008 0.880   14.140  1.00 11.15 ? 66  LEU B N   1 
ATOM   153  C CA  . LEU A 1 26 ? -9.984  0.423   15.526  1.00 12.11 ? 66  LEU B CA  1 
ATOM   154  C C   . LEU A 1 26 ? -9.163  -0.856  15.675  1.00 11.60 ? 66  LEU B C   1 
ATOM   155  O O   . LEU A 1 26 ? -8.427  -1.023  16.658  1.00 12.92 ? 66  LEU B O   1 
ATOM   156  C CB  . LEU A 1 26 ? -11.425 0.219   16.004  1.00 13.80 ? 66  LEU B CB  1 
ATOM   157  C CG  . LEU A 1 26 ? -11.720 0.175   17.500  1.00 19.11 ? 66  LEU B CG  1 
ATOM   158  C CD1 . LEU A 1 26 ? -11.341 1.479   18.191  1.00 15.17 ? 66  LEU B CD1 1 
ATOM   159  C CD2 . LEU A 1 26 ? -13.200 -0.141  17.702  1.00 20.23 ? 66  LEU B CD2 1 
ATOM   160  N N   . ASP A 1 27 ? -9.264  -1.771  14.700  1.00 11.80 ? 67  ASP B N   1 
ATOM   161  C CA  . ASP A 1 27 ? -8.501  -3.013  14.755  1.00 12.11 ? 67  ASP B CA  1 
ATOM   162  C C   . ASP A 1 27 ? -7.017  -2.774  14.475  1.00 10.85 ? 67  ASP B C   1 
ATOM   163  O O   . ASP A 1 27 ? -6.157  -3.408  15.095  1.00 12.03 ? 67  ASP B O   1 
ATOM   164  C CB  . ASP A 1 27 ? -9.073  -4.032  13.768  1.00 12.76 ? 67  ASP B CB  1 
ATOM   165  C CG  . ASP A 1 27 ? -10.435 -4.570  14.187  1.00 19.32 ? 67  ASP B CG  1 
ATOM   166  O OD1 . ASP A 1 27 ? -10.858 -4.375  15.347  1.00 19.12 ? 67  ASP B OD1 1 
ATOM   167  O OD2 . ASP A 1 27 ? -11.091 -5.206  13.336  1.00 19.08 ? 67  ASP B OD2 1 
ATOM   168  N N   . PHE A 1 28 ? -6.696  -1.888  13.520  1.00 10.20 ? 68  PHE B N   1 
ATOM   169  C CA  . PHE A 1 28 ? -5.306  -1.505  13.311  1.00 9.26  ? 68  PHE B CA  1 
ATOM   170  C C   . PHE A 1 28 ? -4.715  -0.984  14.611  1.00 10.11 ? 68  PHE B C   1 
ATOM   171  O O   . PHE A 1 28 ? -3.571  -1.301  14.961  1.00 11.04 ? 68  PHE B O   1 
ATOM   172  C CB  . PHE A 1 28 ? -5.229  -0.446  12.198  1.00 10.69 ? 68  PHE B CB  1 
ATOM   173  C CG  . PHE A 1 28 ? -3.847  0.096   11.944  1.00 9.61  ? 68  PHE B CG  1 
ATOM   174  C CD1 . PHE A 1 28 ? -2.899  -0.649  11.267  1.00 12.84 ? 68  PHE B CD1 1 
ATOM   175  C CD2 . PHE A 1 28 ? -3.502  1.376   12.377  1.00 12.78 ? 68  PHE B CD2 1 
ATOM   176  C CE1 . PHE A 1 28 ? -1.608  -0.129  11.034  1.00 12.19 ? 68  PHE B CE1 1 
ATOM   177  C CE2 . PHE A 1 28 ? -2.228  1.903   12.142  1.00 12.18 ? 68  PHE B CE2 1 
ATOM   178  C CZ  . PHE A 1 28 ? -1.282  1.149   11.465  1.00 12.08 ? 68  PHE B CZ  1 
ATOM   179  N N   . LEU A 1 29 ? -5.513  -0.214  15.352  1.00 9.97  ? 69  LEU B N   1 
ATOM   180  C CA  . LEU A 1 29 ? -5.148  0.370   16.636  1.00 10.61 ? 69  LEU B CA  1 
ATOM   181  C C   . LEU A 1 29 ? -5.550  -0.512  17.818  1.00 12.04 ? 69  LEU B C   1 
ATOM   182  O O   . LEU A 1 29 ? -5.771  -0.001  18.923  1.00 10.87 ? 69  LEU B O   1 
ATOM   183  C CB  . LEU A 1 29 ? -5.777  1.762   16.765  1.00 10.37 ? 69  LEU B CB  1 
ATOM   184  C CG  . LEU A 1 29 ? -5.348  2.797   15.717  1.00 11.01 ? 69  LEU B CG  1 
ATOM   185  C CD1 . LEU A 1 29 ? -6.094  4.106   15.920  1.00 14.64 ? 69  LEU B CD1 1 
ATOM   186  C CD2 . LEU A 1 29 ? -3.836  3.024   15.740  1.00 12.59 ? 69  LEU B CD2 1 
ATOM   187  N N   . GLU A 1 30 ? -5.662  -1.816  17.609  1.00 10.45 ? 70  GLU B N   1 
ATOM   188  C CA  . GLU A 1 30 ? -6.133  -2.717  18.665  1.00 11.87 ? 70  GLU B CA  1 
ATOM   189  C C   . GLU A 1 30 ? -5.470  -2.595  20.014  1.00 10.80 ? 70  GLU B C   1 
ATOM   190  O O   . GLU A 1 30 ? -6.095  -2.778  21.002  1.00 12.89 ? 70  GLU B O   1 
ATOM   191  C CB  . GLU A 1 30 ? -6.111  -4.168  18.188  1.00 12.40 ? 70  GLU B CB  1 
ATOM   192  C CG  . GLU A 1 30 ? -4.765  -4.675  17.709  1.00 14.43 ? 70  GLU B CG  1 
ATOM   193  C CD  . GLU A 1 30 ? -4.823  -5.998  16.939  1.00 16.11 ? 70  GLU B CD  1 
ATOM   194  O OE1 . GLU A 1 30 ? -3.810  -6.460  16.494  1.00 19.58 ? 70  GLU B OE1 1 
ATOM   195  O OE2 . GLU A 1 30 ? -5.887  -6.514  16.819  1.00 20.32 ? 70  GLU B OE2 1 
ATOM   196  N N   . ASN A 1 31 ? -4.186  -2.285  20.010  1.00 11.63 ? 71  ASN B N   1 
ATOM   197  C CA  . ASN A 1 31 ? -3.511  -2.223  21.286  1.00 15.62 ? 71  ASN B CA  1 
ATOM   198  C C   . ASN A 1 31 ? -3.440  -0.849  21.892  1.00 12.63 ? 71  ASN B C   1 
ATOM   199  O O   . ASN A 1 31 ? -2.814  -0.658  22.851  1.00 13.04 ? 71  ASN B O   1 
ATOM   200  C CB  . ASN A 1 31 ? -2.125  -2.806  21.185  1.00 24.55 ? 71  ASN B CB  1 
ATOM   201  C CG  . ASN A 1 31 ? -2.160  -4.271  20.901  1.00 24.75 ? 71  ASN B CG  1 
ATOM   202  O OD1 . ASN A 1 31 ? -2.964  -4.960  21.387  1.00 24.55 ? 71  ASN B OD1 1 
ATOM   203  N ND2 . ASN A 1 31 ? -1.254  -4.718  20.103  1.00 24.55 ? 71  ASN B ND2 1 
ATOM   204  N N   . VAL A 1 32 ? -4.155  0.066   21.304  1.00 10.93 ? 72  VAL B N   1 
ATOM   205  C CA  . VAL A 1 32 ? -4.257  1.427   21.725  1.00 9.26  ? 72  VAL B CA  1 
ATOM   206  C C   . VAL A 1 32 ? -5.646  1.634   22.327  1.00 11.26 ? 72  VAL B C   1 
ATOM   207  O O   . VAL A 1 32 ? -6.566  1.157   21.824  1.00 10.28 ? 72  VAL B O   1 
ATOM   208  C CB  . VAL A 1 32 ? -4.125  2.376   20.510  1.00 9.47  ? 72  VAL B CB  1 
ATOM   209  C CG1 . VAL A 1 32 ? -4.335  3.822   20.899  1.00 11.53 ? 72  VAL B CG1 1 
ATOM   210  C CG2 . VAL A 1 32 ? -2.795  2.210   19.804  1.00 11.60 ? 72  VAL B CG2 1 
ATOM   211  N N   . ASN A 1 33 ? -5.713  2.343   23.451  1.00 9.31  ? 73  ASN B N   1 
ATOM   212  C CA  . ASN A 1 33 ? -7.003  2.680   24.049  1.00 11.42 ? 73  ASN B CA  1 
ATOM   213  C C   . ASN A 1 33 ? -7.545  3.910   23.335  1.00 10.71 ? 73  ASN B C   1 
ATOM   214  O O   . ASN A 1 33 ? -7.086  5.037   23.564  1.00 10.93 ? 73  ASN B O   1 
ATOM   215  C CB  . ASN A 1 33 ? -6.863  2.913   25.547  1.00 10.23 ? 73  ASN B CB  1 
ATOM   216  C CG  . ASN A 1 33 ? -6.350  1.683   26.275  1.00 10.73 ? 73  ASN B CG  1 
ATOM   217  O OD1 . ASN A 1 33 ? -7.032  0.661   26.343  1.00 11.65 ? 73  ASN B OD1 1 
ATOM   218  N ND2 . ASN A 1 33 ? -5.147  1.777   26.823  1.00 10.64 ? 73  ASN B ND2 1 
ATOM   219  N N   . VAL A 1 34 ? -8.519  3.686   22.459  1.00 9.41  ? 74  VAL B N   1 
ATOM   220  C CA  . VAL A 1 34 ? -9.155  4.746   21.689  1.00 11.99 ? 74  VAL B CA  1 
ATOM   221  C C   . VAL A 1 34 ? -10.365 5.239   22.462  1.00 13.53 ? 74  VAL B C   1 
ATOM   222  O O   . VAL A 1 34 ? -11.222 4.438   22.868  1.00 13.19 ? 74  VAL B O   1 
ATOM   223  C CB  . VAL A 1 34 ? -9.554  4.236   20.296  1.00 11.68 ? 74  VAL B CB  1 
ATOM   224  C CG1 . VAL A 1 34 ? -10.333 5.291   19.533  1.00 11.99 ? 74  VAL B CG1 1 
ATOM   225  C CG2 . VAL A 1 34 ? -8.317  3.867   19.518  1.00 12.00 ? 74  VAL B CG2 1 
ATOM   226  N N   . THR A 1 35 ? -10.438 6.553   22.665  1.00 12.58 ? 75  THR B N   1 
ATOM   227  C CA  . THR A 1 35 ? -11.520 7.145   23.449  1.00 15.19 ? 75  THR B CA  1 
ATOM   228  C C   . THR A 1 35 ? -12.867 6.917   22.774  1.00 15.53 ? 75  THR B C   1 
ATOM   229  O O   . THR A 1 35 ? -13.068 7.302   21.621  1.00 15.69 ? 75  THR B O   1 
ATOM   230  C CB  . THR A 1 35 ? -11.267 8.641   23.636  1.00 16.70 ? 75  THR B CB  1 
ATOM   231  O OG1 . THR A 1 35 ? -9.998  8.838   24.283  1.00 16.20 ? 75  THR B OG1 1 
ATOM   232  C CG2 . THR A 1 35 ? -12.385 9.267   24.491  1.00 17.99 ? 75  THR B CG2 1 
ATOM   233  N N   . ASN A 1 36 ? -13.793 6.291   23.500  1.00 17.79 ? 76  ASN B N   1 
ATOM   234  C CA  . ASN A 1 36 ? -15.134 5.988   23.007  1.00 17.05 ? 76  ASN B CA  1 
ATOM   235  C C   . ASN A 1 36 ? -15.116 5.039   21.811  1.00 17.54 ? 76  ASN B C   1 
ATOM   236  O O   . ASN A 1 36 ? -16.062 5.029   21.015  1.00 19.35 ? 76  ASN B O   1 
ATOM   237  C CB  . ASN A 1 36 ? -15.907 7.265   22.652  1.00 19.99 ? 76  ASN B CB  1 
ATOM   238  C CG  . ASN A 1 36 ? -16.160 8.146   23.858  1.00 23.07 ? 76  ASN B CG  1 
ATOM   239  O OD1 . ASN A 1 36 ? -16.482 7.654   24.938  1.00 30.54 ? 76  ASN B OD1 1 
ATOM   240  N ND2 . ASN A 1 36 ? -16.009 9.457   23.678  1.00 27.58 ? 76  ASN B ND2 1 
ATOM   241  N N   . GLY A 1 37 ? -14.051 4.250   21.672  1.00 15.19 ? 77  GLY B N   1 
ATOM   242  C CA  . GLY A 1 37 ? -14.007 3.223   20.639  1.00 14.71 ? 77  GLY B CA  1 
ATOM   243  C C   . GLY A 1 37 ? -14.126 3.820   19.252  1.00 17.62 ? 77  GLY B C   1 
ATOM   244  O O   . GLY A 1 37 ? -13.438 4.785   18.901  1.00 17.46 ? 77  GLY B O   1 
ATOM   245  N N   . SER A 1 38 ? -15.037 3.251   18.454  1.00 17.33 ? 78  SER B N   1 
ATOM   246  C CA  A SER A 1 38 ? -15.217 3.723   17.085  0.37 18.53 ? 78  SER B CA  1 
ATOM   247  C CA  B SER A 1 38 ? -15.242 3.717   17.086  0.63 18.51 ? 78  SER B CA  1 
ATOM   248  C C   . SER A 1 38 ? -15.594 5.199   17.030  1.00 16.97 ? 78  SER B C   1 
ATOM   249  O O   . SER A 1 38 ? -15.250 5.887   16.061  1.00 18.61 ? 78  SER B O   1 
ATOM   250  C CB  A SER A 1 38 ? -16.281 2.886   16.371  0.37 22.88 ? 78  SER B CB  1 
ATOM   251  C CB  B SER A 1 38 ? -16.344 2.885   16.424  0.63 22.91 ? 78  SER B CB  1 
ATOM   252  O OG  A SER A 1 38 ? -17.564 3.133   16.914  0.37 23.22 ? 78  SER B OG  1 
ATOM   253  O OG  B SER A 1 38 ? -16.637 3.353   15.125  0.63 23.76 ? 78  SER B OG  1 
ATOM   254  N N   . ALA A 1 39 ? -16.291 5.710   18.053  1.00 16.66 ? 79  ALA B N   1 
ATOM   255  C CA  . ALA A 1 39 ? -16.690 7.110   18.054  1.00 17.24 ? 79  ALA B CA  1 
ATOM   256  C C   . ALA A 1 39 ? -15.508 8.059   18.196  1.00 18.40 ? 79  ALA B C   1 
ATOM   257  O O   . ALA A 1 39 ? -15.661 9.259   17.948  1.00 17.29 ? 79  ALA B O   1 
ATOM   258  C CB  . ALA A 1 39 ? -17.695 7.378   19.176  1.00 20.60 ? 79  ALA B CB  1 
ATOM   259  N N   . GLY A 1 40 ? -14.345 7.553   18.608  1.00 15.95 ? 80  GLY B N   1 
ATOM   260  C CA  . GLY A 1 40 ? -13.141 8.357   18.684  1.00 14.19 ? 80  GLY B CA  1 
ATOM   261  C C   . GLY A 1 40 ? -12.371 8.491   17.395  1.00 14.77 ? 80  GLY B C   1 
ATOM   262  O O   . GLY A 1 40 ? -11.334 9.158   17.375  1.00 13.54 ? 80  GLY B O   1 
ATOM   263  N N   . ILE A 1 41 ? -12.849 7.877   16.318  1.00 13.55 ? 81  ILE B N   1 
ATOM   264  C CA  . ILE A 1 41 ? -12.161 7.848   15.032  1.00 13.53 ? 81  ILE B CA  1 
ATOM   265  C C   . ILE A 1 41 ? -12.897 8.764   14.069  1.00 13.60 ? 81  ILE B C   1 
ATOM   266  O O   . ILE A 1 41 ? -14.110 8.617   13.864  1.00 15.76 ? 81  ILE B O   1 
ATOM   267  C CB  . ILE A 1 41 ? -12.085 6.416   14.479  1.00 14.52 ? 81  ILE B CB  1 
ATOM   268  C CG1 . ILE A 1 41 ? -11.234 5.556   15.414  1.00 12.23 ? 81  ILE B CG1 1 
ATOM   269  C CG2 . ILE A 1 41 ? -11.558 6.411   13.041  1.00 15.44 ? 81  ILE B CG2 1 
ATOM   270  C CD1 . ILE A 1 41 ? -11.431 4.062   15.235  1.00 13.86 ? 81  ILE B CD1 1 
ATOM   271  N N   . HIS A 1 42 ? -12.168 9.694   13.469  1.00 12.82 ? 82  HIS B N   1 
ATOM   272  C CA  . HIS A 1 42 ? -12.763 10.706  12.606  1.00 13.73 ? 82  HIS B CA  1 
ATOM   273  C C   . HIS A 1 42 ? -12.072 10.671  11.249  1.00 13.49 ? 82  HIS B C   1 
ATOM   274  O O   . HIS A 1 42 ? -10.925 11.112  11.117  1.00 15.25 ? 82  HIS B O   1 
ATOM   275  C CB  . HIS A 1 42 ? -12.659 12.080  13.261  1.00 15.69 ? 82  HIS B CB  1 
ATOM   276  C CG  . HIS A 1 42 ? -13.109 12.089  14.688  1.00 20.78 ? 82  HIS B CG  1 
ATOM   277  N ND1 . HIS A 1 42 ? -14.440 12.087  15.048  1.00 21.62 ? 82  HIS B ND1 1 
ATOM   278  C CD2 . HIS A 1 42 ? -12.406 12.061  15.846  1.00 19.75 ? 82  HIS B CD2 1 
ATOM   279  C CE1 . HIS A 1 42 ? -14.539 12.073  16.365  1.00 22.64 ? 82  HIS B CE1 1 
ATOM   280  N NE2 . HIS A 1 42 ? -13.320 12.058  16.874  1.00 23.02 ? 82  HIS B NE2 1 
ATOM   281  N N   . LEU A 1 43 ? -12.764 10.143  10.242  1.00 15.53 ? 83  LEU B N   1 
ATOM   282  C CA  . LEU A 1 43 ? -12.218 10.079  8.895   1.00 14.99 ? 83  LEU B CA  1 
ATOM   283  C C   . LEU A 1 43 ? -12.299 11.444  8.229   1.00 19.04 ? 83  LEU B C   1 
ATOM   284  O O   . LEU A 1 43 ? -13.355 12.085  8.238   1.00 23.71 ? 83  LEU B O   1 
ATOM   285  C CB  . LEU A 1 43 ? -12.982 9.052   8.060   1.00 21.00 ? 83  LEU B CB  1 
ATOM   286  C CG  . LEU A 1 43 ? -12.670 7.576   8.284   1.00 23.38 ? 83  LEU B CG  1 
ATOM   287  C CD1 . LEU A 1 43 ? -13.790 6.724   7.700   1.00 30.61 ? 83  LEU B CD1 1 
ATOM   288  C CD2 . LEU A 1 43 ? -11.340 7.225   7.632   1.00 24.68 ? 83  LEU B CD2 1 
ATOM   289  N N   . VAL A 1 44 ? -11.189 11.886  7.650   1.00 18.14 ? 84  VAL B N   1 
ATOM   290  C CA  . VAL A 1 44 ? -11.159 13.146  6.915   1.00 20.12 ? 84  VAL B CA  1 
ATOM   291  C C   . VAL A 1 44 ? -11.734 12.908  5.526   1.00 25.26 ? 84  VAL B C   1 
ATOM   292  O O   . VAL A 1 44 ? -11.318 11.980  4.823   1.00 24.83 ? 84  VAL B O   1 
ATOM   293  C CB  . VAL A 1 44 ? -9.727  13.697  6.831   1.00 18.85 ? 84  VAL B CB  1 
ATOM   294  C CG1 . VAL A 1 44 ? -9.705  14.970  5.995   1.00 25.35 ? 84  VAL B CG1 1 
ATOM   295  C CG2 . VAL A 1 44 ? -9.166  13.962  8.219   1.00 20.50 ? 84  VAL B CG2 1 
ATOM   296  N N   . THR A 1 45 ? -12.704 13.728  5.132   1.00 32.91 ? 85  THR B N   1 
ATOM   297  C CA  . THR A 1 45 ? -13.334 13.617  3.824   1.00 43.84 ? 85  THR B CA  1 
ATOM   298  C C   . THR A 1 45 ? -12.998 14.829  2.962   1.00 41.78 ? 85  THR B C   1 
ATOM   299  O O   . THR A 1 45 ? -12.480 15.846  3.438   1.00 46.18 ? 85  THR B O   1 
ATOM   300  C CB  . THR A 1 45 ? -14.857 13.474  3.951   1.00 39.72 ? 85  THR B CB  1 
ATOM   301  O OG1 . THR A 1 45 ? -15.389 14.610  4.644   1.00 47.57 ? 85  THR B OG1 1 
ATOM   302  C CG2 . THR A 1 45 ? -15.216 12.201  4.697   1.00 36.22 ? 85  THR B CG2 1 
ATOM   303  N N   . SER A 1 46 ? -13.304 14.703  1.675   1.00 49.81 ? 86  SER B N   1 
ATOM   304  C CA  . SER A 1 46 ? -13.051 15.772  0.714   1.00 53.64 ? 86  SER B CA  1 
ATOM   305  C C   . SER A 1 46 ? -14.336 16.164  -0.008  1.00 51.23 ? 86  SER B C   1 
ATOM   306  O O   . SER A 1 46 ? -15.268 15.365  -0.106  1.00 50.17 ? 86  SER B O   1 
ATOM   307  C CB  . SER A 1 46 ? -11.987 15.343  -0.298  1.00 50.92 ? 86  SER B CB  1 
ATOM   308  O OG  . SER A 1 46 ? -12.326 14.104  -0.898  1.00 53.85 ? 86  SER B OG  1 
ATOM   309  N N   . ASN A 1 52 ? -13.044 11.178  0.940   1.00 30.05 ? 92  ASN B N   1 
ATOM   310  C CA  . ASN A 1 52 ? -12.251 10.303  1.806   1.00 41.05 ? 92  ASN B CA  1 
ATOM   311  C C   . ASN A 1 52 ? -10.781 10.320  1.380   1.00 33.60 ? 92  ASN B C   1 
ATOM   312  O O   . ASN A 1 52 ? -10.392 9.683   0.399   1.00 27.89 ? 92  ASN B O   1 
ATOM   313  C CB  . ASN A 1 52 ? -12.806 8.881   1.772   1.00 40.64 ? 92  ASN B CB  1 
ATOM   314  C CG  . ASN A 1 52 ? -12.526 8.112   3.050   1.00 44.83 ? 92  ASN B CG  1 
ATOM   315  O OD1 . ASN A 1 52 ? -11.408 7.648   3.270   1.00 44.76 ? 92  ASN B OD1 1 
ATOM   316  N ND2 . ASN A 1 52 ? -13.552 7.944   3.886   1.00 34.68 ? 92  ASN B ND2 1 
ATOM   317  N N   . THR A 1 53 ? -9.965  11.039  2.153   1.00 26.22 ? 93  THR B N   1 
ATOM   318  C CA  . THR A 1 53 ? -8.638  11.472  1.739   1.00 20.83 ? 93  THR B CA  1 
ATOM   319  C C   . THR A 1 53 ? -7.514  10.532  2.151   1.00 24.09 ? 93  THR B C   1 
ATOM   320  O O   . THR A 1 53 ? -6.369  10.758  1.748   1.00 29.04 ? 93  THR B O   1 
ATOM   321  C CB  . THR A 1 53 ? -8.340  12.841  2.343   1.00 22.94 ? 93  THR B CB  1 
ATOM   322  O OG1 . THR A 1 53 ? -8.219  12.700  3.768   1.00 23.33 ? 93  THR B OG1 1 
ATOM   323  C CG2 . THR A 1 53 ? -9.462  13.813  2.029   1.00 25.09 ? 93  THR B CG2 1 
ATOM   324  N N   . GLY A 1 54 ? -7.790  9.519   2.960   1.00 19.18 ? 94  GLY B N   1 
ATOM   325  C CA  . GLY A 1 54 ? -6.742  8.673   3.484   1.00 18.09 ? 94  GLY B CA  1 
ATOM   326  C C   . GLY A 1 54 ? -6.221  9.091   4.841   1.00 14.42 ? 94  GLY B C   1 
ATOM   327  O O   . GLY A 1 54 ? -5.341  8.411   5.381   1.00 12.69 ? 94  GLY B O   1 
ATOM   328  N N   . GLU A 1 55 ? -6.743  10.172  5.412   1.00 13.73 ? 95  GLU B N   1 
ATOM   329  C CA  . GLU A 1 55 ? -6.369  10.597  6.750   1.00 13.92 ? 95  GLU B CA  1 
ATOM   330  C C   . GLU A 1 55 ? -7.494  10.366  7.746   1.00 12.39 ? 95  GLU B C   1 
ATOM   331  O O   . GLU A 1 55 ? -8.678  10.368  7.399   1.00 13.08 ? 95  GLU B O   1 
ATOM   332  C CB  . GLU A 1 55 ? -5.981  12.074  6.770   1.00 13.41 ? 95  GLU B CB  1 
ATOM   333  C CG  . GLU A 1 55 ? -4.636  12.361  6.169   1.00 17.94 ? 95  GLU B CG  1 
ATOM   334  C CD  . GLU A 1 55 ? -4.258  13.814  6.346   1.00 22.30 ? 95  GLU B CD  1 
ATOM   335  O OE1 . GLU A 1 55 ? -5.144  14.681  6.194   1.00 26.74 ? 95  GLU B OE1 1 
ATOM   336  O OE2 . GLU A 1 55 ? -3.095  14.088  6.685   1.00 22.75 ? 95  GLU B OE2 1 
ATOM   337  N N   . ALA A 1 56 ? -7.102  10.194  9.006   1.00 12.97 ? 96  ALA B N   1 
ATOM   338  C CA  . ALA A 1 56 ? -8.041  10.096  10.110  1.00 11.94 ? 96  ALA B CA  1 
ATOM   339  C C   . ALA A 1 56 ? -7.406  10.714  11.341  1.00 12.91 ? 96  ALA B C   1 
ATOM   340  O O   . ALA A 1 56 ? -6.189  10.632  11.530  1.00 11.87 ? 96  ALA B O   1 
ATOM   341  C CB  . ALA A 1 56 ? -8.426  8.642   10.401  1.00 12.57 ? 96  ALA B CB  1 
ATOM   342  N N   . TYR A 1 57 ? -8.236  11.333  12.177  1.00 11.78 ? 97  TYR B N   1 
ATOM   343  C CA  . TYR A 1 57 ? -7.833  11.796  13.494  1.00 10.95 ? 97  TYR B CA  1 
ATOM   344  C C   . TYR A 1 57 ? -8.479  10.897  14.528  1.00 11.76 ? 97  TYR B C   1 
ATOM   345  O O   . TYR A 1 57 ? -9.672  10.602  14.439  1.00 13.88 ? 97  TYR B O   1 
ATOM   346  C CB  . TYR A 1 57 ? -8.235  13.253  13.726  1.00 13.37 ? 97  TYR B CB  1 
ATOM   347  C CG  . TYR A 1 57 ? -7.437  14.206  12.877  1.00 13.57 ? 97  TYR B CG  1 
ATOM   348  C CD1 . TYR A 1 57 ? -7.783  14.442  11.556  1.00 13.61 ? 97  TYR B CD1 1 
ATOM   349  C CD2 . TYR A 1 57 ? -6.335  14.871  13.399  1.00 12.56 ? 97  TYR B CD2 1 
ATOM   350  C CE1 . TYR A 1 57 ? -7.041  15.317  10.771  1.00 15.79 ? 97  TYR B CE1 1 
ATOM   351  C CE2 . TYR A 1 57 ? -5.593  15.756  12.625  1.00 13.65 ? 97  TYR B CE2 1 
ATOM   352  C CZ  . TYR A 1 57 ? -5.950  15.970  11.314  1.00 15.17 ? 97  TYR B CZ  1 
ATOM   353  O OH  . TYR A 1 57 ? -5.189  16.849  10.570  1.00 16.76 ? 97  TYR B OH  1 
ATOM   354  N N   . VAL A 1 58 ? -7.692  10.446  15.498  1.00 10.04 ? 98  VAL B N   1 
ATOM   355  C CA  . VAL A 1 58 ? -8.147  9.454   16.462  1.00 9.39  ? 98  VAL B CA  1 
ATOM   356  C C   . VAL A 1 58 ? -7.849  9.969   17.860  1.00 11.35 ? 98  VAL B C   1 
ATOM   357  O O   . VAL A 1 58 ? -6.700  10.296  18.173  1.00 10.35 ? 98  VAL B O   1 
ATOM   358  C CB  . VAL A 1 58 ? -7.480  8.093   16.232  1.00 8.53  ? 98  VAL B CB  1 
ATOM   359  C CG1 . VAL A 1 58 ? -8.035  7.060   17.229  1.00 12.24 ? 98  VAL B CG1 1 
ATOM   360  C CG2 . VAL A 1 58 ? -7.703  7.636   14.805  1.00 10.36 ? 98  VAL B CG2 1 
ATOM   361  N N   . GLU A 1 59 ? -8.886  10.064  18.691  1.00 11.84 ? 99  GLU B N   1 
ATOM   362  C CA  . GLU A 1 59 ? -8.713  10.469  20.080  1.00 10.80 ? 99  GLU B CA  1 
ATOM   363  C C   . GLU A 1 59 ? -8.313  9.261   20.912  1.00 10.22 ? 99  GLU B C   1 
ATOM   364  O O   . GLU A 1 59 ? -8.956  8.206   20.839  1.00 11.60 ? 99  GLU B O   1 
ATOM   365  C CB  . GLU A 1 59 ? -10.004 11.085  20.618  1.00 14.43 ? 99  GLU B CB  1 
ATOM   366  C CG  . GLU A 1 59 ? -9.830  11.634  22.022  1.00 16.17 ? 99  GLU B CG  1 
ATOM   367  C CD  . GLU A 1 59 ? -11.053 12.354  22.552  1.00 23.95 ? 99  GLU B CD  1 
ATOM   368  O OE1 . GLU A 1 59 ? -10.966 12.850  23.693  1.00 25.01 ? 99  GLU B OE1 1 
ATOM   369  O OE2 . GLU A 1 59 ? -12.085 12.434  21.841  1.00 25.30 ? 99  GLU B OE2 1 
ATOM   370  N N   . VAL A 1 60 ? -7.241  9.395   21.690  1.00 11.31 ? 100 VAL B N   1 
ATOM   371  C CA  . VAL A 1 60 ? -6.757  8.284   22.494  1.00 10.54 ? 100 VAL B CA  1 
ATOM   372  C C   . VAL A 1 60 ? -6.716  8.716   23.957  1.00 11.01 ? 100 VAL B C   1 
ATOM   373  O O   . VAL A 1 60 ? -6.731  9.904   24.281  1.00 11.80 ? 100 VAL B O   1 
ATOM   374  C CB  . VAL A 1 60 ? -5.386  7.771   22.001  1.00 9.70  ? 100 VAL B CB  1 
ATOM   375  C CG1 . VAL A 1 60 ? -5.489  7.391   20.534  1.00 12.03 ? 100 VAL B CG1 1 
ATOM   376  C CG2 . VAL A 1 60 ? -4.303  8.811   22.210  1.00 12.51 ? 100 VAL B CG2 1 
ATOM   377  N N   . ALA A 1 61 ? -6.670  7.726   24.848  1.00 10.67 ? 101 ALA B N   1 
ATOM   378  C CA  . ALA A 1 61 ? -6.996  7.978   26.252  1.00 10.00 ? 101 ALA B CA  1 
ATOM   379  C C   . ALA A 1 61 ? -5.874  8.636   27.045  1.00 13.97 ? 101 ALA B C   1 
ATOM   380  O O   . ALA A 1 61 ? -6.155  9.322   28.036  1.00 18.17 ? 101 ALA B O   1 
ATOM   381  C CB  . ALA A 1 61 ? -7.396  6.671   26.925  1.00 13.14 ? 101 ALA B CB  1 
ATOM   382  N N   . SER A 1 62 ? -4.616  8.456   26.649  1.00 10.86 ? 102 SER B N   1 
ATOM   383  C CA  . SER A 1 62 ? -3.507  8.857   27.503  1.00 12.01 ? 102 SER B CA  1 
ATOM   384  C C   . SER A 1 62 ? -2.251  9.046   26.670  1.00 11.57 ? 102 SER B C   1 
ATOM   385  O O   . SER A 1 62 ? -2.177  8.624   25.511  1.00 12.24 ? 102 SER B O   1 
ATOM   386  C CB  . SER A 1 62 ? -3.234  7.801   28.566  1.00 14.07 ? 102 SER B CB  1 
ATOM   387  O OG  . SER A 1 62 ? -2.689  6.673   27.895  1.00 14.22 ? 102 SER B OG  1 
ATOM   388  N N   . GLN A 1 63 ? -1.229  9.637   27.305  1.00 11.37 ? 103 GLN B N   1 
ATOM   389  C CA  . GLN A 1 63 ? 0.060   9.770   26.638  1.00 11.10 ? 103 GLN B CA  1 
ATOM   390  C C   . GLN A 1 63 ? 0.585   8.421   26.182  1.00 10.30 ? 103 GLN B C   1 
ATOM   391  O O   . GLN A 1 63 ? 1.131   8.311   25.081  1.00 10.69 ? 103 GLN B O   1 
ATOM   392  C CB  . GLN A 1 63 ? 1.087   10.437  27.555  1.00 13.34 ? 103 GLN B CB  1 
ATOM   393  C CG  . GLN A 1 63 ? 2.494   10.535  26.935  1.00 14.78 ? 103 GLN B CG  1 
ATOM   394  C CD  . GLN A 1 63 ? 3.342   9.267   27.085  1.00 20.91 ? 103 GLN B CD  1 
ATOM   395  O OE1 . GLN A 1 63 ? 3.373   8.643   28.149  1.00 24.36 ? 103 GLN B OE1 1 
ATOM   396  N NE2 . GLN A 1 63 ? 4.027   8.877   26.006  1.00 17.29 ? 103 GLN B NE2 1 
ATOM   397  N N   . GLU A 1 64 ? 0.477   7.389   27.030  1.00 10.11 ? 104 GLU B N   1 
ATOM   398  C CA  . GLU A 1 64 ? 1.034   6.098   26.645  1.00 10.99 ? 104 GLU B CA  1 
ATOM   399  C C   . GLU A 1 64 ? 0.329   5.554   25.418  1.00 8.47  ? 104 GLU B C   1 
ATOM   400  O O   . GLU A 1 64 ? 0.937   4.840   24.611  1.00 9.90  ? 104 GLU B O   1 
ATOM   401  C CB  . GLU A 1 64 ? 0.938   5.107   27.804  1.00 7.93  ? 104 GLU B CB  1 
ATOM   402  C CG  . GLU A 1 64 ? 1.752   5.527   29.047  1.00 10.09 ? 104 GLU B CG  1 
ATOM   403  C CD  . GLU A 1 64 ? 1.015   6.506   29.977  1.00 10.23 ? 104 GLU B CD  1 
ATOM   404  O OE1 . GLU A 1 64 ? 1.646   6.962   30.963  1.00 13.59 ? 104 GLU B OE1 1 
ATOM   405  O OE2 . GLU A 1 64 ? -0.166  6.842   29.752  1.00 10.74 ? 104 GLU B OE2 1 
ATOM   406  N N   . ASP A 1 65 ? -0.947  5.910   25.238  1.00 8.84  ? 105 ASP B N   1 
ATOM   407  C CA  . ASP A 1 65 ? -1.672  5.513   24.039  1.00 9.85  ? 105 ASP B CA  1 
ATOM   408  C C   . ASP A 1 65 ? -1.160  6.255   22.810  1.00 10.11 ? 105 ASP B C   1 
ATOM   409  O O   . ASP A 1 65 ? -1.130  5.685   21.715  1.00 9.96  ? 105 ASP B O   1 
ATOM   410  C CB  . ASP A 1 65 ? -3.167  5.746   24.247  1.00 8.70  ? 105 ASP B CB  1 
ATOM   411  C CG  . ASP A 1 65 ? -3.738  4.830   25.300  1.00 10.81 ? 105 ASP B CG  1 
ATOM   412  O OD1 . ASP A 1 65 ? -3.564  3.613   25.145  1.00 10.39 ? 105 ASP B OD1 1 
ATOM   413  O OD2 . ASP A 1 65 ? -4.351  5.333   26.270  1.00 11.61 ? 105 ASP B OD2 1 
ATOM   414  N N   . VAL A 1 66 ? -0.777  7.531   22.963  1.00 8.49  ? 106 VAL B N   1 
ATOM   415  C CA  . VAL A 1 66 ? -0.141  8.239   21.853  1.00 8.83  ? 106 VAL B CA  1 
ATOM   416  C C   . VAL A 1 66 ? 1.135   7.518   21.457  1.00 8.45  ? 106 VAL B C   1 
ATOM   417  O O   . VAL A 1 66 ? 1.379   7.245   20.270  1.00 9.40  ? 106 VAL B O   1 
ATOM   418  C CB  . VAL A 1 66 ? 0.142   9.707   22.225  1.00 7.77  ? 106 VAL B CB  1 
ATOM   419  C CG1 . VAL A 1 66 ? 0.961   10.389  21.114  1.00 9.62  ? 106 VAL B CG1 1 
ATOM   420  C CG2 . VAL A 1 66 ? -1.154  10.463  22.455  1.00 9.50  ? 106 VAL B CG2 1 
ATOM   421  N N   . GLU A 1 67 ? 1.961   7.188   22.455  1.00 10.20 ? 107 GLU B N   1 
ATOM   422  C CA  . GLU A 1 67 ? 3.222   6.510   22.185  1.00 8.18  ? 107 GLU B CA  1 
ATOM   423  C C   . GLU A 1 67 ? 2.991   5.170   21.495  1.00 9.00  ? 107 GLU B C   1 
ATOM   424  O O   . GLU A 1 67 ? 3.671   4.842   20.512  1.00 10.18 ? 107 GLU B O   1 
ATOM   425  C CB  . GLU A 1 67 ? 4.003   6.326   23.485  1.00 10.22 ? 107 GLU B CB  1 
ATOM   426  C CG  . GLU A 1 67 ? 5.270   5.526   23.293  1.00 11.19 ? 107 GLU B CG  1 
ATOM   427  C CD  . GLU A 1 67 ? 6.183   5.543   24.494  1.00 13.40 ? 107 GLU B CD  1 
ATOM   428  O OE1 . GLU A 1 67 ? 5.847   6.191   25.515  1.00 13.28 ? 107 GLU B OE1 1 
ATOM   429  O OE2 . GLU A 1 67 ? 7.253   4.909   24.405  1.00 14.96 ? 107 GLU B OE2 1 
ATOM   430  N N   . GLU A 1 68 ? 2.020   4.383   21.981  1.00 9.35  ? 108 GLU B N   1 
ATOM   431  C CA  . GLU A 1 68 ? 1.742   3.100   21.352  1.00 8.90  ? 108 GLU B CA  1 
ATOM   432  C C   . GLU A 1 68 ? 1.192   3.267   19.942  1.00 9.09  ? 108 GLU B C   1 
ATOM   433  O O   . GLU A 1 68 ? 1.544   2.490   19.045  1.00 10.15 ? 108 GLU B O   1 
ATOM   434  C CB  . GLU A 1 68 ? 0.767   2.300   22.215  1.00 9.72  ? 108 GLU B CB  1 
ATOM   435  C CG  . GLU A 1 68 ? 1.424   1.760   23.481  1.00 10.00 ? 108 GLU B CG  1 
ATOM   436  C CD  . GLU A 1 68 ? 2.503   0.735   23.199  1.00 9.10  ? 108 GLU B CD  1 
ATOM   437  O OE1 . GLU A 1 68 ? 2.371   -0.001  22.204  1.00 10.98 ? 108 GLU B OE1 1 
ATOM   438  O OE2 . GLU A 1 68 ? 3.477   0.657   23.982  1.00 10.03 ? 108 GLU B OE2 1 
ATOM   439  N N   . ALA A 1 69 ? 0.330   4.262   19.715  1.00 9.92  ? 109 ALA B N   1 
ATOM   440  C CA  . ALA A 1 69 ? -0.125  4.512   18.346  1.00 10.41 ? 109 ALA B CA  1 
ATOM   441  C C   . ALA A 1 69 ? 1.051   4.862   17.446  1.00 10.13 ? 109 ALA B C   1 
ATOM   442  O O   . ALA A 1 69 ? 1.142   4.378   16.310  1.00 8.49  ? 109 ALA B O   1 
ATOM   443  C CB  . ALA A 1 69 ? -1.168  5.626   18.312  1.00 8.36  ? 109 ALA B CB  1 
ATOM   444  N N   . ARG A 1 70 ? 1.958   5.660   17.957  1.00 7.27  ? 110 ARG B N   1 
ATOM   445  C CA  . ARG A 1 70 ? 3.105   6.001   17.164  1.00 11.37 ? 110 ARG B CA  1 
ATOM   446  C C   . ARG A 1 70 ? 4.037   4.838   16.819  1.00 10.82 ? 110 ARG B C   1 
ATOM   447  O O   . ARG A 1 70 ? 4.724   4.893   15.852  1.00 10.61 ? 110 ARG B O   1 
ATOM   448  C CB  . ARG A 1 70 ? 3.838   7.198   17.762  1.00 10.34 ? 110 ARG B CB  1 
ATOM   449  C CG  . ARG A 1 70 ? 3.110   8.544   17.507  1.00 11.13 ? 110 ARG B CG  1 
ATOM   450  C CD  . ARG A 1 70 ? 3.958   9.587   16.784  1.00 10.42 ? 110 ARG B CD  1 
ATOM   451  N NE  . ARG A 1 70 ? 4.438   9.160   15.504  1.00 11.78 ? 110 ARG B NE  1 
ATOM   452  C CZ  . ARG A 1 70 ? 5.674   8.838   15.222  1.00 10.32 ? 110 ARG B CZ  1 
ATOM   453  N NH1 . ARG A 1 70 ? 6.616   8.889   16.141  1.00 9.98  ? 110 ARG B NH1 1 
ATOM   454  N NH2 . ARG A 1 70 ? 5.945   8.514   14.007  1.00 10.22 ? 110 ARG B NH2 1 
ATOM   455  N N   . LYS A 1 71 ? 4.054   3.812   17.658  1.00 9.35  ? 111 LYS B N   1 
ATOM   456  C CA  . LYS A 1 71 ? 4.812   2.606   17.338  1.00 9.87  ? 111 LYS B CA  1 
ATOM   457  C C   . LYS A 1 71 ? 4.285   1.927   16.082  1.00 10.69 ? 111 LYS B C   1 
ATOM   458  O O   . LYS A 1 71 ? 5.004   1.136   15.461  1.00 13.04 ? 111 LYS B O   1 
ATOM   459  C CB  . LYS A 1 71 ? 4.767   1.613   18.506  1.00 10.38 ? 111 LYS B CB  1 
ATOM   460  C CG  . LYS A 1 71 ? 5.531   2.080   19.719  1.00 9.12  ? 111 LYS B CG  1 
ATOM   461  C CD  . LYS A 1 71 ? 5.526   1.000   20.786  1.00 9.89  ? 111 LYS B CD  1 
ATOM   462  C CE  . LYS A 1 71 ? 6.215   1.503   22.042  1.00 10.54 ? 111 LYS B CE  1 
ATOM   463  N NZ  . LYS A 1 71 ? 6.201   0.509   23.166  1.00 10.15 ? 111 LYS B NZ  1 
ATOM   464  N N   . LEU A 1 72 ? 3.034   2.197   15.716  1.00 10.93 ? 112 LEU B N   1 
ATOM   465  C CA  . LEU A 1 72 ? 2.438   1.638   14.510  1.00 11.96 ? 112 LEU B CA  1 
ATOM   466  C C   . LEU A 1 72 ? 2.771   2.458   13.270  1.00 10.30 ? 112 LEU B C   1 
ATOM   467  O O   . LEU A 1 72 ? 2.255   2.172   12.188  1.00 10.91 ? 112 LEU B O   1 
ATOM   468  C CB  . LEU A 1 72 ? 0.922   1.519   14.693  1.00 11.29 ? 112 LEU B CB  1 
ATOM   469  C CG  . LEU A 1 72 ? 0.531   0.575   15.839  1.00 12.25 ? 112 LEU B CG  1 
ATOM   470  C CD1 . LEU A 1 72 ? -0.926  0.759   16.260  1.00 14.20 ? 112 LEU B CD1 1 
ATOM   471  C CD2 . LEU A 1 72 ? 0.768   -0.863  15.413  1.00 16.31 ? 112 LEU B CD2 1 
ATOM   472  N N   . ASN A 1 73 ? 3.632   3.463   13.402  1.00 9.05  ? 113 ASN B N   1 
ATOM   473  C CA  . ASN A 1 73 ? 4.045   4.208   12.223  1.00 9.72  ? 113 ASN B CA  1 
ATOM   474  C C   . ASN A 1 73 ? 4.684   3.270   11.211  1.00 10.61 ? 113 ASN B C   1 
ATOM   475  O O   . ASN A 1 73 ? 5.615   2.525   11.538  1.00 11.95 ? 113 ASN B O   1 
ATOM   476  C CB  . ASN A 1 73 ? 5.022   5.320   12.596  1.00 10.47 ? 113 ASN B CB  1 
ATOM   477  C CG  . ASN A 1 73 ? 5.453   6.129   11.383  1.00 10.79 ? 113 ASN B CG  1 
ATOM   478  O OD1 . ASN A 1 73 ? 4.627   6.767   10.732  1.00 9.49  ? 113 ASN B OD1 1 
ATOM   479  N ND2 . ASN A 1 73 ? 6.746   6.097   11.068  1.00 9.27  ? 113 ASN B ND2 1 
ATOM   480  N N   . LYS A 1 74 ? 4.165   3.311   9.986   1.00 12.02 ? 114 LYS B N   1 
ATOM   481  C CA  . LYS A 1 74 ? 4.583   2.487   8.856   1.00 14.24 ? 114 LYS B CA  1 
ATOM   482  C C   . LYS A 1 74 ? 4.231   1.016   9.033   1.00 15.93 ? 114 LYS B C   1 
ATOM   483  O O   . LYS A 1 74 ? 4.724   0.173   8.272   1.00 18.06 ? 114 LYS B O   1 
ATOM   484  C CB  . LYS A 1 74 ? 6.083   2.633   8.567   1.00 15.55 ? 114 LYS B CB  1 
ATOM   485  C CG  . LYS A 1 74 ? 6.526   4.042   8.140   1.00 21.47 ? 114 LYS B CG  1 
ATOM   486  C CD  . LYS A 1 74 ? 6.079   4.401   6.726   1.00 24.97 ? 114 LYS B CD  1 
ATOM   487  C CE  . LYS A 1 74 ? 7.254   4.867   5.855   1.00 33.84 ? 114 LYS B CE  1 
ATOM   488  N NZ  . LYS A 1 74 ? 8.044   6.012   6.422   1.00 29.36 ? 114 LYS B NZ  1 
ATOM   489  N N   . ALA A 1 75 ? 3.393   0.672   10.010  1.00 12.36 ? 115 ALA B N   1 
ATOM   490  C CA  . ALA A 1 75 ? 2.843   -0.670  10.054  1.00 13.37 ? 115 ALA B CA  1 
ATOM   491  C C   . ALA A 1 75 ? 1.852   -0.858  8.915   1.00 14.05 ? 115 ALA B C   1 
ATOM   492  O O   . ALA A 1 75 ? 1.334   0.099   8.337   1.00 14.63 ? 115 ALA B O   1 
ATOM   493  C CB  . ALA A 1 75 ? 2.157   -0.937  11.395  1.00 13.89 ? 115 ALA B CB  1 
ATOM   494  N N   . SER A 1 76 ? 1.575   -2.116  8.593   1.00 15.47 ? 116 SER B N   1 
ATOM   495  C CA  . SER A 1 76 ? 0.773   -2.406  7.417   1.00 17.01 ? 116 SER B CA  1 
ATOM   496  C C   . SER A 1 76 ? -0.701  -2.506  7.773   1.00 15.86 ? 116 SER B C   1 
ATOM   497  O O   . SER A 1 76 ? -1.071  -3.035  8.825   1.00 18.67 ? 116 SER B O   1 
ATOM   498  C CB  . SER A 1 76 ? 1.241   -3.698  6.739   1.00 24.26 ? 116 SER B CB  1 
ATOM   499  O OG  . SER A 1 76 ? 1.179   -4.803  7.622   1.00 31.13 ? 116 SER B OG  1 
ATOM   500  N N   . MET A 1 77 ? -1.542  -2.032  6.866   1.00 15.62 ? 117 MET B N   1 
ATOM   501  C CA  . MET A 1 77 ? -3.002  -2.191  6.932   1.00 18.51 ? 117 MET B CA  1 
ATOM   502  C C   . MET A 1 77 ? -3.371  -2.603  5.531   1.00 22.91 ? 117 MET B C   1 
ATOM   503  O O   . MET A 1 77 ? -3.266  -1.854  4.632   1.00 20.16 ? 117 MET B O   1 
ATOM   504  C CB  . MET A 1 77 ? -3.714  -0.961  7.398   1.00 23.68 ? 117 MET B CB  1 
ATOM   505  C CG  . MET A 1 77 ? -5.183  -1.104  7.361   1.00 23.37 ? 117 MET B CG  1 
ATOM   506  S SD  . MET A 1 77 ? -5.842  0.471   7.906   1.00 32.72 ? 117 MET B SD  1 
ATOM   507  C CE  . MET A 1 77 ? -7.359  0.288   7.144   1.00 27.16 ? 117 MET B CE  1 
ATOM   508  N N   . GLY A 1 78 ? -3.868  -3.825  5.423   1.00 28.25 ? 118 GLY B N   1 
ATOM   509  C CA  . GLY A 1 78 ? -3.973  -4.439  4.117   1.00 29.60 ? 118 GLY B CA  1 
ATOM   510  C C   . GLY A 1 78 ? -2.614  -4.403  3.449   1.00 29.74 ? 118 GLY B C   1 
ATOM   511  O O   . GLY A 1 78 ? -1.605  -4.881  3.992   1.00 27.45 ? 118 GLY B O   1 
ATOM   512  N N   . HIS A 1 79 ? -2.588  -3.775  2.277   1.00 21.78 ? 119 HIS B N   1 
ATOM   513  C CA  . HIS A 1 79 ? -1.425  -3.722  1.407   1.00 20.49 ? 119 HIS B CA  1 
ATOM   514  C C   . HIS A 1 79 ? -0.775  -2.342  1.406   1.00 22.06 ? 119 HIS B C   1 
ATOM   515  O O   . HIS A 1 79 ? -0.112  -1.972  0.433   1.00 19.75 ? 119 HIS B O   1 
ATOM   516  C CB  . HIS A 1 79 ? -1.835  -4.116  -0.013  1.00 25.77 ? 119 HIS B CB  1 
ATOM   517  C CG  . HIS A 1 79 ? -0.924  -5.106  -0.658  1.00 31.22 ? 119 HIS B CG  1 
ATOM   518  N ND1 . HIS A 1 79 ? 0.199   -4.733  -1.369  1.00 28.07 ? 119 HIS B ND1 1 
ATOM   519  C CD2 . HIS A 1 79 ? -0.971  -6.457  -0.712  1.00 26.05 ? 119 HIS B CD2 1 
ATOM   520  C CE1 . HIS A 1 79 ? 0.807   -5.813  -1.830  1.00 20.03 ? 119 HIS B CE1 1 
ATOM   521  N NE2 . HIS A 1 79 ? 0.111   -6.872  -1.453  1.00 32.33 ? 119 HIS B NE2 1 
ATOM   522  N N   . ARG A 1 80 ? -0.977  -1.567  2.466   1.00 18.90 ? 120 ARG B N   1 
ATOM   523  C CA  . ARG A 1 80 ? -0.436  -0.221  2.582   1.00 17.40 ? 120 ARG B CA  1 
ATOM   524  C C   . ARG A 1 80 ? 0.344   -0.100  3.882   1.00 16.23 ? 120 ARG B C   1 
ATOM   525  O O   . ARG A 1 80 ? 0.143   -0.872  4.819   1.00 16.73 ? 120 ARG B O   1 
ATOM   526  C CB  . ARG A 1 80 ? -1.552  0.832   2.541   1.00 20.00 ? 120 ARG B CB  1 
ATOM   527  C CG  . ARG A 1 80 ? -2.284  0.872   1.214   1.00 24.75 ? 120 ARG B CG  1 
ATOM   528  C CD  . ARG A 1 80 ? -3.537  1.708   1.274   1.00 26.37 ? 120 ARG B CD  1 
ATOM   529  N NE  . ARG A 1 80 ? -3.962  2.084   -0.071  1.00 29.69 ? 120 ARG B NE  1 
ATOM   530  C CZ  . ARG A 1 80 ? -3.766  3.289   -0.600  1.00 35.68 ? 120 ARG B CZ  1 
ATOM   531  N NH1 . ARG A 1 80 ? -4.180  3.545   -1.834  1.00 39.89 ? 120 ARG B NH1 1 
ATOM   532  N NH2 . ARG A 1 80 ? -3.171  4.245   0.112   1.00 28.40 ? 120 ARG B NH2 1 
ATOM   533  N N   . TYR A 1 81 ? 1.255   0.870   3.917   1.00 15.01 ? 121 TYR B N   1 
ATOM   534  C CA  . TYR A 1 81 ? 1.923   1.294   5.141   1.00 13.24 ? 121 TYR B CA  1 
ATOM   535  C C   . TYR A 1 81 ? 1.228   2.551   5.648   1.00 12.87 ? 121 TYR B C   1 
ATOM   536  O O   . TYR A 1 81 ? 1.035   3.501   4.890   1.00 14.92 ? 121 TYR B O   1 
ATOM   537  C CB  . TYR A 1 81 ? 3.410   1.579   4.898   1.00 15.48 ? 121 TYR B CB  1 
ATOM   538  C CG  . TYR A 1 81 ? 4.245   0.373   4.499   1.00 15.75 ? 121 TYR B CG  1 
ATOM   539  C CD1 . TYR A 1 81 ? 4.148   -0.832  5.184   1.00 15.60 ? 121 TYR B CD1 1 
ATOM   540  C CD2 . TYR A 1 81 ? 5.121   0.442   3.428   1.00 14.22 ? 121 TYR B CD2 1 
ATOM   541  C CE1 . TYR A 1 81 ? 4.907   -1.939  4.817   1.00 15.10 ? 121 TYR B CE1 1 
ATOM   542  C CE2 . TYR A 1 81 ? 5.891   -0.658  3.052   1.00 14.15 ? 121 TYR B CE2 1 
ATOM   543  C CZ  . TYR A 1 81 ? 5.778   -1.847  3.749   1.00 15.63 ? 121 TYR B CZ  1 
ATOM   544  O OH  . TYR A 1 81 ? 6.530   -2.954  3.397   1.00 16.26 ? 121 TYR B OH  1 
ATOM   545  N N   . ILE A 1 82 ? 0.842   2.553   6.917   1.00 11.18 ? 122 ILE B N   1 
ATOM   546  C CA  . ILE A 1 82 ? 0.107   3.671   7.498   1.00 9.87  ? 122 ILE B CA  1 
ATOM   547  C C   . ILE A 1 82 ? 1.070   4.533   8.300   1.00 10.46 ? 122 ILE B C   1 
ATOM   548  O O   . ILE A 1 82 ? 1.742   4.040   9.214   1.00 14.01 ? 122 ILE B O   1 
ATOM   549  C CB  . ILE A 1 82 ? -1.044  3.180   8.387   1.00 9.87  ? 122 ILE B CB  1 
ATOM   550  C CG1 . ILE A 1 82 ? -1.954  2.199   7.634   1.00 12.01 ? 122 ILE B CG1 1 
ATOM   551  C CG2 . ILE A 1 82 ? -1.814  4.362   8.937   1.00 11.82 ? 122 ILE B CG2 1 
ATOM   552  C CD1 . ILE A 1 82 ? -2.529  2.736   6.341   1.00 14.00 ? 122 ILE B CD1 1 
ATOM   553  N N   . GLU A 1 83 ? 1.145   5.820   7.955   1.00 9.43  ? 123 GLU B N   1 
ATOM   554  C CA  . GLU A 1 83 ? 1.900   6.781   8.747   1.00 10.38 ? 123 GLU B CA  1 
ATOM   555  C C   . GLU A 1 83 ? 1.101   7.173   9.978   1.00 10.21 ? 123 GLU B C   1 
ATOM   556  O O   . GLU A 1 83 ? -0.113  7.353   9.903   1.00 9.58  ? 123 GLU B O   1 
ATOM   557  C CB  . GLU A 1 83 ? 2.196   8.037   7.930   1.00 10.24 ? 123 GLU B CB  1 
ATOM   558  C CG  . GLU A 1 83 ? 3.047   7.807   6.721   1.00 12.84 ? 123 GLU B CG  1 
ATOM   559  C CD  . GLU A 1 83 ? 3.314   9.106   5.993   1.00 12.43 ? 123 GLU B CD  1 
ATOM   560  O OE1 . GLU A 1 83 ? 4.430   9.672   6.148   1.00 15.16 ? 123 GLU B OE1 1 
ATOM   561  O OE2 . GLU A 1 83 ? 2.396   9.586   5.300   1.00 16.59 ? 123 GLU B OE2 1 
ATOM   562  N N   . VAL A 1 84 ? 1.776   7.315   11.113  1.00 8.25  ? 124 VAL B N   1 
ATOM   563  C CA  . VAL A 1 84 ? 1.112   7.735   12.341  1.00 8.98  ? 124 VAL B CA  1 
ATOM   564  C C   . VAL A 1 84 ? 1.866   8.913   12.941  1.00 8.78  ? 124 VAL B C   1 
ATOM   565  O O   . VAL A 1 84 ? 3.076   8.832   13.179  1.00 9.70  ? 124 VAL B O   1 
ATOM   566  C CB  . VAL A 1 84 ? 1.000   6.597   13.370  1.00 8.99  ? 124 VAL B CB  1 
ATOM   567  C CG1 . VAL A 1 84 ? 0.248   7.088   14.599  1.00 10.49 ? 124 VAL B CG1 1 
ATOM   568  C CG2 . VAL A 1 84 ? 0.336   5.346   12.748  1.00 9.79  ? 124 VAL B CG2 1 
ATOM   569  N N   . PHE A 1 85 ? 1.129   9.993   13.204  1.00 10.88 ? 125 PHE B N   1 
ATOM   570  C CA  . PHE A 1 85 ? 1.645   11.241  13.735  1.00 9.16  ? 125 PHE B CA  1 
ATOM   571  C C   . PHE A 1 85 ? 0.903   11.579  15.014  1.00 9.03  ? 125 PHE B C   1 
ATOM   572  O O   . PHE A 1 85 ? -0.217  11.120  15.226  1.00 10.48 ? 125 PHE B O   1 
ATOM   573  C CB  . PHE A 1 85 ? 1.444   12.387  12.737  1.00 9.31  ? 125 PHE B CB  1 
ATOM   574  C CG  . PHE A 1 85 ? 2.097   12.166  11.412  1.00 9.53  ? 125 PHE B CG  1 
ATOM   575  C CD1 . PHE A 1 85 ? 3.439   12.462  11.236  1.00 9.26  ? 125 PHE B CD1 1 
ATOM   576  C CD2 . PHE A 1 85 ? 1.368   11.657  10.346  1.00 10.76 ? 125 PHE B CD2 1 
ATOM   577  C CE1 . PHE A 1 85 ? 4.054   12.280  9.997   1.00 10.42 ? 125 PHE B CE1 1 
ATOM   578  C CE2 . PHE A 1 85 ? 1.980   11.454  9.102   1.00 9.97  ? 125 PHE B CE2 1 
ATOM   579  C CZ  . PHE A 1 85 ? 3.323   11.769  8.927   1.00 11.61 ? 125 PHE B CZ  1 
ATOM   580  N N   . THR A 1 86 ? 1.515   12.412  15.861  1.00 8.67  ? 126 THR B N   1 
ATOM   581  C CA  . THR A 1 86 ? 0.683   13.116  16.836  1.00 10.70 ? 126 THR B CA  1 
ATOM   582  C C   . THR A 1 86 ? -0.113  14.209  16.132  1.00 12.44 ? 126 THR B C   1 
ATOM   583  O O   . THR A 1 86 ? 0.233   14.647  15.037  1.00 9.82  ? 126 THR B O   1 
ATOM   584  C CB  . THR A 1 86 ? 1.512   13.743  17.964  1.00 11.07 ? 126 THR B CB  1 
ATOM   585  O OG1 . THR A 1 86 ? 2.374   14.756  17.422  1.00 10.11 ? 126 THR B OG1 1 
ATOM   586  C CG2 . THR A 1 86 ? 2.337   12.705  18.695  1.00 11.80 ? 126 THR B CG2 1 
ATOM   587  N N   . ALA A 1 87 ? -1.203  14.637  16.763  1.00 10.78 ? 127 ALA B N   1 
ATOM   588  C CA  . ALA A 1 87 ? -1.984  15.758  16.269  1.00 9.73  ? 127 ALA B CA  1 
ATOM   589  C C   . ALA A 1 87 ? -2.438  16.590  17.457  1.00 12.90 ? 127 ALA B C   1 
ATOM   590  O O   . ALA A 1 87 ? -2.716  16.054  18.532  1.00 15.32 ? 127 ALA B O   1 
ATOM   591  C CB  . ALA A 1 87 ? -3.199  15.291  15.463  1.00 13.52 ? 127 ALA B CB  1 
ATOM   592  N N   . THR A 1 88 ? -2.518  17.895  17.254  1.00 14.11 ? 128 THR B N   1 
ATOM   593  C CA  . THR A 1 88 ? -3.041  18.743  18.317  1.00 18.23 ? 128 THR B CA  1 
ATOM   594  C C   . THR A 1 88 ? -4.562  18.798  18.257  1.00 15.48 ? 128 THR B C   1 
ATOM   595  O O   . THR A 1 88 ? -5.168  18.523  17.222  1.00 16.05 ? 128 THR B O   1 
ATOM   596  C CB  . THR A 1 88 ? -2.473  20.156  18.188  1.00 16.16 ? 128 THR B CB  1 
ATOM   597  O OG1 . THR A 1 88 ? -3.013  20.769  17.013  1.00 18.13 ? 128 THR B OG1 1 
ATOM   598  C CG2 . THR A 1 88 ? -0.956  20.127  18.092  1.00 21.18 ? 128 THR B CG2 1 
ATOM   599  N N   . PRO A 1 89 ? -5.218  19.137  19.369  1.00 19.69 ? 129 PRO B N   1 
ATOM   600  C CA  . PRO A 1 89 ? -6.671  19.351  19.305  1.00 21.58 ? 129 PRO B CA  1 
ATOM   601  C C   . PRO A 1 89 ? -7.080  20.370  18.257  1.00 20.19 ? 129 PRO B C   1 
ATOM   602  O O   . PRO A 1 89 ? -8.106  20.187  17.586  1.00 22.59 ? 129 PRO B O   1 
ATOM   603  C CB  . PRO A 1 89 ? -7.010  19.811  20.730  1.00 26.23 ? 129 PRO B CB  1 
ATOM   604  C CG  . PRO A 1 89 ? -5.974  19.151  21.580  1.00 22.03 ? 129 PRO B CG  1 
ATOM   605  C CD  . PRO A 1 89 ? -4.708  19.126  20.753  1.00 20.37 ? 129 PRO B CD  1 
ATOM   606  N N   . LYS A 1 90 ? -6.290  21.434  18.084  1.00 23.25 ? 130 LYS B N   1 
ATOM   607  C CA  . LYS A 1 90 ? -6.596  22.425  17.058  1.00 24.84 ? 130 LYS B CA  1 
ATOM   608  C C   . LYS A 1 90 ? -6.552  21.809  15.667  1.00 22.78 ? 130 LYS B C   1 
ATOM   609  O O   . LYS A 1 90 ? -7.432  22.071  14.837  1.00 23.76 ? 130 LYS B O   1 
ATOM   610  C CB  . LYS A 1 90 ? -5.619  23.599  17.152  1.00 23.42 ? 130 LYS B CB  1 
ATOM   611  C CG  . LYS A 1 90 ? -5.836  24.681  16.099  1.00 30.74 ? 130 LYS B CG  1 
ATOM   612  C CD  . LYS A 1 90 ? -4.869  25.845  16.299  1.00 37.50 ? 130 LYS B CD  1 
ATOM   613  C CE  . LYS A 1 90 ? -5.303  27.091  15.538  1.00 35.62 ? 130 LYS B CE  1 
ATOM   614  N NZ  . LYS A 1 90 ? -5.292  26.893  14.064  1.00 44.77 ? 130 LYS B NZ  1 
ATOM   615  N N   . GLU A 1 91 ? -5.533  20.987  15.388  1.00 17.09 ? 131 GLU B N   1 
ATOM   616  C CA  . GLU A 1 91 ? -5.474  20.312  14.097  1.00 19.44 ? 131 GLU B CA  1 
ATOM   617  C C   . GLU A 1 91 ? -6.685  19.419  13.875  1.00 18.81 ? 131 GLU B C   1 
ATOM   618  O O   . GLU A 1 91 ? -7.260  19.400  12.779  1.00 19.37 ? 131 GLU B O   1 
ATOM   619  C CB  . GLU A 1 91 ? -4.193  19.488  13.988  1.00 18.83 ? 131 GLU B CB  1 
ATOM   620  C CG  . GLU A 1 91 ? -2.963  20.284  13.576  1.00 23.16 ? 131 GLU B CG  1 
ATOM   621  C CD  . GLU A 1 91 ? -1.684  19.464  13.640  1.00 27.84 ? 131 GLU B CD  1 
ATOM   622  O OE1 . GLU A 1 91 ? -1.640  18.479  14.400  1.00 17.93 ? 131 GLU B OE1 1 
ATOM   623  O OE2 . GLU A 1 91 ? -0.715  19.811  12.932  1.00 31.88 ? 131 GLU B OE2 1 
ATOM   624  N N   . ALA A 1 92 ? -7.077  18.645  14.887  1.00 20.31 ? 132 ALA B N   1 
ATOM   625  C CA  . ALA A 1 92 ? -8.190  17.723  14.693  1.00 20.12 ? 132 ALA B CA  1 
ATOM   626  C C   . ALA A 1 92 ? -9.499  18.474  14.500  1.00 24.44 ? 132 ALA B C   1 
ATOM   627  O O   . ALA A 1 92 ? -10.321 18.091  13.659  1.00 27.50 ? 132 ALA B O   1 
ATOM   628  C CB  . ALA A 1 92 ? -8.287  16.756  15.870  1.00 20.46 ? 132 ALA B CB  1 
ATOM   629  N N   . LYS A 1 93 ? -9.702  19.554  15.255  1.00 24.84 ? 133 LYS B N   1 
ATOM   630  C CA  . LYS A 1 93 ? -10.923 20.343  15.102  1.00 27.35 ? 133 LYS B CA  1 
ATOM   631  C C   . LYS A 1 93 ? -10.989 20.989  13.719  1.00 29.84 ? 133 LYS B C   1 
ATOM   632  O O   . LYS A 1 93 ? -12.018 20.924  13.036  1.00 32.78 ? 133 LYS B O   1 
ATOM   633  C CB  . LYS A 1 93 ? -11.001 21.397  16.206  1.00 25.02 ? 133 LYS B CB  1 
ATOM   634  C CG  . LYS A 1 93 ? -12.204 22.329  16.083  1.00 33.12 ? 133 LYS B CG  1 
ATOM   635  C CD  . LYS A 1 93 ? -12.442 23.141  17.351  1.00 39.46 ? 133 LYS B CD  1 
ATOM   636  C CE  . LYS A 1 93 ? -11.341 24.155  17.605  1.00 41.71 ? 133 LYS B CE  1 
ATOM   637  N NZ  . LYS A 1 93 ? -11.737 25.138  18.657  1.00 51.24 ? 133 LYS B NZ  1 
ATOM   638  N N   . GLU A 1 94 ? -9.882  21.594  13.280  1.00 24.73 ? 134 GLU B N   1 
ATOM   639  C CA  . GLU A 1 94 ? -9.851  22.259  11.980  1.00 29.78 ? 134 GLU B CA  1 
ATOM   640  C C   . GLU A 1 94 ? -10.117 21.289  10.837  1.00 33.88 ? 134 GLU B C   1 
ATOM   641  O O   . GLU A 1 94 ? -10.720 21.670  9.826   1.00 35.91 ? 134 GLU B O   1 
ATOM   642  C CB  . GLU A 1 94 ? -8.499  22.945  11.775  1.00 33.16 ? 134 GLU B CB  1 
ATOM   643  C CG  . GLU A 1 94 ? -8.475  24.407  12.180  1.00 41.55 ? 134 GLU B CG  1 
ATOM   644  C CD  . GLU A 1 94 ? -9.641  25.181  11.593  1.00 51.01 ? 134 GLU B CD  1 
ATOM   645  O OE1 . GLU A 1 94 ? -10.465 25.699  12.380  1.00 54.30 ? 134 GLU B OE1 1 
ATOM   646  O OE2 . GLU A 1 94 ? -9.739  25.260  10.347  1.00 48.69 ? 134 GLU B OE2 1 
ATOM   647  N N   . ALA A 1 95 ? -9.669  20.041  10.970  1.00 29.47 ? 135 ALA B N   1 
ATOM   648  C CA  . ALA A 1 95 ? -9.816  19.086  9.881   1.00 33.75 ? 135 ALA B CA  1 
ATOM   649  C C   . ALA A 1 95 ? -11.229 18.530  9.782   1.00 34.09 ? 135 ALA B C   1 
ATOM   650  O O   . ALA A 1 95 ? -11.650 18.114  8.696   1.00 39.90 ? 135 ALA B O   1 
ATOM   651  C CB  . ALA A 1 95 ? -8.814  17.949  10.055  1.00 29.31 ? 135 ALA B CB  1 
ATOM   652  N N   . MET A 1 96 ? -11.966 18.503  10.886  1.00 31.16 ? 136 MET B N   1 
ATOM   653  C CA  . MET A 1 96 ? -13.338 18.007  10.868  1.00 38.25 ? 136 MET B CA  1 
ATOM   654  C C   . MET A 1 96 ? -14.344 19.155  10.826  1.00 42.25 ? 136 MET B C   1 
ATOM   655  O O   . MET A 1 96 ? -14.160 20.131  10.098  1.00 46.42 ? 136 MET B O   1 
ATOM   656  C CB  . MET A 1 96 ? -13.607 17.118  12.083  1.00 37.63 ? 136 MET B CB  1 
ATOM   657  C CG  . MET A 1 96 ? -12.715 15.882  12.167  1.00 41.51 ? 136 MET B CG  1 
ATOM   658  S SD  . MET A 1 96 ? -12.580 14.962  10.612  1.00 47.22 ? 136 MET B SD  1 
ATOM   659  C CE  . MET A 1 96 ? -14.252 14.348  10.422  1.00 35.18 ? 136 MET B CE  1 
ATOM   660  N N   . PRO B 1 8  ? 13.385  -16.828 -21.299 1.00 36.00 ? 48  PRO A N   1 
ATOM   661  C CA  . PRO B 1 8  ? 12.866  -15.563 -20.766 1.00 30.47 ? 48  PRO A CA  1 
ATOM   662  C C   . PRO B 1 8  ? 12.475  -15.655 -19.293 1.00 26.12 ? 48  PRO A C   1 
ATOM   663  O O   . PRO B 1 8  ? 11.852  -16.619 -18.857 1.00 26.04 ? 48  PRO A O   1 
ATOM   664  C CB  . PRO B 1 8  ? 11.641  -15.282 -21.642 1.00 32.48 ? 48  PRO A CB  1 
ATOM   665  C CG  . PRO B 1 8  ? 11.260  -16.609 -22.204 1.00 35.35 ? 48  PRO A CG  1 
ATOM   666  C CD  . PRO B 1 8  ? 12.547  -17.348 -22.390 1.00 38.32 ? 48  PRO A CD  1 
ATOM   667  N N   . LYS B 1 9  ? 12.843  -14.634 -18.531 1.00 18.43 ? 49  LYS A N   1 
ATOM   668  C CA  . LYS B 1 9  ? 12.685  -14.636 -17.086 1.00 14.31 ? 49  LYS A CA  1 
ATOM   669  C C   . LYS B 1 9  ? 11.651  -13.604 -16.675 1.00 11.63 ? 49  LYS A C   1 
ATOM   670  O O   . LYS B 1 9  ? 11.631  -12.489 -17.203 1.00 13.04 ? 49  LYS A O   1 
ATOM   671  C CB  . LYS B 1 9  ? 14.018  -14.358 -16.401 1.00 15.41 ? 49  LYS A CB  1 
ATOM   672  C CG  . LYS B 1 9  ? 15.032  -15.456 -16.683 1.00 21.16 ? 49  LYS A CG  1 
ATOM   673  C CD  . LYS B 1 9  ? 16.340  -15.246 -15.964 1.00 24.41 ? 49  LYS A CD  1 
ATOM   674  C CE  . LYS B 1 9  ? 17.231  -16.466 -16.158 1.00 24.97 ? 49  LYS A CE  1 
ATOM   675  N NZ  . LYS B 1 9  ? 17.486  -16.689 -17.606 1.00 32.63 ? 49  LYS A NZ  1 
ATOM   676  N N   . PHE B 1 10 ? 10.796  -13.978 -15.725 1.00 12.76 ? 50  PHE A N   1 
ATOM   677  C CA  . PHE B 1 10 ? 9.689   -13.135 -15.308 1.00 11.61 ? 50  PHE A CA  1 
ATOM   678  C C   . PHE B 1 10 ? 9.691   -12.941 -13.803 1.00 9.26  ? 50  PHE A C   1 
ATOM   679  O O   . PHE B 1 10 ? 10.080  -13.829 -13.029 1.00 10.70 ? 50  PHE A O   1 
ATOM   680  C CB  . PHE B 1 10 ? 8.316   -13.735 -15.705 1.00 11.76 ? 50  PHE A CB  1 
ATOM   681  C CG  . PHE B 1 10 ? 8.051   -13.728 -17.183 1.00 13.56 ? 50  PHE A CG  1 
ATOM   682  C CD1 . PHE B 1 10 ? 7.479   -12.620 -17.794 1.00 14.29 ? 50  PHE A CD1 1 
ATOM   683  C CD2 . PHE B 1 10 ? 8.381   -14.824 -17.960 1.00 18.51 ? 50  PHE A CD2 1 
ATOM   684  C CE1 . PHE B 1 10 ? 7.229   -12.617 -19.160 1.00 19.92 ? 50  PHE A CE1 1 
ATOM   685  C CE2 . PHE B 1 10 ? 8.146   -14.822 -19.330 1.00 20.07 ? 50  PHE A CE2 1 
ATOM   686  C CZ  . PHE B 1 10 ? 7.571   -13.720 -19.925 1.00 21.66 ? 50  PHE A CZ  1 
ATOM   687  N N   . VAL B 1 11 ? 9.214   -11.773 -13.393 1.00 8.66  ? 51  VAL A N   1 
ATOM   688  C CA  . VAL B 1 11 ? 8.797   -11.550 -12.020 1.00 9.83  ? 51  VAL A CA  1 
ATOM   689  C C   . VAL B 1 11 ? 7.344   -11.103 -12.054 1.00 9.91  ? 51  VAL A C   1 
ATOM   690  O O   . VAL B 1 11 ? 6.813   -10.690 -13.088 1.00 9.82  ? 51  VAL A O   1 
ATOM   691  C CB  . VAL B 1 11 ? 9.680   -10.521 -11.285 1.00 8.37  ? 51  VAL A CB  1 
ATOM   692  C CG1 . VAL B 1 11 ? 11.102  -11.040 -11.167 1.00 10.43 ? 51  VAL A CG1 1 
ATOM   693  C CG2 . VAL B 1 11 ? 9.656   -9.163  -11.984 1.00 10.80 ? 51  VAL A CG2 1 
ATOM   694  N N   . ARG B 1 12 ? 6.689   -11.237 -10.909 1.00 10.05 ? 52  ARG A N   1 
ATOM   695  C CA  . ARG B 1 12 ? 5.309   -10.815 -10.737 1.00 10.21 ? 52  ARG A CA  1 
ATOM   696  C C   . ARG B 1 12 ? 5.245   -9.778  -9.627  1.00 9.36  ? 52  ARG A C   1 
ATOM   697  O O   . ARG B 1 12 ? 5.787   -9.993  -8.541  1.00 10.28 ? 52  ARG A O   1 
ATOM   698  C CB  . ARG B 1 12 ? 4.416   -12.016 -10.416 1.00 11.39 ? 52  ARG A CB  1 
ATOM   699  C CG  . ARG B 1 12 ? 2.972   -11.643 -10.108 1.00 11.42 ? 52  ARG A CG  1 
ATOM   700  C CD  . ARG B 1 12 ? 2.093   -12.884 -9.970  1.00 13.30 ? 52  ARG A CD  1 
ATOM   701  N NE  . ARG B 1 12 ? 2.537   -13.780 -8.906  1.00 11.90 ? 52  ARG A NE  1 
ATOM   702  C CZ  . ARG B 1 12 ? 2.100   -13.726 -7.649  1.00 13.59 ? 52  ARG A CZ  1 
ATOM   703  N NH1 . ARG B 1 12 ? 2.555   -14.588 -6.742  1.00 16.85 ? 52  ARG A NH1 1 
ATOM   704  N NH2 . ARG B 1 12 ? 1.228   -12.794 -7.287  1.00 13.92 ? 52  ARG A NH2 1 
ATOM   705  N N   . LEU B 1 13 ? 4.594   -8.651  -9.906  1.00 8.86  ? 53  LEU A N   1 
ATOM   706  C CA  . LEU B 1 13 ? 4.355   -7.611  -8.918  1.00 10.61 ? 53  LEU A CA  1 
ATOM   707  C C   . LEU B 1 13 ? 2.901   -7.693  -8.478  1.00 11.17 ? 53  LEU A C   1 
ATOM   708  O O   . LEU B 1 13 ? 2.013   -7.906  -9.311  1.00 12.03 ? 53  LEU A O   1 
ATOM   709  C CB  . LEU B 1 13 ? 4.653   -6.234  -9.508  1.00 11.30 ? 53  LEU A CB  1 
ATOM   710  C CG  . LEU B 1 13 ? 6.101   -5.722  -9.542  1.00 15.66 ? 53  LEU A CG  1 
ATOM   711  C CD1 . LEU B 1 13 ? 7.111   -6.738  -10.038 1.00 16.52 ? 53  LEU A CD1 1 
ATOM   712  C CD2 . LEU B 1 13 ? 6.151   -4.444  -10.383 1.00 16.50 ? 53  LEU A CD2 1 
ATOM   713  N N   . ARG B 1 14 ? 2.654   -7.557  -7.173  1.00 8.31  ? 54  ARG A N   1 
ATOM   714  C CA  . ARG B 1 14 ? 1.291   -7.573  -6.649  1.00 9.16  ? 54  ARG A CA  1 
ATOM   715  C C   . ARG B 1 14 ? 1.098   -6.398  -5.703  1.00 10.85 ? 54  ARG A C   1 
ATOM   716  O O   . ARG B 1 14 ? 1.985   -6.079  -4.909  1.00 12.15 ? 54  ARG A O   1 
ATOM   717  C CB  . ARG B 1 14 ? 1.001   -8.897  -5.938  1.00 11.37 ? 54  ARG A CB  1 
ATOM   718  C CG  . ARG B 1 14 ? -0.395  -8.993  -5.334  1.00 14.59 ? 54  ARG A CG  1 
ATOM   719  C CD  . ARG B 1 14 ? -0.617  -10.337 -4.669  1.00 17.48 ? 54  ARG A CD  1 
ATOM   720  N NE  . ARG B 1 14 ? -1.874  -10.359 -3.922  1.00 21.71 ? 54  ARG A NE  1 
ATOM   721  C CZ  . ARG B 1 14 ? -2.363  -11.436 -3.311  1.00 24.40 ? 54  ARG A CZ  1 
ATOM   722  N NH1 . ARG B 1 14 ? -1.710  -12.589 -3.367  1.00 20.84 ? 54  ARG A NH1 1 
ATOM   723  N NH2 . ARG B 1 14 ? -3.512  -11.359 -2.645  1.00 23.21 ? 54  ARG A NH2 1 
ATOM   724  N N   . GLY B 1 15 ? -0.061  -5.747  -5.787  1.00 13.10 ? 55  GLY A N   1 
ATOM   725  C CA  . GLY B 1 15 ? -0.331  -4.604  -4.945  1.00 14.74 ? 55  GLY A CA  1 
ATOM   726  C C   . GLY B 1 15 ? -0.136  -3.254  -5.600  1.00 13.98 ? 55  GLY A C   1 
ATOM   727  O O   . GLY B 1 15 ? -0.170  -2.236  -4.896  1.00 15.50 ? 55  GLY A O   1 
ATOM   728  N N   . LEU B 1 16 ? 0.061   -3.208  -6.920  1.00 13.26 ? 56  LEU A N   1 
ATOM   729  C CA  . LEU B 1 16 ? 0.174   -1.945  -7.627  1.00 13.69 ? 56  LEU A CA  1 
ATOM   730  C C   . LEU B 1 16 ? -1.140  -1.178  -7.551  1.00 17.31 ? 56  LEU A C   1 
ATOM   731  O O   . LEU B 1 16 ? -2.214  -1.783  -7.460  1.00 18.55 ? 56  LEU A O   1 
ATOM   732  C CB  . LEU B 1 16 ? 0.522   -2.190  -9.094  1.00 14.87 ? 56  LEU A CB  1 
ATOM   733  C CG  . LEU B 1 16 ? 1.878   -2.843  -9.349  1.00 13.71 ? 56  LEU A CG  1 
ATOM   734  C CD1 . LEU B 1 16 ? 1.890   -3.468  -10.734 1.00 15.14 ? 56  LEU A CD1 1 
ATOM   735  C CD2 . LEU B 1 16 ? 3.023   -1.853  -9.179  1.00 16.23 ? 56  LEU A CD2 1 
ATOM   736  N N   . PRO B 1 17 ? -1.090  0.146   -7.622  1.00 18.26 ? 57  PRO A N   1 
ATOM   737  C CA  . PRO B 1 17 ? -2.314  0.892   -7.926  1.00 22.31 ? 57  PRO A CA  1 
ATOM   738  C C   . PRO B 1 17 ? -2.884  0.348   -9.223  1.00 22.72 ? 57  PRO A C   1 
ATOM   739  O O   . PRO B 1 17 ? -2.157  0.120   -10.187 1.00 21.51 ? 57  PRO A O   1 
ATOM   740  C CB  . PRO B 1 17 ? -1.827  2.337   -8.078  1.00 25.28 ? 57  PRO A CB  1 
ATOM   741  C CG  . PRO B 1 17 ? -0.443  2.368   -7.511  1.00 24.85 ? 57  PRO A CG  1 
ATOM   742  C CD  . PRO B 1 17 ? 0.108   0.992   -7.710  1.00 18.15 ? 57  PRO A CD  1 
ATOM   743  N N   . TRP B 1 18 ? -4.189  0.081   -9.236  1.00 23.39 ? 58  TRP A N   1 
ATOM   744  C CA  . TRP B 1 18 ? -4.757  -0.486  -10.451 1.00 24.44 ? 58  TRP A CA  1 
ATOM   745  C C   . TRP B 1 18 ? -4.689  0.499   -11.609 1.00 29.43 ? 58  TRP A C   1 
ATOM   746  O O   . TRP B 1 18 ? -4.815  0.087   -12.767 1.00 31.48 ? 58  TRP A O   1 
ATOM   747  C CB  . TRP B 1 18 ? -6.193  -0.948  -10.194 1.00 26.87 ? 58  TRP A CB  1 
ATOM   748  C CG  . TRP B 1 18 ? -7.097  0.159   -9.805  1.00 27.41 ? 58  TRP A CG  1 
ATOM   749  C CD1 . TRP B 1 18 ? -7.347  0.612   -8.543  1.00 36.93 ? 58  TRP A CD1 1 
ATOM   750  C CD2 . TRP B 1 18 ? -7.879  0.966   -10.687 1.00 37.46 ? 58  TRP A CD2 1 
ATOM   751  N NE1 . TRP B 1 18 ? -8.243  1.655   -8.587  1.00 37.68 ? 58  TRP A NE1 1 
ATOM   752  C CE2 . TRP B 1 18 ? -8.582  1.893   -9.893  1.00 34.99 ? 58  TRP A CE2 1 
ATOM   753  C CE3 . TRP B 1 18 ? -8.052  0.994   -12.073 1.00 41.71 ? 58  TRP A CE3 1 
ATOM   754  C CZ2 . TRP B 1 18 ? -9.448  2.836   -10.439 1.00 39.28 ? 58  TRP A CZ2 1 
ATOM   755  C CZ3 . TRP B 1 18 ? -8.910  1.931   -12.612 1.00 44.59 ? 58  TRP A CZ3 1 
ATOM   756  C CH2 . TRP B 1 18 ? -9.598  2.839   -11.797 1.00 46.21 ? 58  TRP A CH2 1 
ATOM   757  N N   . SER B 1 19 ? -4.461  1.779   -11.324 1.00 25.49 ? 59  SER A N   1 
ATOM   758  C CA  . SER B 1 19 ? -4.277  2.801   -12.342 1.00 26.81 ? 59  SER A CA  1 
ATOM   759  C C   . SER B 1 19 ? -2.816  2.981   -12.731 1.00 29.34 ? 59  SER A C   1 
ATOM   760  O O   . SER B 1 19 ? -2.499  3.908   -13.486 1.00 27.62 ? 59  SER A O   1 
ATOM   761  C CB  . SER B 1 19 ? -4.837  4.135   -11.849 1.00 33.16 ? 59  SER A CB  1 
ATOM   762  O OG  . SER B 1 19 ? -4.005  4.674   -10.833 1.00 33.17 ? 59  SER A OG  1 
ATOM   763  N N   . ALA B 1 20 ? -1.925  2.126   -12.227 1.00 27.70 ? 60  ALA A N   1 
ATOM   764  C CA  . ALA B 1 20 ? -0.501  2.306   -12.467 1.00 27.55 ? 60  ALA A CA  1 
ATOM   765  C C   . ALA B 1 20 ? -0.196  2.280   -13.957 1.00 21.78 ? 60  ALA A C   1 
ATOM   766  O O   . ALA B 1 20 ? -0.774  1.501   -14.719 1.00 23.26 ? 60  ALA A O   1 
ATOM   767  C CB  . ALA B 1 20 ? 0.308   1.221   -11.758 1.00 22.46 ? 60  ALA A CB  1 
ATOM   768  N N   . THR B 1 21 ? 0.725   3.138   -14.364 1.00 22.11 ? 61  THR A N   1 
ATOM   769  C CA  . THR B 1 21 ? 1.168   3.171   -15.744 1.00 20.70 ? 61  THR A CA  1 
ATOM   770  C C   . THR B 1 21 ? 2.418   2.320   -15.908 1.00 17.55 ? 61  THR A C   1 
ATOM   771  O O   . THR B 1 21 ? 3.112   1.990   -14.939 1.00 18.24 ? 61  THR A O   1 
ATOM   772  C CB  . THR B 1 21 ? 1.448   4.607   -16.176 1.00 24.84 ? 61  THR A CB  1 
ATOM   773  O OG1 . THR B 1 21 ? 2.541   5.127   -15.414 1.00 21.54 ? 61  THR A OG1 1 
ATOM   774  C CG2 . THR B 1 21 ? 0.228   5.481   -15.929 1.00 24.31 ? 61  THR A CG2 1 
ATOM   775  N N   . HIS B 1 22 ? 2.700   1.964   -17.160 1.00 16.98 ? 62  HIS A N   1 
ATOM   776  C CA  . HIS B 1 22 ? 3.940   1.251   -17.440 1.00 15.74 ? 62  HIS A CA  1 
ATOM   777  C C   . HIS B 1 22 ? 5.143   2.069   -17.007 1.00 17.64 ? 62  HIS A C   1 
ATOM   778  O O   . HIS B 1 22 ? 6.108   1.518   -16.463 1.00 16.34 ? 62  HIS A O   1 
ATOM   779  C CB  . HIS B 1 22 ? 4.034   0.901   -18.925 1.00 16.61 ? 62  HIS A CB  1 
ATOM   780  C CG  . HIS B 1 22 ? 3.078   -0.171  -19.340 1.00 16.63 ? 62  HIS A CG  1 
ATOM   781  N ND1 . HIS B 1 22 ? 1.710   -0.031  -19.229 1.00 34.29 ? 62  HIS A ND1 1 
ATOM   782  C CD2 . HIS B 1 22 ? 3.287   -1.406  -19.854 1.00 25.68 ? 62  HIS A CD2 1 
ATOM   783  C CE1 . HIS B 1 22 ? 1.119   -1.131  -19.658 1.00 28.32 ? 62  HIS A CE1 1 
ATOM   784  N NE2 . HIS B 1 22 ? 2.054   -1.984  -20.035 1.00 21.77 ? 62  HIS A NE2 1 
ATOM   785  N N   . LYS B 1 23 ? 5.099   3.386   -17.221 1.00 17.28 ? 63  LYS A N   1 
ATOM   786  C CA  . LYS B 1 23 ? 6.216   4.238   -16.840 1.00 16.24 ? 63  LYS A CA  1 
ATOM   787  C C   . LYS B 1 23 ? 6.434   4.217   -15.334 1.00 16.54 ? 63  LYS A C   1 
ATOM   788  O O   . LYS B 1 23 ? 7.574   4.122   -14.863 1.00 17.31 ? 63  LYS A O   1 
ATOM   789  C CB  . LYS B 1 23 ? 5.978   5.667   -17.331 1.00 22.83 ? 63  LYS A CB  1 
ATOM   790  C CG  . LYS B 1 23 ? 6.957   6.698   -16.780 1.00 26.94 ? 63  LYS A CG  1 
ATOM   791  C CD  . LYS B 1 23 ? 6.613   8.101   -17.276 1.00 34.55 ? 63  LYS A CD  1 
ATOM   792  C CE  . LYS B 1 23 ? 7.544   9.148   -16.682 1.00 40.68 ? 63  LYS A CE  1 
ATOM   793  N NZ  . LYS B 1 23 ? 7.426   9.221   -15.198 1.00 40.37 ? 63  LYS A NZ  1 
ATOM   794  N N   . GLU B 1 24 ? 5.350   4.280   -14.560 1.00 16.84 ? 64  GLU A N   1 
ATOM   795  C CA  . GLU B 1 24 ? 5.481   4.240   -13.110 1.00 16.64 ? 64  GLU A CA  1 
ATOM   796  C C   . GLU B 1 24 ? 6.067   2.912   -12.654 1.00 14.69 ? 64  GLU A C   1 
ATOM   797  O O   . GLU B 1 24 ? 6.877   2.872   -11.721 1.00 14.79 ? 64  GLU A O   1 
ATOM   798  C CB  . GLU B 1 24 ? 4.123   4.491   -12.454 1.00 21.16 ? 64  GLU A CB  1 
ATOM   799  C CG  . GLU B 1 24 ? 3.656   5.937   -12.581 1.00 21.87 ? 64  GLU A CG  1 
ATOM   800  C CD  . GLU B 1 24 ? 2.179   6.117   -12.270 1.00 32.29 ? 64  GLU A CD  1 
ATOM   801  O OE1 . GLU B 1 24 ? 1.437   5.112   -12.285 1.00 29.99 ? 64  GLU A OE1 1 
ATOM   802  O OE2 . GLU B 1 24 ? 1.766   7.270   -12.018 1.00 32.63 ? 64  GLU A OE2 1 
ATOM   803  N N   . ILE B 1 25 ? 5.681   1.814   -13.308 1.00 14.50 ? 65  ILE A N   1 
ATOM   804  C CA  . ILE B 1 25 ? 6.238   0.518   -12.935 1.00 12.50 ? 65  ILE A CA  1 
ATOM   805  C C   . ILE B 1 25 ? 7.713   0.430   -13.319 1.00 13.56 ? 65  ILE A C   1 
ATOM   806  O O   . ILE B 1 25 ? 8.539   -0.062  -12.541 1.00 12.73 ? 65  ILE A O   1 
ATOM   807  C CB  . ILE B 1 25 ? 5.408   -0.611  -13.563 1.00 13.62 ? 65  ILE A CB  1 
ATOM   808  C CG1 . ILE B 1 25 ? 4.009   -0.610  -12.947 1.00 16.21 ? 65  ILE A CG1 1 
ATOM   809  C CG2 . ILE B 1 25 ? 6.084   -1.957  -13.348 1.00 15.83 ? 65  ILE A CG2 1 
ATOM   810  C CD1 . ILE B 1 25 ? 3.028   -1.470  -13.680 1.00 18.64 ? 65  ILE A CD1 1 
ATOM   811  N N   . LEU B 1 26 ? 8.067   0.910   -14.518 1.00 13.27 ? 66  LEU A N   1 
ATOM   812  C CA  . LEU B 1 26 ? 9.472   0.948   -14.923 1.00 11.69 ? 66  LEU A CA  1 
ATOM   813  C C   . LEU B 1 26 ? 10.312  1.746   -13.931 1.00 13.64 ? 66  LEU A C   1 
ATOM   814  O O   . LEU B 1 26 ? 11.447  1.362   -13.612 1.00 14.36 ? 66  LEU A O   1 
ATOM   815  C CB  . LEU B 1 26 ? 9.576   1.553   -16.327 1.00 15.35 ? 66  LEU A CB  1 
ATOM   816  C CG  . LEU B 1 26 ? 10.730  1.162   -17.240 1.00 22.85 ? 66  LEU A CG  1 
ATOM   817  C CD1 . LEU B 1 26 ? 10.771  -0.347  -17.435 1.00 17.15 ? 66  LEU A CD1 1 
ATOM   818  C CD2 . LEU B 1 26 ? 10.556  1.876   -18.576 1.00 21.39 ? 66  LEU A CD2 1 
ATOM   819  N N   . ASP B 1 27 ? 9.772   2.861   -13.427 1.00 12.88 ? 67  ASP A N   1 
ATOM   820  C CA  . ASP B 1 27 ? 10.511  3.668   -12.458 1.00 13.87 ? 67  ASP A CA  1 
ATOM   821  C C   . ASP B 1 27 ? 10.649  2.946   -11.122 1.00 12.79 ? 67  ASP A C   1 
ATOM   822  O O   . ASP B 1 27 ? 11.705  3.019   -10.488 1.00 12.46 ? 67  ASP A O   1 
ATOM   823  C CB  . ASP B 1 27 ? 9.826   5.019   -12.259 1.00 16.41 ? 67  ASP A CB  1 
ATOM   824  C CG  . ASP B 1 27 ? 9.978   5.940   -13.457 1.00 22.94 ? 67  ASP A CG  1 
ATOM   825  O OD1 . ASP B 1 27 ? 10.824  5.667   -14.336 1.00 21.18 ? 67  ASP A OD1 1 
ATOM   826  O OD2 . ASP B 1 27 ? 9.247   6.956   -13.509 1.00 23.79 ? 67  ASP A OD2 1 
ATOM   827  N N   . PHE B 1 28 ? 9.589   2.259   -10.664 1.00 12.12 ? 68  PHE A N   1 
ATOM   828  C CA  . PHE B 1 28 ? 9.719   1.427   -9.471  1.00 10.52 ? 68  PHE A CA  1 
ATOM   829  C C   . PHE B 1 28 ? 10.834  0.408   -9.660  1.00 9.82  ? 68  PHE A C   1 
ATOM   830  O O   . PHE B 1 28 ? 11.626  0.160   -8.744  1.00 10.48 ? 68  PHE A O   1 
ATOM   831  C CB  . PHE B 1 28 ? 8.380   0.736   -9.171  1.00 11.45 ? 68  PHE A CB  1 
ATOM   832  C CG  . PHE B 1 28 ? 8.419   -0.201  -7.992  1.00 10.06 ? 68  PHE A CG  1 
ATOM   833  C CD1 . PHE B 1 28 ? 8.422   0.284   -6.686  1.00 13.17 ? 68  PHE A CD1 1 
ATOM   834  C CD2 . PHE B 1 28 ? 8.435   -1.575  -8.197  1.00 11.82 ? 68  PHE A CD2 1 
ATOM   835  C CE1 . PHE B 1 28 ? 8.452   -0.596  -5.599  1.00 13.55 ? 68  PHE A CE1 1 
ATOM   836  C CE2 . PHE B 1 28 ? 8.464   -2.458  -7.114  1.00 12.73 ? 68  PHE A CE2 1 
ATOM   837  C CZ  . PHE B 1 28 ? 8.467   -1.970  -5.818  1.00 11.99 ? 68  PHE A CZ  1 
ATOM   838  N N   . LEU B 1 29 ? 10.927  -0.158  -10.864 1.00 8.92  ? 69  LEU A N   1 
ATOM   839  C CA  . LEU B 1 29 ? 11.953  -1.130  -11.226 1.00 11.69 ? 69  LEU A CA  1 
ATOM   840  C C   . LEU B 1 29 ? 13.186  -0.489  -11.854 1.00 12.82 ? 69  LEU A C   1 
ATOM   841  O O   . LEU B 1 29 ? 13.865  -1.136  -12.661 1.00 10.52 ? 69  LEU A O   1 
ATOM   842  C CB  . LEU B 1 29 ? 11.366  -2.171  -12.182 1.00 12.40 ? 69  LEU A CB  1 
ATOM   843  C CG  . LEU B 1 29 ? 10.164  -2.956  -11.660 1.00 11.76 ? 69  LEU A CG  1 
ATOM   844  C CD1 . LEU B 1 29 ? 9.603   -3.829  -12.772 1.00 14.89 ? 69  LEU A CD1 1 
ATOM   845  C CD2 . LEU B 1 29 ? 10.589  -3.794  -10.467 1.00 14.34 ? 69  LEU A CD2 1 
ATOM   846  N N   . GLU B 1 30 ? 13.494  0.765   -11.498 1.00 10.35 ? 70  GLU A N   1 
ATOM   847  C CA  . GLU B 1 30 ? 14.551  1.501   -12.196 1.00 11.85 ? 70  GLU A CA  1 
ATOM   848  C C   . GLU B 1 30 ? 15.895  0.775   -12.178 1.00 13.12 ? 70  GLU A C   1 
ATOM   849  O O   . GLU B 1 30 ? 16.664  0.884   -13.138 1.00 12.86 ? 70  GLU A O   1 
ATOM   850  C CB  . GLU B 1 30 ? 14.698  2.903   -11.595 1.00 10.49 ? 70  GLU A CB  1 
ATOM   851  C CG  . GLU B 1 30 ? 14.919  2.912   -10.091 1.00 15.38 ? 70  GLU A CG  1 
ATOM   852  C CD  . GLU B 1 30 ? 14.745  4.290   -9.459  1.00 17.13 ? 70  GLU A CD  1 
ATOM   853  O OE1 . GLU B 1 30 ? 14.870  4.381   -8.221  1.00 17.88 ? 70  GLU A OE1 1 
ATOM   854  O OE2 . GLU B 1 30 ? 14.483  5.269   -10.186 1.00 20.28 ? 70  GLU A OE2 1 
ATOM   855  N N   . ASN B 1 31 ? 16.202  0.033   -11.122 1.00 11.77 ? 71  ASN A N   1 
ATOM   856  C CA  . ASN B 1 31 ? 17.507  -0.608  -11.050 1.00 12.56 ? 71  ASN A CA  1 
ATOM   857  C C   . ASN B 1 31 ? 17.492  -2.016  -11.598 1.00 12.45 ? 71  ASN A C   1 
ATOM   858  O O   . ASN B 1 31 ? 18.486  -2.735  -11.461 1.00 13.18 ? 71  ASN A O   1 
ATOM   859  C CB  . ASN B 1 31 ? 18.016  -0.587  -9.616  1.00 13.51 ? 71  ASN A CB  1 
ATOM   860  C CG  . ASN B 1 31 ? 18.378  0.817   -9.180  1.00 14.31 ? 71  ASN A CG  1 
ATOM   861  O OD1 . ASN B 1 31 ? 18.842  1.618   -9.993  1.00 14.75 ? 71  ASN A OD1 1 
ATOM   862  N ND2 . ASN B 1 31 ? 18.158  1.132   -7.912  1.00 14.81 ? 71  ASN A ND2 1 
ATOM   863  N N   . VAL B 1 32 ? 16.398  -2.406  -12.234 1.00 9.93  ? 72  VAL A N   1 
ATOM   864  C CA  . VAL B 1 32 ? 16.233  -3.711  -12.855 1.00 8.92  ? 72  VAL A CA  1 
ATOM   865  C C   . VAL B 1 32 ? 16.303  -3.520  -14.361 1.00 9.29  ? 72  VAL A C   1 
ATOM   866  O O   . VAL B 1 32 ? 15.711  -2.578  -14.895 1.00 10.19 ? 72  VAL A O   1 
ATOM   867  C CB  . VAL B 1 32 ? 14.877  -4.308  -12.434 1.00 8.87  ? 72  VAL A CB  1 
ATOM   868  C CG1 . VAL B 1 32 ? 14.628  -5.652  -13.096 1.00 11.50 ? 72  VAL A CG1 1 
ATOM   869  C CG2 . VAL B 1 32 ? 14.796  -4.401  -10.908 1.00 10.10 ? 72  VAL A CG2 1 
ATOM   870  N N   . ASN B 1 33 ? 17.013  -4.405  -15.051 1.00 10.51 ? 73  ASN A N   1 
ATOM   871  C CA  . ASN B 1 33 ? 17.018  -4.371  -16.514 1.00 9.28  ? 73  ASN A CA  1 
ATOM   872  C C   . ASN B 1 33 ? 15.773  -5.105  -17.003 1.00 10.82 ? 73  ASN A C   1 
ATOM   873  O O   . ASN B 1 33 ? 15.711  -6.339  -16.975 1.00 10.77 ? 73  ASN A O   1 
ATOM   874  C CB  . ASN B 1 33 ? 18.292  -4.998  -17.063 1.00 10.63 ? 73  ASN A CB  1 
ATOM   875  C CG  . ASN B 1 33 ? 19.533  -4.252  -16.628 1.00 11.52 ? 73  ASN A CG  1 
ATOM   876  O OD1 . ASN B 1 33 ? 19.736  -3.083  -16.990 1.00 12.50 ? 73  ASN A OD1 1 
ATOM   877  N ND2 . ASN B 1 33 ? 20.381  -4.916  -15.854 1.00 11.94 ? 73  ASN A ND2 1 
ATOM   878  N N   . VAL B 1 34 ? 14.770  -4.339  -17.424 1.00 9.65  ? 74  VAL A N   1 
ATOM   879  C CA  . VAL B 1 34 ? 13.505  -4.877  -17.912 1.00 11.59 ? 74  VAL A CA  1 
ATOM   880  C C   . VAL B 1 34 ? 13.614  -5.061  -19.417 1.00 10.99 ? 74  VAL A C   1 
ATOM   881  O O   . VAL B 1 34 ? 14.006  -4.128  -20.134 1.00 12.56 ? 74  VAL A O   1 
ATOM   882  C CB  . VAL B 1 34 ? 12.343  -3.938  -17.549 1.00 9.98  ? 74  VAL A CB  1 
ATOM   883  C CG1 . VAL B 1 34 ? 11.051  -4.398  -18.197 1.00 11.19 ? 74  VAL A CG1 1 
ATOM   884  C CG2 . VAL B 1 34 ? 12.176  -3.860  -16.048 1.00 11.05 ? 74  VAL A CG2 1 
ATOM   885  N N   . THR B 1 35 ? 13.272  -6.256  -19.899 1.00 11.98 ? 75  THR A N   1 
ATOM   886  C CA  . THR B 1 35 ? 13.416  -6.565  -21.318 1.00 12.80 ? 75  THR A CA  1 
ATOM   887  C C   . THR B 1 35 ? 12.499  -5.673  -22.155 1.00 15.18 ? 75  THR A C   1 
ATOM   888  O O   . THR B 1 35 ? 11.281  -5.662  -21.956 1.00 16.87 ? 75  THR A O   1 
ATOM   889  C CB  . THR B 1 35 ? 13.085  -8.038  -21.566 1.00 15.87 ? 75  THR A CB  1 
ATOM   890  O OG1 . THR B 1 35 ? 13.935  -8.880  -20.770 1.00 15.84 ? 75  THR A OG1 1 
ATOM   891  C CG2 . THR B 1 35 ? 13.244  -8.392  -23.047 1.00 17.32 ? 75  THR A CG2 1 
ATOM   892  N N   . ASN B 1 36 ? 13.092  -4.925  -23.092 1.00 18.80 ? 76  ASN A N   1 
ATOM   893  C CA  . ASN B 1 36 ? 12.353  -4.023  -23.982 1.00 19.76 ? 76  ASN A CA  1 
ATOM   894  C C   . ASN B 1 36 ? 11.643  -2.915  -23.212 1.00 21.65 ? 76  ASN A C   1 
ATOM   895  O O   . ASN B 1 36 ? 10.638  -2.375  -23.680 1.00 20.37 ? 76  ASN A O   1 
ATOM   896  C CB  . ASN B 1 36 ? 11.345  -4.784  -24.853 1.00 22.95 ? 76  ASN A CB  1 
ATOM   897  C CG  . ASN B 1 36 ? 12.009  -5.739  -25.822 1.00 28.59 ? 76  ASN A CG  1 
ATOM   898  O OD1 . ASN B 1 36 ? 13.070  -5.444  -26.379 1.00 34.30 ? 76  ASN A OD1 1 
ATOM   899  N ND2 . ASN B 1 36 ? 11.387  -6.896  -26.031 1.00 37.14 ? 76  ASN A ND2 1 
ATOM   900  N N   . GLY B 1 37 ? 12.154  -2.569  -22.033 1.00 14.71 ? 77  GLY A N   1 
ATOM   901  C CA  . GLY B 1 37 ? 11.607  -1.438  -21.294 1.00 17.19 ? 77  GLY A CA  1 
ATOM   902  C C   . GLY B 1 37 ? 10.126  -1.601  -20.999 1.00 17.63 ? 77  GLY A C   1 
ATOM   903  O O   . GLY B 1 37 ? 9.678   -2.626  -20.475 1.00 18.40 ? 77  GLY A O   1 
ATOM   904  N N   . SER B 1 38 ? 9.350   -0.571  -21.343 1.00 17.99 ? 78  SER A N   1 
ATOM   905  C CA  . SER B 1 38 ? 7.923   -0.573  -21.040 1.00 18.34 ? 78  SER A CA  1 
ATOM   906  C C   . SER B 1 38 ? 7.198   -1.753  -21.682 1.00 18.25 ? 78  SER A C   1 
ATOM   907  O O   . SER B 1 38 ? 6.209   -2.251  -21.124 1.00 18.30 ? 78  SER A O   1 
ATOM   908  C CB  . SER B 1 38 ? 7.307   0.757   -21.492 1.00 20.32 ? 78  SER A CB  1 
ATOM   909  O OG  . SER B 1 38 ? 5.899   0.694   -21.475 1.00 27.42 ? 78  SER A OG  1 
ATOM   910  N N   . ALA B 1 39 ? 7.676   -2.228  -22.840 1.00 17.80 ? 79  ALA A N   1 
ATOM   911  C CA  . ALA B 1 39 ? 7.064   -3.360  -23.527 1.00 18.32 ? 79  ALA A CA  1 
ATOM   912  C C   . ALA B 1 39 ? 7.248   -4.679  -22.785 1.00 17.42 ? 79  ALA A C   1 
ATOM   913  O O   . ALA B 1 39 ? 6.588   -5.667  -23.132 1.00 17.98 ? 79  ALA A O   1 
ATOM   914  C CB  . ALA B 1 39 ? 7.630   -3.493  -24.941 1.00 19.76 ? 79  ALA A CB  1 
ATOM   915  N N   . GLY B 1 40 ? 8.132   -4.725  -21.794 1.00 16.03 ? 80  GLY A N   1 
ATOM   916  C CA  . GLY B 1 40 ? 8.300   -5.917  -20.995 1.00 15.58 ? 80  GLY A CA  1 
ATOM   917  C C   . GLY B 1 40 ? 7.383   -5.999  -19.804 1.00 13.95 ? 80  GLY A C   1 
ATOM   918  O O   . GLY B 1 40 ? 7.439   -6.980  -19.054 1.00 13.22 ? 80  GLY A O   1 
ATOM   919  N N   . ILE B 1 41 ? 6.522   -5.000  -19.615 1.00 12.81 ? 81  ILE A N   1 
ATOM   920  C CA  . ILE B 1 41 ? 5.605   -4.937  -18.483 1.00 13.09 ? 81  ILE A CA  1 
ATOM   921  C C   . ILE B 1 41 ? 4.210   -5.290  -18.976 1.00 14.78 ? 81  ILE A C   1 
ATOM   922  O O   . ILE B 1 41 ? 3.697   -4.662  -19.912 1.00 17.59 ? 81  ILE A O   1 
ATOM   923  C CB  . ILE B 1 41 ? 5.625   -3.549  -17.831 1.00 14.74 ? 81  ILE A CB  1 
ATOM   924  C CG1 . ILE B 1 41 ? 7.016   -3.289  -17.240 1.00 12.96 ? 81  ILE A CG1 1 
ATOM   925  C CG2 . ILE B 1 41 ? 4.509   -3.413  -16.788 1.00 16.11 ? 81  ILE A CG2 1 
ATOM   926  C CD1 . ILE B 1 41 ? 7.349   -1.822  -17.011 1.00 17.64 ? 81  ILE A CD1 1 
ATOM   927  N N   . HIS B 1 42 ? 3.589   -6.270  -18.336 1.00 13.56 ? 82  HIS A N   1 
ATOM   928  C CA  . HIS B 1 42 ? 2.288   -6.771  -18.767 1.00 13.44 ? 82  HIS A CA  1 
ATOM   929  C C   . HIS B 1 42 ? 1.323   -6.679  -17.595 1.00 14.15 ? 82  HIS A C   1 
ATOM   930  O O   . HIS B 1 42 ? 1.411   -7.464  -16.648 1.00 13.93 ? 82  HIS A O   1 
ATOM   931  C CB  . HIS B 1 42 ? 2.409   -8.200  -19.287 1.00 15.94 ? 82  HIS A CB  1 
ATOM   932  C CG  . HIS B 1 42 ? 3.488   -8.369  -20.315 1.00 20.63 ? 82  HIS A CG  1 
ATOM   933  N ND1 . HIS B 1 42 ? 3.332   -7.984  -21.628 1.00 22.37 ? 82  HIS A ND1 1 
ATOM   934  C CD2 . HIS B 1 42 ? 4.751   -8.846  -20.210 1.00 18.06 ? 82  HIS A CD2 1 
ATOM   935  C CE1 . HIS B 1 42 ? 4.445   -8.233  -22.295 1.00 22.99 ? 82  HIS A CE1 1 
ATOM   936  N NE2 . HIS B 1 42 ? 5.325   -8.752  -21.456 1.00 20.49 ? 82  HIS A NE2 1 
ATOM   937  N N   . LEU B 1 43 ? 0.403   -5.721  -17.660 1.00 13.15 ? 83  LEU A N   1 
ATOM   938  C CA  . LEU B 1 43 ? -0.576  -5.524  -16.600 1.00 15.31 ? 83  LEU A CA  1 
ATOM   939  C C   . LEU B 1 43 ? -1.655  -6.593  -16.690 1.00 15.08 ? 83  LEU A C   1 
ATOM   940  O O   . LEU B 1 43 ? -2.184  -6.865  -17.778 1.00 19.11 ? 83  LEU A O   1 
ATOM   941  C CB  . LEU B 1 43 ? -1.198  -4.132  -16.710 1.00 16.60 ? 83  LEU A CB  1 
ATOM   942  C CG  . LEU B 1 43 ? -0.175  -3.005  -16.632 1.00 20.79 ? 83  LEU A CG  1 
ATOM   943  C CD1 . LEU B 1 43 ? -0.837  -1.644  -16.792 1.00 24.17 ? 83  LEU A CD1 1 
ATOM   944  C CD2 . LEU B 1 43 ? 0.532   -3.107  -15.317 1.00 24.37 ? 83  LEU A CD2 1 
ATOM   945  N N   . VAL B 1 44 ? -1.993  -7.190  -15.553 1.00 12.38 ? 84  VAL A N   1 
ATOM   946  C CA  . VAL B 1 44 ? -2.999  -8.245  -15.527 1.00 12.48 ? 84  VAL A CA  1 
ATOM   947  C C   . VAL B 1 44 ? -4.380  -7.609  -15.482 1.00 14.85 ? 84  VAL A C   1 
ATOM   948  O O   . VAL B 1 44 ? -4.629  -6.701  -14.681 1.00 14.92 ? 84  VAL A O   1 
ATOM   949  C CB  . VAL B 1 44 ? -2.791  -9.174  -14.323 1.00 13.31 ? 84  VAL A CB  1 
ATOM   950  C CG1 . VAL B 1 44 ? -3.887  -10.224 -14.276 1.00 15.48 ? 84  VAL A CG1 1 
ATOM   951  C CG2 . VAL B 1 44 ? -1.418  -9.840  -14.381 1.00 17.35 ? 84  VAL A CG2 1 
ATOM   952  N N   . THR B 1 45 ? -5.280  -8.091  -16.334 1.00 16.69 ? 85  THR A N   1 
ATOM   953  C CA  A THR B 1 45 ? -6.653  -7.623  -16.393 0.53 17.48 ? 85  THR A CA  1 
ATOM   954  C CA  B THR B 1 45 ? -6.655  -7.619  -16.376 0.47 17.47 ? 85  THR A CA  1 
ATOM   955  C C   . THR B 1 45 ? -7.592  -8.720  -15.895 1.00 18.34 ? 85  THR A C   1 
ATOM   956  O O   . THR B 1 45 ? -7.418  -9.893  -16.234 1.00 19.82 ? 85  THR A O   1 
ATOM   957  C CB  A THR B 1 45 ? -7.000  -7.207  -17.825 0.53 15.92 ? 85  THR A CB  1 
ATOM   958  C CB  B THR B 1 45 ? -7.065  -7.175  -17.783 0.47 15.93 ? 85  THR A CB  1 
ATOM   959  O OG1 A THR B 1 45 ? -6.200  -6.075  -18.189 0.53 17.60 ? 85  THR A OG1 1 
ATOM   960  O OG1 B THR B 1 45 ? -7.206  -8.321  -18.632 0.47 19.47 ? 85  THR A OG1 1 
ATOM   961  C CG2 A THR B 1 45 ? -8.451  -6.835  -17.949 0.53 17.66 ? 85  THR A CG2 1 
ATOM   962  C CG2 B THR B 1 45 ? -6.025  -6.244  -18.369 0.47 17.75 ? 85  THR A CG2 1 
ATOM   963  N N   . SER B 1 46 ? -8.566  -8.324  -15.083 1.00 15.39 ? 86  SER A N   1 
ATOM   964  C CA  . SER B 1 46 ? -9.535  -9.259  -14.534 1.00 15.65 ? 86  SER A CA  1 
ATOM   965  C C   . SER B 1 46 ? -10.388 -9.876  -15.636 1.00 17.92 ? 86  SER A C   1 
ATOM   966  O O   . SER B 1 46 ? -10.850 -9.188  -16.551 1.00 17.53 ? 86  SER A O   1 
ATOM   967  C CB  . SER B 1 46 ? -10.427 -8.539  -13.525 1.00 19.20 ? 86  SER A CB  1 
ATOM   968  O OG  . SER B 1 46 ? -11.571 -9.301  -13.200 1.00 18.84 ? 86  SER A OG  1 
ATOM   969  N N   . ARG B 1 47 ? -10.583 -11.189 -15.554 1.00 19.97 ? 87  ARG A N   1 
ATOM   970  C CA  . ARG B 1 47 ? -11.501 -11.868 -16.454 1.00 19.44 ? 87  ARG A CA  1 
ATOM   971  C C   . ARG B 1 47 ? -12.937 -11.741 -15.982 1.00 23.56 ? 87  ARG A C   1 
ATOM   972  O O   . ARG B 1 47 ? -13.844 -12.242 -16.654 1.00 24.31 ? 87  ARG A O   1 
ATOM   973  C CB  . ARG B 1 47 ? -11.102 -13.344 -16.588 1.00 23.12 ? 87  ARG A CB  1 
ATOM   974  C CG  . ARG B 1 47 ? -9.592  -13.545 -16.596 1.00 32.89 ? 87  ARG A CG  1 
ATOM   975  C CD  . ARG B 1 47 ? -9.177  -14.959 -16.970 1.00 38.93 ? 87  ARG A CD  1 
ATOM   976  N NE  . ARG B 1 47 ? -8.763  -15.037 -18.366 1.00 40.44 ? 87  ARG A NE  1 
ATOM   977  C CZ  . ARG B 1 47 ? -9.458  -15.651 -19.316 1.00 47.45 ? 87  ARG A CZ  1 
ATOM   978  N NH1 . ARG B 1 47 ? -10.600 -16.256 -19.016 1.00 48.77 ? 87  ARG A NH1 1 
ATOM   979  N NH2 . ARG B 1 47 ? -9.007  -15.669 -20.566 1.00 51.54 ? 87  ARG A NH2 1 
ATOM   980  N N   . VAL B 1 48 ? -13.152 -11.073 -14.853 1.00 18.60 ? 88  VAL A N   1 
ATOM   981  C CA  . VAL B 1 48 ? -14.475 -10.831 -14.305 1.00 23.64 ? 88  VAL A CA  1 
ATOM   982  C C   . VAL B 1 48 ? -15.003 -9.461  -14.707 1.00 19.09 ? 88  VAL A C   1 
ATOM   983  O O   . VAL B 1 48 ? -16.119 -9.347  -15.218 1.00 20.35 ? 88  VAL A O   1 
ATOM   984  C CB  . VAL B 1 48 ? -14.445 -10.996 -12.767 1.00 26.58 ? 88  VAL A CB  1 
ATOM   985  C CG1 . VAL B 1 48 ? -15.754 -10.531 -12.151 1.00 26.42 ? 88  VAL A CG1 1 
ATOM   986  C CG2 . VAL B 1 48 ? -14.156 -12.443 -12.406 1.00 25.78 ? 88  VAL A CG2 1 
ATOM   987  N N   . ASP B 1 49 ? -14.217 -8.396  -14.505 1.00 18.11 ? 89  ASP A N   1 
ATOM   988  C CA  . ASP B 1 49 ? -14.702 -7.054  -14.814 1.00 16.86 ? 89  ASP A CA  1 
ATOM   989  C C   . ASP B 1 49 ? -13.858 -6.297  -15.834 1.00 16.63 ? 89  ASP A C   1 
ATOM   990  O O   . ASP B 1 49 ? -14.184 -5.143  -16.145 1.00 18.91 ? 89  ASP A O   1 
ATOM   991  C CB  . ASP B 1 49 ? -14.856 -6.216  -13.533 1.00 17.32 ? 89  ASP A CB  1 
ATOM   992  C CG  . ASP B 1 49 ? -13.542 -5.959  -12.805 1.00 22.89 ? 89  ASP A CG  1 
ATOM   993  O OD1 . ASP B 1 49 ? -12.455 -6.094  -13.406 1.00 17.62 ? 89  ASP A OD1 1 
ATOM   994  O OD2 . ASP B 1 49 ? -13.616 -5.594  -11.615 1.00 24.07 ? 89  ASP A OD2 1 
ATOM   995  N N   . GLY B 1 50 ? -12.807 -6.910  -16.378 1.00 16.22 ? 90  GLY A N   1 
ATOM   996  C CA  . GLY B 1 50 ? -12.045 -6.301  -17.447 1.00 15.27 ? 90  GLY A CA  1 
ATOM   997  C C   . GLY B 1 50 ? -11.146 -5.158  -17.033 1.00 16.50 ? 90  GLY A C   1 
ATOM   998  O O   . GLY B 1 50 ? -10.552 -4.517  -17.905 1.00 21.99 ? 90  GLY A O   1 
ATOM   999  N N   . LYS B 1 51 ? -11.017 -4.888  -15.739 1.00 16.48 ? 91  LYS A N   1 
ATOM   1000 C CA  . LYS B 1 51 ? -10.162 -3.815  -15.251 1.00 15.30 ? 91  LYS A CA  1 
ATOM   1001 C C   . LYS B 1 51 ? -8.872  -4.391  -14.680 1.00 15.84 ? 91  LYS A C   1 
ATOM   1002 O O   . LYS B 1 51 ? -8.817  -5.551  -14.268 1.00 15.90 ? 91  LYS A O   1 
ATOM   1003 C CB  . LYS B 1 51 ? -10.894 -2.986  -14.189 1.00 17.92 ? 91  LYS A CB  1 
ATOM   1004 C CG  . LYS B 1 51 ? -12.267 -2.480  -14.673 1.00 18.72 ? 91  LYS A CG  1 
ATOM   1005 C CD  . LYS B 1 51 ? -13.073 -1.792  -13.581 1.00 20.70 ? 91  LYS A CD  1 
ATOM   1006 C CE  . LYS B 1 51 ? -14.514 -1.596  -14.055 1.00 23.46 ? 91  LYS A CE  1 
ATOM   1007 N NZ  . LYS B 1 51 ? -15.417 -1.035  -13.013 1.00 24.75 ? 91  LYS A NZ  1 
ATOM   1008 N N   . ASN B 1 52 ? -7.828  -3.564  -14.670 1.00 14.93 ? 92  ASN A N   1 
ATOM   1009 C CA  . ASN B 1 52 ? -6.549  -4.024  -14.139 1.00 14.57 ? 92  ASN A CA  1 
ATOM   1010 C C   . ASN B 1 52 ? -6.678  -4.381  -12.663 1.00 14.53 ? 92  ASN A C   1 
ATOM   1011 O O   . ASN B 1 52 ? -7.429  -3.752  -11.911 1.00 17.62 ? 92  ASN A O   1 
ATOM   1012 C CB  . ASN B 1 52 ? -5.471  -2.959  -14.328 1.00 14.96 ? 92  ASN A CB  1 
ATOM   1013 C CG  . ASN B 1 52 ? -5.086  -2.773  -15.780 1.00 18.46 ? 92  ASN A CG  1 
ATOM   1014 O OD1 . ASN B 1 52 ? -5.466  -3.567  -16.645 1.00 24.07 ? 92  ASN A OD1 1 
ATOM   1015 N ND2 . ASN B 1 52 ? -4.314  -1.725  -16.054 1.00 30.78 ? 92  ASN A ND2 1 
ATOM   1016 N N   . THR B 1 53 ? -5.925  -5.405  -12.248 1.00 15.84 ? 93  THR A N   1 
ATOM   1017 C CA  . THR B 1 53 ? -6.068  -6.005  -10.928 1.00 15.66 ? 93  THR A CA  1 
ATOM   1018 C C   . THR B 1 53 ? -5.054  -5.509  -9.909  1.00 17.60 ? 93  THR A C   1 
ATOM   1019 O O   . THR B 1 53 ? -5.196  -5.825  -8.721  1.00 20.08 ? 93  THR A O   1 
ATOM   1020 C CB  . THR B 1 53 ? -5.929  -7.525  -11.018 1.00 15.74 ? 93  THR A CB  1 
ATOM   1021 O OG1 . THR B 1 53 ? -4.594  -7.844  -11.441 1.00 14.78 ? 93  THR A OG1 1 
ATOM   1022 C CG2 . THR B 1 53 ? -6.921  -8.090  -12.022 1.00 17.55 ? 93  THR A CG2 1 
ATOM   1023 N N   . GLY B 1 54 ? -4.030  -4.780  -10.342 1.00 14.81 ? 94  GLY A N   1 
ATOM   1024 C CA  . GLY B 1 54 ? -2.918  -4.433  -9.485  1.00 15.76 ? 94  GLY A CA  1 
ATOM   1025 C C   . GLY B 1 54 ? -1.759  -5.401  -9.554  1.00 15.19 ? 94  GLY A C   1 
ATOM   1026 O O   . GLY B 1 54 ? -0.782  -5.226  -8.812  1.00 13.13 ? 94  GLY A O   1 
ATOM   1027 N N   . GLU B 1 55 ? -1.841  -6.411  -10.413 1.00 13.01 ? 95  GLU A N   1 
ATOM   1028 C CA  . GLU B 1 55 ? -0.742  -7.326  -10.668 1.00 11.42 ? 95  GLU A CA  1 
ATOM   1029 C C   . GLU B 1 55 ? -0.113  -7.032  -12.020 1.00 12.43 ? 95  GLU A C   1 
ATOM   1030 O O   . GLU B 1 55 ? -0.773  -6.548  -12.938 1.00 13.10 ? 95  GLU A O   1 
ATOM   1031 C CB  . GLU B 1 55 ? -1.204  -8.780  -10.639 1.00 15.39 ? 95  GLU A CB  1 
ATOM   1032 C CG  . GLU B 1 55 ? -1.413  -9.345  -9.253  1.00 19.38 ? 95  GLU A CG  1 
ATOM   1033 C CD  . GLU B 1 55 ? -1.437  -10.858 -9.271  1.00 24.56 ? 95  GLU A CD  1 
ATOM   1034 O OE1 . GLU B 1 55 ? -2.036  -11.439 -10.207 1.00 23.86 ? 95  GLU A OE1 1 
ATOM   1035 O OE2 . GLU B 1 55 ? -0.834  -11.463 -8.368  1.00 22.45 ? 95  GLU A OE2 1 
ATOM   1036 N N   . ALA B 1 56 ? 1.176   -7.349  -12.140 1.00 12.24 ? 96  ALA A N   1 
ATOM   1037 C CA  . ALA B 1 56 ? 1.865   -7.241  -13.414 1.00 10.54 ? 96  ALA A CA  1 
ATOM   1038 C C   . ALA B 1 56 ? 2.897   -8.349  -13.506 1.00 10.73 ? 96  ALA A C   1 
ATOM   1039 O O   . ALA B 1 56 ? 3.490   -8.746  -12.495 1.00 13.39 ? 96  ALA A O   1 
ATOM   1040 C CB  . ALA B 1 56 ? 2.545   -5.880  -13.586 1.00 12.06 ? 96  ALA A CB  1 
ATOM   1041 N N   . TYR B 1 57 ? 3.101   -8.848  -14.723 1.00 12.00 ? 97  TYR A N   1 
ATOM   1042 C CA  . TYR B 1 57 ? 4.206   -9.739  -15.041 1.00 9.97  ? 97  TYR A CA  1 
ATOM   1043 C C   . TYR B 1 57 ? 5.225   -8.950  -15.841 1.00 11.12 ? 97  TYR A C   1 
ATOM   1044 O O   . TYR B 1 57 ? 4.870   -8.251  -16.795 1.00 11.29 ? 97  TYR A O   1 
ATOM   1045 C CB  . TYR B 1 57 ? 3.738   -10.969 -15.822 1.00 10.91 ? 97  TYR A CB  1 
ATOM   1046 C CG  . TYR B 1 57 ? 2.937   -11.915 -14.981 1.00 9.70  ? 97  TYR A CG  1 
ATOM   1047 C CD1 . TYR B 1 57 ? 1.598   -11.674 -14.714 1.00 12.59 ? 97  TYR A CD1 1 
ATOM   1048 C CD2 . TYR B 1 57 ? 3.520   -13.047 -14.439 1.00 12.86 ? 97  TYR A CD2 1 
ATOM   1049 C CE1 . TYR B 1 57 ? 0.865   -12.541 -13.926 1.00 12.42 ? 97  TYR A CE1 1 
ATOM   1050 C CE2 . TYR B 1 57 ? 2.796   -13.919 -13.656 1.00 14.05 ? 97  TYR A CE2 1 
ATOM   1051 C CZ  . TYR B 1 57 ? 1.466   -13.661 -13.399 1.00 13.87 ? 97  TYR A CZ  1 
ATOM   1052 O OH  . TYR B 1 57 ? 0.737   -14.528 -12.614 1.00 13.88 ? 97  TYR A OH  1 
ATOM   1053 N N   . VAL B 1 58 ? 6.484   -9.037  -15.439 1.00 10.32 ? 98  VAL A N   1 
ATOM   1054 C CA  . VAL B 1 58 ? 7.531   -8.212  -16.019 1.00 10.35 ? 98  VAL A CA  1 
ATOM   1055 C C   . VAL B 1 58 ? 8.649   -9.127  -16.490 1.00 11.31 ? 98  VAL A C   1 
ATOM   1056 O O   . VAL B 1 58 ? 9.168   -9.927  -15.704 1.00 10.17 ? 98  VAL A O   1 
ATOM   1057 C CB  . VAL B 1 58 ? 8.063   -7.189  -15.007 1.00 9.77  ? 98  VAL A CB  1 
ATOM   1058 C CG1 . VAL B 1 58 ? 9.140   -6.324  -15.659 1.00 11.91 ? 98  VAL A CG1 1 
ATOM   1059 C CG2 . VAL B 1 58 ? 6.914   -6.334  -14.470 1.00 11.81 ? 98  VAL A CG2 1 
ATOM   1060 N N   . GLU B 1 59 ? 9.012   -9.023  -17.766 1.00 10.66 ? 99  GLU A N   1 
ATOM   1061 C CA  . GLU B 1 59 ? 10.128  -9.791  -18.303 1.00 12.01 ? 99  GLU A CA  1 
ATOM   1062 C C   . GLU B 1 59 ? 11.428  -9.045  -18.030 1.00 10.89 ? 99  GLU A C   1 
ATOM   1063 O O   . GLU B 1 59 ? 11.526  -7.840  -18.294 1.00 11.42 ? 99  GLU A O   1 
ATOM   1064 C CB  . GLU B 1 59 ? 9.958   -10.032 -19.805 1.00 14.15 ? 99  GLU A CB  1 
ATOM   1065 C CG  . GLU B 1 59 ? 11.059  -10.919 -20.368 1.00 17.30 ? 99  GLU A CG  1 
ATOM   1066 C CD  . GLU B 1 59 ? 10.857  -11.286 -21.825 1.00 25.32 ? 99  GLU A CD  1 
ATOM   1067 O OE1 . GLU B 1 59 ? 11.719  -12.018 -22.356 1.00 27.05 ? 99  GLU A OE1 1 
ATOM   1068 O OE2 . GLU B 1 59 ? 9.844   -10.867 -22.430 1.00 27.49 ? 99  GLU A OE2 1 
ATOM   1069 N N   . VAL B 1 60 ? 12.410  -9.748  -17.474 1.00 12.01 ? 100 VAL A N   1 
ATOM   1070 C CA  . VAL B 1 60 ? 13.672  -9.135  -17.082 1.00 11.01 ? 100 VAL A CA  1 
ATOM   1071 C C   . VAL B 1 60 ? 14.814  -9.886  -17.753 1.00 12.03 ? 100 VAL A C   1 
ATOM   1072 O O   . VAL B 1 60 ? 14.686  -11.046 -18.150 1.00 11.92 ? 100 VAL A O   1 
ATOM   1073 C CB  . VAL B 1 60 ? 13.843  -9.094  -15.553 1.00 11.08 ? 100 VAL A CB  1 
ATOM   1074 C CG1 . VAL B 1 60 ? 12.682  -8.325  -14.937 1.00 11.49 ? 100 VAL A CG1 1 
ATOM   1075 C CG2 . VAL B 1 60 ? 13.921  -10.487 -14.978 1.00 11.86 ? 100 VAL A CG2 1 
ATOM   1076 N N   . ALA B 1 61 ? 15.952  -9.196  -17.866 1.00 12.57 ? 101 ALA A N   1 
ATOM   1077 C CA  . ALA B 1 61 ? 16.994  -9.631  -18.795 1.00 12.16 ? 101 ALA A CA  1 
ATOM   1078 C C   . ALA B 1 61 ? 17.783  -10.848 -18.326 1.00 13.17 ? 101 ALA A C   1 
ATOM   1079 O O   . ALA B 1 61 ? 18.303  -11.588 -19.164 1.00 18.14 ? 101 ALA A O   1 
ATOM   1080 C CB  . ALA B 1 61 ? 17.966  -8.482  -19.055 1.00 13.93 ? 101 ALA A CB  1 
ATOM   1081 N N   . SER B 1 62 ? 17.902  -11.069 -17.023 1.00 11.30 ? 102 SER A N   1 
ATOM   1082 C CA  . SER B 1 62 ? 18.860  -12.047 -16.522 1.00 12.63 ? 102 SER A CA  1 
ATOM   1083 C C   . SER B 1 62 ? 18.470  -12.475 -15.116 1.00 10.74 ? 102 SER A C   1 
ATOM   1084 O O   . SER B 1 62 ? 17.615  -11.866 -14.469 1.00 11.32 ? 102 SER A O   1 
ATOM   1085 C CB  . SER B 1 62 ? 20.266  -11.461 -16.481 1.00 11.45 ? 102 SER A CB  1 
ATOM   1086 O OG  . SER B 1 62 ? 20.316  -10.563 -15.376 1.00 14.20 ? 102 SER A OG  1 
ATOM   1087 N N   . GLN B 1 63 ? 19.162  -13.523 -14.741 1.00 11.31 ? 103 GLN A N   1 
ATOM   1088 C CA  A GLN B 1 63 ? 18.924  -13.929 -13.382 0.35 14.69 ? 103 GLN A CA  1 
ATOM   1089 C CA  B GLN B 1 63 ? 18.934  -13.934 -13.352 0.65 14.70 ? 103 GLN A CA  1 
ATOM   1090 C C   . GLN B 1 63 ? 19.156  -12.829 -12.189 1.00 12.26 ? 103 GLN A C   1 
ATOM   1091 O O   . GLN B 1 63 ? 18.457  -12.638 -11.198 1.00 11.17 ? 103 GLN A O   1 
ATOM   1092 C CB  A GLN B 1 63 ? 19.700  -15.226 -13.091 0.35 24.55 ? 103 GLN A CB  1 
ATOM   1093 C CB  B GLN B 1 63 ? 19.791  -15.164 -12.944 0.65 24.55 ? 103 GLN A CB  1 
ATOM   1094 C CG  A GLN B 1 63 ? 20.077  -15.520 -11.682 0.35 26.05 ? 103 GLN A CG  1 
ATOM   1095 C CG  B GLN B 1 63 ? 19.687  -15.600 -11.483 0.65 25.04 ? 103 GLN A CG  1 
ATOM   1096 C CD  A GLN B 1 63 ? 18.963  -15.479 -10.770 0.35 27.16 ? 103 GLN A CD  1 
ATOM   1097 C CD  B GLN B 1 63 ? 20.602  -14.887 -10.488 0.65 27.45 ? 103 GLN A CD  1 
ATOM   1098 O OE1 A GLN B 1 63 ? 17.896  -16.013 -11.057 0.35 28.13 ? 103 GLN A OE1 1 
ATOM   1099 O OE1 B GLN B 1 63 ? 21.773  -14.685 -10.727 0.65 24.58 ? 103 GLN A OE1 1 
ATOM   1100 N NE2 A GLN B 1 63 ? 19.203  -14.865 -9.583  0.35 26.05 ? 103 GLN A NE2 1 
ATOM   1101 N NE2 B GLN B 1 63 ? 20.041  -14.548 -9.351  0.65 24.55 ? 103 GLN A NE2 1 
ATOM   1102 N N   . GLU B 1 64 ? 20.257  -12.096 -12.474 1.00 8.68  ? 104 GLU A N   1 
ATOM   1103 C CA  . GLU B 1 64 ? 20.566  -11.064 -11.492 1.00 10.50 ? 104 GLU A CA  1 
ATOM   1104 C C   . GLU B 1 64 ? 19.466  -10.019 -11.443 1.00 8.02  ? 104 GLU A C   1 
ATOM   1105 O O   . GLU B 1 64 ? 19.225  -9.424  -10.387 1.00 8.36  ? 104 GLU A O   1 
ATOM   1106 C CB  . GLU B 1 64 ? 21.916  -10.419 -11.794 1.00 7.86  ? 104 GLU A CB  1 
ATOM   1107 C CG  . GLU B 1 64 ? 23.101  -11.402 -11.720 1.00 9.46  ? 104 GLU A CG  1 
ATOM   1108 C CD  . GLU B 1 64 ? 23.321  -12.236 -12.999 1.00 10.55 ? 104 GLU A CD  1 
ATOM   1109 O OE1 . GLU B 1 64 ? 22.667  -12.027 -14.031 1.00 11.37 ? 104 GLU A OE1 1 
ATOM   1110 O OE2 . GLU B 1 64 ? 24.185  -13.148 -12.969 1.00 13.69 ? 104 GLU A OE2 1 
ATOM   1111 N N   . ASP B 1 65 ? 18.769  -9.811  -12.566 1.00 9.81  ? 105 ASP A N   1 
ATOM   1112 C CA  . ASP B 1 65 ? 17.632  -8.892  -12.576 1.00 7.89  ? 105 ASP A CA  1 
ATOM   1113 C C   . ASP B 1 65 ? 16.440  -9.454  -11.808 1.00 9.51  ? 105 ASP A C   1 
ATOM   1114 O O   . ASP B 1 65 ? 15.704  -8.692  -11.176 1.00 9.71  ? 105 ASP A O   1 
ATOM   1115 C CB  . ASP B 1 65 ? 17.252  -8.566  -14.015 1.00 8.55  ? 105 ASP A CB  1 
ATOM   1116 C CG  . ASP B 1 65 ? 18.346  -7.819  -14.730 1.00 11.01 ? 105 ASP A CG  1 
ATOM   1117 O OD1 . ASP B 1 65 ? 18.730  -6.761  -14.222 1.00 11.44 ? 105 ASP A OD1 1 
ATOM   1118 O OD2 . ASP B 1 65 ? 18.820  -8.309  -15.779 1.00 11.51 ? 105 ASP A OD2 1 
ATOM   1119 N N   . VAL B 1 66 ? 16.218  -10.773 -11.864 1.00 9.80  ? 106 VAL A N   1 
ATOM   1120 C CA  . VAL B 1 66 ? 15.204  -11.389 -11.004 1.00 9.32  ? 106 VAL A CA  1 
ATOM   1121 C C   . VAL B 1 66 ? 15.533  -11.129 -9.544  1.00 9.87  ? 106 VAL A C   1 
ATOM   1122 O O   . VAL B 1 66 ? 14.676  -10.699 -8.756  1.00 8.95  ? 106 VAL A O   1 
ATOM   1123 C CB  . VAL B 1 66 ? 15.088  -12.901 -11.284 1.00 8.76  ? 106 VAL A CB  1 
ATOM   1124 C CG1 . VAL B 1 66 ? 14.109  -13.535 -10.314 1.00 8.56  ? 106 VAL A CG1 1 
ATOM   1125 C CG2 . VAL B 1 66 ? 14.641  -13.150 -12.724 1.00 8.94  ? 106 VAL A CG2 1 
ATOM   1126 N N   . GLU B 1 67 ? 16.795  -11.372 -9.168  1.00 9.97  ? 107 GLU A N   1 
ATOM   1127 C CA  . GLU B 1 67 ? 17.218  -11.169 -7.789  1.00 8.19  ? 107 GLU A CA  1 
ATOM   1128 C C   . GLU B 1 67 ? 17.040  -9.714  -7.374  1.00 9.58  ? 107 GLU A C   1 
ATOM   1129 O O   . GLU B 1 67 ? 16.544  -9.428  -6.279  1.00 10.07 ? 107 GLU A O   1 
ATOM   1130 C CB  . GLU B 1 67 ? 18.678  -11.604 -7.619  1.00 9.00  ? 107 GLU A CB  1 
ATOM   1131 C CG  . GLU B 1 67 ? 19.227  -11.304 -6.241  1.00 11.11 ? 107 GLU A CG  1 
ATOM   1132 C CD  . GLU B 1 67 ? 20.564  -11.963 -5.948  1.00 14.43 ? 107 GLU A CD  1 
ATOM   1133 O OE1 . GLU B 1 67 ? 21.116  -12.655 -6.829  1.00 14.80 ? 107 GLU A OE1 1 
ATOM   1134 O OE2 . GLU B 1 67 ? 21.060  -11.788 -4.817  1.00 14.46 ? 107 GLU A OE2 1 
ATOM   1135 N N   . GLU B 1 68 ? 17.431  -8.776  -8.240  1.00 9.90  ? 108 GLU A N   1 
ATOM   1136 C CA  . GLU B 1 68 ? 17.275  -7.360  -7.914  1.00 8.95  ? 108 GLU A CA  1 
ATOM   1137 C C   . GLU B 1 68 ? 15.802  -6.961  -7.830  1.00 8.52  ? 108 GLU A C   1 
ATOM   1138 O O   . GLU B 1 68 ? 15.416  -6.179  -6.947  1.00 8.85  ? 108 GLU A O   1 
ATOM   1139 C CB  . GLU B 1 68 ? 18.023  -6.511  -8.942  1.00 7.88  ? 108 GLU A CB  1 
ATOM   1140 C CG  . GLU B 1 68 ? 19.540  -6.553  -8.760  1.00 10.07 ? 108 GLU A CG  1 
ATOM   1141 C CD  . GLU B 1 68 ? 19.986  -5.945  -7.451  1.00 10.13 ? 108 GLU A CD  1 
ATOM   1142 O OE1 . GLU B 1 68 ? 21.010  -6.411  -6.898  1.00 9.37  ? 108 GLU A OE1 1 
ATOM   1143 O OE2 . GLU B 1 68 ? 19.315  -5.006  -6.975  1.00 10.78 ? 108 GLU A OE2 1 
ATOM   1144 N N   . ALA B 1 69 ? 14.953  -7.485  -8.717  1.00 8.83  ? 109 ALA A N   1 
ATOM   1145 C CA  . ALA B 1 69 ? 13.531  -7.180  -8.584  1.00 9.97  ? 109 ALA A CA  1 
ATOM   1146 C C   . ALA B 1 69 ? 12.996  -7.720  -7.265  1.00 10.92 ? 109 ALA A C   1 
ATOM   1147 O O   . ALA B 1 69 ? 12.215  -7.050  -6.577  1.00 8.45  ? 109 ALA A O   1 
ATOM   1148 C CB  . ALA B 1 69 ? 12.747  -7.747  -9.767  1.00 8.53  ? 109 ALA A CB  1 
ATOM   1149 N N   . ARG B 1 70 ? 13.467  -8.881  -6.880  1.00 8.64  ? 110 ARG A N   1 
ATOM   1150 C CA  . ARG B 1 70 ? 13.022  -9.462  -5.608  1.00 10.21 ? 110 ARG A CA  1 
ATOM   1151 C C   . ARG B 1 70 ? 13.459  -8.690  -4.348  1.00 10.79 ? 110 ARG A C   1 
ATOM   1152 O O   . ARG B 1 70 ? 12.835  -8.765  -3.336  1.00 9.37  ? 110 ARG A O   1 
ATOM   1153 C CB  . ARG B 1 70 ? 13.285  -10.962 -5.529  1.00 9.99  ? 110 ARG A CB  1 
ATOM   1154 C CG  . ARG B 1 70 ? 12.386  -11.822 -6.445  1.00 9.00  ? 110 ARG A CG  1 
ATOM   1155 C CD  . ARG B 1 70 ? 11.672  -12.899 -5.642  1.00 10.57 ? 110 ARG A CD  1 
ATOM   1156 N NE  . ARG B 1 70 ? 10.877  -12.360 -4.574  1.00 8.83  ? 110 ARG A NE  1 
ATOM   1157 C CZ  . ARG B 1 70 ? 11.135  -12.471 -3.290  1.00 8.90  ? 110 ARG A CZ  1 
ATOM   1158 N NH1 . ARG B 1 70 ? 12.181  -13.141 -2.855  1.00 10.92 ? 110 ARG A NH1 1 
ATOM   1159 N NH2 . ARG B 1 70 ? 10.300  -11.967 -2.460  1.00 10.77 ? 110 ARG A NH2 1 
ATOM   1160 N N   . LYS B 1 71 ? 14.523  -7.936  -4.489  1.00 10.22 ? 111 LYS A N   1 
ATOM   1161 C CA  . LYS B 1 71 ? 14.902  -7.045  -3.392  1.00 9.67  ? 111 LYS A CA  1 
ATOM   1162 C C   . LYS B 1 71 ? 13.882  -5.929  -3.187  1.00 11.50 ? 111 LYS A C   1 
ATOM   1163 O O   . LYS B 1 71 ? 13.851  -5.325  -2.108  1.00 13.53 ? 111 LYS A O   1 
ATOM   1164 C CB  . LYS B 1 71 ? 16.284  -6.435  -3.647  1.00 10.22 ? 111 LYS A CB  1 
ATOM   1165 C CG  . LYS B 1 71 ? 17.420  -7.445  -3.628  1.00 9.04  ? 111 LYS A CG  1 
ATOM   1166 C CD  . LYS B 1 71 ? 18.747  -6.731  -3.867  1.00 9.82  ? 111 LYS A CD  1 
ATOM   1167 C CE  . LYS B 1 71 ? 19.890  -7.736  -3.892  1.00 9.58  ? 111 LYS A CE  1 
ATOM   1168 N NZ  . LYS B 1 71 ? 21.221  -7.072  -4.174  1.00 9.74  ? 111 LYS A NZ  1 
ATOM   1169 N N   . LEU B 1 72 ? 13.072  -5.627  -4.199  1.00 9.83  ? 112 LEU A N   1 
ATOM   1170 C CA  . LEU B 1 72 ? 12.030  -4.619  -4.063  1.00 9.46  ? 112 LEU A CA  1 
ATOM   1171 C C   . LEU B 1 72 ? 10.775  -5.173  -3.402  1.00 9.89  ? 112 LEU A C   1 
ATOM   1172 O O   . LEU B 1 72 ? 9.782   -4.453  -3.267  1.00 10.61 ? 112 LEU A O   1 
ATOM   1173 C CB  . LEU B 1 72 ? 11.694  -4.030  -5.435  1.00 11.50 ? 112 LEU A CB  1 
ATOM   1174 C CG  . LEU B 1 72 ? 12.911  -3.345  -6.047  1.00 12.65 ? 112 LEU A CG  1 
ATOM   1175 C CD1 . LEU B 1 72 ? 12.666  -3.019  -7.504  1.00 14.16 ? 112 LEU A CD1 1 
ATOM   1176 C CD2 . LEU B 1 72 ? 13.237  -2.076  -5.255  1.00 17.84 ? 112 LEU A CD2 1 
ATOM   1177 N N   . ASN B 1 73 ? 10.785  -6.436  -2.994  1.00 9.72  ? 113 ASN A N   1 
ATOM   1178 C CA  . ASN B 1 73 ? 9.634   -6.966  -2.285  1.00 9.43  ? 113 ASN A CA  1 
ATOM   1179 C C   . ASN B 1 73 ? 9.392   -6.149  -1.029  1.00 9.99  ? 113 ASN A C   1 
ATOM   1180 O O   . ASN B 1 73 ? 10.313  -5.916  -0.240  1.00 12.96 ? 113 ASN A O   1 
ATOM   1181 C CB  . ASN B 1 73 ? 9.862   -8.430  -1.920  1.00 9.61  ? 113 ASN A CB  1 
ATOM   1182 C CG  . ASN B 1 73 ? 8.676   -9.027  -1.199  1.00 9.55  ? 113 ASN A CG  1 
ATOM   1183 O OD1 . ASN B 1 73 ? 7.604   -9.162  -1.778  1.00 9.56  ? 113 ASN A OD1 1 
ATOM   1184 N ND2 . ASN B 1 73 ? 8.858   -9.377  0.072   1.00 9.52  ? 113 ASN A ND2 1 
ATOM   1185 N N   . LYS B 1 74 ? 8.144   -5.707  -0.857  1.00 12.79 ? 114 LYS A N   1 
ATOM   1186 C CA  . LYS B 1 74 ? 7.683   -4.891  0.262   1.00 14.11 ? 114 LYS A CA  1 
ATOM   1187 C C   . LYS B 1 74 ? 8.237   -3.471  0.208   1.00 13.85 ? 114 LYS A C   1 
ATOM   1188 O O   . LYS B 1 74 ? 8.045   -2.704  1.160   1.00 16.67 ? 114 LYS A O   1 
ATOM   1189 C CB  . LYS B 1 74 ? 7.983   -5.552  1.619   1.00 14.27 ? 114 LYS A CB  1 
ATOM   1190 C CG  . LYS B 1 74 ? 7.123   -6.800  1.917   1.00 18.44 ? 114 LYS A CG  1 
ATOM   1191 C CD  . LYS B 1 74 ? 5.852   -6.430  2.689   1.00 23.25 ? 114 LYS A CD  1 
ATOM   1192 C CE  . LYS B 1 74 ? 4.848   -7.579  2.788   1.00 23.48 ? 114 LYS A CE  1 
ATOM   1193 N NZ  . LYS B 1 74 ? 5.288   -8.765  3.597   1.00 25.39 ? 114 LYS A NZ  1 
ATOM   1194 N N   . ALA B 1 75 ? 8.896   -3.079  -0.888  1.00 11.71 ? 115 ALA A N   1 
ATOM   1195 C CA  . ALA B 1 75 ? 9.202   -1.669  -1.095  1.00 10.48 ? 115 ALA A CA  1 
ATOM   1196 C C   . ALA B 1 75 ? 7.920   -0.903  -1.386  1.00 13.73 ? 115 ALA A C   1 
ATOM   1197 O O   . ALA B 1 75 ? 6.905   -1.470  -1.792  1.00 14.36 ? 115 ALA A O   1 
ATOM   1198 C CB  . ALA B 1 75 ? 10.191  -1.482  -2.248  1.00 11.30 ? 115 ALA A CB  1 
ATOM   1199 N N   . SER B 1 76 ? 7.972   0.412   -1.197  1.00 17.41 ? 116 SER A N   1 
ATOM   1200 C CA  . SER B 1 76 ? 6.755   1.201   -1.281  1.00 19.11 ? 116 SER A CA  1 
ATOM   1201 C C   . SER B 1 76 ? 6.604   1.884   -2.631  1.00 16.03 ? 116 SER A C   1 
ATOM   1202 O O   . SER B 1 76 ? 7.582   2.220   -3.307  1.00 19.66 ? 116 SER A O   1 
ATOM   1203 C CB  . SER B 1 76 ? 6.705   2.253   -0.173  1.00 20.65 ? 116 SER A CB  1 
ATOM   1204 O OG  . SER B 1 76 ? 7.829   3.102   -0.235  1.00 28.04 ? 116 SER A OG  1 
ATOM   1205 N N   . MET B 1 77 ? 5.344   2.048   -3.026  1.00 16.45 ? 117 MET A N   1 
ATOM   1206 C CA  A MET B 1 77 ? 4.955   2.922   -4.126  0.51 16.44 ? 117 MET A CA  1 
ATOM   1207 C CA  B MET B 1 77 ? 4.931   2.904   -4.141  0.49 16.44 ? 117 MET A CA  1 
ATOM   1208 C C   . MET B 1 77 ? 3.881   3.843   -3.557  1.00 16.94 ? 117 MET A C   1 
ATOM   1209 O O   . MET B 1 77 ? 2.711   3.462   -3.451  1.00 19.82 ? 117 MET A O   1 
ATOM   1210 C CB  A MET B 1 77 ? 4.456   2.127   -5.317  0.51 19.95 ? 117 MET A CB  1 
ATOM   1211 C CB  B MET B 1 77 ? 4.349   2.101   -5.303  0.49 19.93 ? 117 MET A CB  1 
ATOM   1212 C CG  A MET B 1 77 ? 3.972   2.977   -6.449  0.51 14.92 ? 117 MET A CG  1 
ATOM   1213 C CG  B MET B 1 77 ? 5.302   1.798   -6.444  0.49 16.73 ? 117 MET A CG  1 
ATOM   1214 S SD  A MET B 1 77 ? 3.432   1.947   -7.810  0.51 19.69 ? 117 MET A SD  1 
ATOM   1215 S SD  B MET B 1 77 ? 4.483   0.959   -7.826  0.49 14.84 ? 117 MET A SD  1 
ATOM   1216 C CE  A MET B 1 77 ? 4.967   1.150   -8.257  0.51 13.96 ? 117 MET A CE  1 
ATOM   1217 C CE  B MET B 1 77 ? 4.139   2.344   -8.919  0.49 14.96 ? 117 MET A CE  1 
ATOM   1218 N N   . GLY B 1 78 ? 4.289   5.052   -3.169  1.00 19.74 ? 118 GLY A N   1 
ATOM   1219 C CA  . GLY B 1 78 ? 3.380   5.867   -2.380  1.00 17.97 ? 118 GLY A CA  1 
ATOM   1220 C C   . GLY B 1 78 ? 3.179   5.174   -1.042  1.00 16.83 ? 118 GLY A C   1 
ATOM   1221 O O   . GLY B 1 78 ? 4.140   4.709   -0.417  1.00 17.43 ? 118 GLY A O   1 
ATOM   1222 N N   . HIS B 1 79 ? 1.929   5.072   -0.603  1.00 16.37 ? 119 HIS A N   1 
ATOM   1223 C CA  . HIS B 1 79 ? 1.621   4.365   0.635   1.00 15.09 ? 119 HIS A CA  1 
ATOM   1224 C C   . HIS B 1 79 ? 1.440   2.872   0.432   1.00 14.76 ? 119 HIS A C   1 
ATOM   1225 O O   . HIS B 1 79 ? 1.398   2.130   1.416   1.00 18.89 ? 119 HIS A O   1 
ATOM   1226 C CB  . HIS B 1 79 ? 0.345   4.924   1.285   1.00 17.65 ? 119 HIS A CB  1 
ATOM   1227 C CG  . HIS B 1 79 ? 0.433   6.374   1.638   1.00 17.94 ? 119 HIS A CG  1 
ATOM   1228 N ND1 . HIS B 1 79 ? 1.249   6.848   2.643   1.00 19.84 ? 119 HIS A ND1 1 
ATOM   1229 C CD2 . HIS B 1 79 ? -0.217  7.451   1.138   1.00 18.08 ? 119 HIS A CD2 1 
ATOM   1230 C CE1 . HIS B 1 79 ? 1.117   8.161   2.730   1.00 16.40 ? 119 HIS A CE1 1 
ATOM   1231 N NE2 . HIS B 1 79 ? 0.229   8.551   1.831   1.00 17.22 ? 119 HIS A NE2 1 
ATOM   1232 N N   . ARG B 1 80 ? 1.319   2.414   -0.807  1.00 14.62 ? 120 ARG A N   1 
ATOM   1233 C CA  . ARG B 1 80 ? 1.186   0.989   -1.060  1.00 14.08 ? 120 ARG A CA  1 
ATOM   1234 C C   . ARG B 1 80 ? 2.547   0.315   -0.934  1.00 16.61 ? 120 ARG A C   1 
ATOM   1235 O O   . ARG B 1 80 ? 3.581   0.903   -1.265  1.00 18.68 ? 120 ARG A O   1 
ATOM   1236 C CB  . ARG B 1 80 ? 0.617   0.746   -2.458  1.00 18.27 ? 120 ARG A CB  1 
ATOM   1237 C CG  . ARG B 1 80 ? -0.821  1.209   -2.667  1.00 21.64 ? 120 ARG A CG  1 
ATOM   1238 C CD  . ARG B 1 80 ? -1.221  1.045   -4.125  1.00 26.11 ? 120 ARG A CD  1 
ATOM   1239 N NE  . ARG B 1 80 ? -2.563  1.548   -4.402  1.00 27.63 ? 120 ARG A NE  1 
ATOM   1240 C CZ  . ARG B 1 80 ? -3.656  0.795   -4.399  1.00 31.86 ? 120 ARG A CZ  1 
ATOM   1241 N NH1 . ARG B 1 80 ? -3.567  -0.506  -4.137  1.00 30.13 ? 120 ARG A NH1 1 
ATOM   1242 N NH2 . ARG B 1 80 ? -4.837  1.340   -4.665  1.00 34.96 ? 120 ARG A NH2 1 
ATOM   1243 N N   . TYR B 1 81 ? 2.558   -0.920  -0.430  1.00 13.79 ? 121 TYR A N   1 
ATOM   1244 C CA  . TYR B 1 81 ? 3.753   -1.726  -0.629  1.00 14.02 ? 121 TYR A CA  1 
ATOM   1245 C C   . TYR B 1 81 ? 3.497   -2.726  -1.749  1.00 13.77 ? 121 TYR A C   1 
ATOM   1246 O O   . TYR B 1 81 ? 2.360   -3.152  -1.992  1.00 14.70 ? 121 TYR A O   1 
ATOM   1247 C CB  . TYR B 1 81 ? 4.219   -2.428  0.652   1.00 15.35 ? 121 TYR A CB  1 
ATOM   1248 C CG  . TYR B 1 81 ? 3.304   -3.484  1.241   1.00 17.36 ? 121 TYR A CG  1 
ATOM   1249 C CD1 . TYR B 1 81 ? 3.222   -4.752  0.683   1.00 16.15 ? 121 TYR A CD1 1 
ATOM   1250 C CD2 . TYR B 1 81 ? 2.568   -3.229  2.397   1.00 19.28 ? 121 TYR A CD2 1 
ATOM   1251 C CE1 . TYR B 1 81 ? 2.398   -5.723  1.223   1.00 19.83 ? 121 TYR A CE1 1 
ATOM   1252 C CE2 . TYR B 1 81 ? 1.751   -4.199  2.952   1.00 21.62 ? 121 TYR A CE2 1 
ATOM   1253 C CZ  . TYR B 1 81 ? 1.669   -5.443  2.362   1.00 24.09 ? 121 TYR A CZ  1 
ATOM   1254 O OH  . TYR B 1 81 ? 0.854   -6.407  2.913   1.00 29.84 ? 121 TYR A OH  1 
ATOM   1255 N N   . ILE B 1 82 ? 4.568   -3.058  -2.464  1.00 11.44 ? 122 ILE A N   1 
ATOM   1256 C CA  . ILE B 1 82 ? 4.504   -3.922  -3.628  1.00 11.20 ? 122 ILE A CA  1 
ATOM   1257 C C   . ILE B 1 82 ? 5.174   -5.232  -3.257  1.00 8.49  ? 122 ILE A C   1 
ATOM   1258 O O   . ILE B 1 82 ? 6.331   -5.238  -2.824  1.00 12.15 ? 122 ILE A O   1 
ATOM   1259 C CB  . ILE B 1 82 ? 5.202   -3.285  -4.842  1.00 12.15 ? 122 ILE A CB  1 
ATOM   1260 C CG1 . ILE B 1 82 ? 4.702   -1.856  -5.080  1.00 14.02 ? 122 ILE A CG1 1 
ATOM   1261 C CG2 . ILE B 1 82 ? 5.010   -4.144  -6.077  1.00 12.27 ? 122 ILE A CG2 1 
ATOM   1262 C CD1 . ILE B 1 82 ? 3.174   -1.743  -5.292  1.00 12.02 ? 122 ILE A CD1 1 
ATOM   1263 N N   . GLU B 1 83 ? 4.452   -6.335  -3.422  1.00 8.78  ? 123 GLU A N   1 
ATOM   1264 C CA  . GLU B 1 83 ? 5.041   -7.662  -3.301  1.00 10.10 ? 123 GLU A CA  1 
ATOM   1265 C C   . GLU B 1 83 ? 5.689   -8.046  -4.620  1.00 10.89 ? 123 GLU A C   1 
ATOM   1266 O O   . GLU B 1 83 ? 5.132   -7.784  -5.688  1.00 10.05 ? 123 GLU A O   1 
ATOM   1267 C CB  . GLU B 1 83 ? 3.970   -8.692  -2.956  1.00 10.36 ? 123 GLU A CB  1 
ATOM   1268 C CG  . GLU B 1 83 ? 3.296   -8.478  -1.619  1.00 12.03 ? 123 GLU A CG  1 
ATOM   1269 C CD  . GLU B 1 83 ? 2.236   -9.524  -1.388  1.00 15.30 ? 123 GLU A CD  1 
ATOM   1270 O OE1 . GLU B 1 83 ? 2.510   -10.514 -0.679  1.00 15.91 ? 123 GLU A OE1 1 
ATOM   1271 O OE2 . GLU B 1 83 ? 1.144   -9.391  -1.958  1.00 19.20 ? 123 GLU A OE2 1 
ATOM   1272 N N   . VAL B 1 84 ? 6.857   -8.682  -4.552  1.00 8.45  ? 124 VAL A N   1 
ATOM   1273 C CA  . VAL B 1 84 ? 7.562   -9.117  -5.752  1.00 8.73  ? 124 VAL A CA  1 
ATOM   1274 C C   . VAL B 1 84 ? 7.882   -10.598 -5.628  1.00 8.33  ? 124 VAL A C   1 
ATOM   1275 O O   . VAL B 1 84 ? 8.508   -11.026 -4.647  1.00 9.96  ? 124 VAL A O   1 
ATOM   1276 C CB  . VAL B 1 84 ? 8.854   -8.313  -6.004  1.00 10.45 ? 124 VAL A CB  1 
ATOM   1277 C CG1 . VAL B 1 84 ? 9.475   -8.747  -7.310  1.00 9.90  ? 124 VAL A CG1 1 
ATOM   1278 C CG2 . VAL B 1 84 ? 8.561   -6.801  -6.033  1.00 11.43 ? 124 VAL A CG2 1 
ATOM   1279 N N   . PHE B 1 85 ? 7.463   -11.364 -6.642  1.00 9.81  ? 125 PHE A N   1 
ATOM   1280 C CA  . PHE B 1 85 ? 7.639   -12.802 -6.736  1.00 9.22  ? 125 PHE A CA  1 
ATOM   1281 C C   . PHE B 1 85 ? 8.388   -13.148 -8.015  1.00 9.22  ? 125 PHE A C   1 
ATOM   1282 O O   . PHE B 1 85 ? 8.349   -12.396 -8.986  1.00 9.81  ? 125 PHE A O   1 
ATOM   1283 C CB  . PHE B 1 85 ? 6.279   -13.510 -6.762  1.00 9.39  ? 125 PHE A CB  1 
ATOM   1284 C CG  . PHE B 1 85 ? 5.413   -13.207 -5.586  1.00 9.29  ? 125 PHE A CG  1 
ATOM   1285 C CD1 . PHE B 1 85 ? 5.546   -13.938 -4.416  1.00 9.46  ? 125 PHE A CD1 1 
ATOM   1286 C CD2 . PHE B 1 85 ? 4.472   -12.190 -5.643  1.00 10.55 ? 125 PHE A CD2 1 
ATOM   1287 C CE1 . PHE B 1 85 ? 4.729   -13.677 -3.316  1.00 9.59  ? 125 PHE A CE1 1 
ATOM   1288 C CE2 . PHE B 1 85 ? 3.666   -11.909 -4.542  1.00 11.01 ? 125 PHE A CE2 1 
ATOM   1289 C CZ  . PHE B 1 85 ? 3.797   -12.659 -3.384  1.00 11.37 ? 125 PHE A CZ  1 
ATOM   1290 N N   . THR B 1 86 ? 9.049   -14.308 -8.033  1.00 8.38  ? 126 THR A N   1 
ATOM   1291 C CA  . THR B 1 86 ? 9.383   -14.873 -9.336  1.00 11.56 ? 126 THR A CA  1 
ATOM   1292 C C   . THR B 1 86 ? 8.109   -15.398 -9.996  1.00 11.29 ? 126 THR A C   1 
ATOM   1293 O O   . THR B 1 86 ? 7.100   -15.643 -9.333  1.00 9.41  ? 126 THR A O   1 
ATOM   1294 C CB  . THR B 1 86 ? 10.394  -16.016 -9.228  1.00 10.06 ? 126 THR A CB  1 
ATOM   1295 O OG1 . THR B 1 86 ? 9.799   -17.108 -8.516  1.00 10.39 ? 126 THR A OG1 1 
ATOM   1296 C CG2 . THR B 1 86 ? 11.674  -15.577 -8.524  1.00 11.62 ? 126 THR A CG2 1 
ATOM   1297 N N   . ALA B 1 87 ? 8.154   -15.561 -11.317 1.00 10.40 ? 127 ALA A N   1 
ATOM   1298 C CA  . ALA B 1 87 ? 7.030   -16.132 -12.049 1.00 10.72 ? 127 ALA A CA  1 
ATOM   1299 C C   . ALA B 1 87 ? 7.570   -16.989 -13.178 1.00 13.04 ? 127 ALA A C   1 
ATOM   1300 O O   . ALA B 1 87 ? 8.599   -16.675 -13.771 1.00 14.40 ? 127 ALA A O   1 
ATOM   1301 C CB  . ALA B 1 87 ? 6.095   -15.046 -12.622 1.00 11.69 ? 127 ALA A CB  1 
ATOM   1302 N N   . THR B 1 88 ? 6.864   -18.067 -13.475 1.00 13.48 ? 128 THR A N   1 
ATOM   1303 C CA  . THR B 1 88 ? 7.248   -18.881 -14.619 1.00 14.60 ? 128 THR A CA  1 
ATOM   1304 C C   . THR B 1 88 ? 6.634   -18.329 -15.899 1.00 13.73 ? 128 THR A C   1 
ATOM   1305 O O   . THR B 1 88 ? 5.639   -17.599 -15.862 1.00 13.71 ? 128 THR A O   1 
ATOM   1306 C CB  . THR B 1 88 ? 6.788   -20.320 -14.412 1.00 15.34 ? 128 THR A CB  1 
ATOM   1307 O OG1 . THR B 1 88 ? 5.358   -20.361 -14.468 1.00 16.32 ? 128 THR A OG1 1 
ATOM   1308 C CG2 . THR B 1 88 ? 7.255   -20.844 -13.053 1.00 16.03 ? 128 THR A CG2 1 
ATOM   1309 N N   . PRO B 1 89 ? 7.208   -18.664 -17.059 1.00 15.88 ? 129 PRO A N   1 
ATOM   1310 C CA  . PRO B 1 89 ? 6.565   -18.260 -18.317 1.00 17.10 ? 129 PRO A CA  1 
ATOM   1311 C C   . PRO B 1 89 ? 5.147   -18.773 -18.440 1.00 16.55 ? 129 PRO A C   1 
ATOM   1312 O O   . PRO B 1 89 ? 4.280   -18.067 -18.973 1.00 18.56 ? 129 PRO A O   1 
ATOM   1313 C CB  . PRO B 1 89 ? 7.494   -18.858 -19.385 1.00 16.44 ? 129 PRO A CB  1 
ATOM   1314 C CG  . PRO B 1 89 ? 8.829   -18.900 -18.718 1.00 18.63 ? 129 PRO A CG  1 
ATOM   1315 C CD  . PRO B 1 89 ? 8.538   -19.258 -17.283 1.00 16.82 ? 129 PRO A CD  1 
ATOM   1316 N N   . LYS B 1 90 ? 4.881   -19.979 -17.935 1.00 18.10 ? 130 LYS A N   1 
ATOM   1317 C CA  . LYS B 1 90 ? 3.522   -20.512 -17.971 1.00 18.03 ? 130 LYS A CA  1 
ATOM   1318 C C   . LYS B 1 90 ? 2.569   -19.656 -17.148 1.00 17.21 ? 130 LYS A C   1 
ATOM   1319 O O   . LYS B 1 90 ? 1.427   -19.426 -17.557 1.00 18.20 ? 130 LYS A O   1 
ATOM   1320 C CB  . LYS B 1 90 ? 3.510   -21.957 -17.475 1.00 19.62 ? 130 LYS A CB  1 
ATOM   1321 C CG  . LYS B 1 90 ? 2.109   -22.537 -17.303 1.00 27.08 ? 130 LYS A CG  1 
ATOM   1322 C CD  . LYS B 1 90 ? 2.148   -24.029 -17.028 1.00 32.01 ? 130 LYS A CD  1 
ATOM   1323 C CE  . LYS B 1 90 ? 0.741   -24.617 -17.019 1.00 38.09 ? 130 LYS A CE  1 
ATOM   1324 N NZ  . LYS B 1 90 ? 0.749   -26.090 -17.253 1.00 45.07 ? 130 LYS A NZ  1 
ATOM   1325 N N   . GLU B 1 91 ? 3.013   -19.190 -15.970 1.00 15.30 ? 131 GLU A N   1 
ATOM   1326 C CA  . GLU B 1 91 ? 2.156   -18.324 -15.163 1.00 15.49 ? 131 GLU A CA  1 
ATOM   1327 C C   . GLU B 1 91 ? 1.857   -17.026 -15.887 1.00 18.02 ? 131 GLU A C   1 
ATOM   1328 O O   . GLU B 1 91 ? 0.719   -16.541 -15.871 1.00 16.68 ? 131 GLU A O   1 
ATOM   1329 C CB  . GLU B 1 91 ? 2.807   -18.007 -13.816 1.00 15.21 ? 131 GLU A CB  1 
ATOM   1330 C CG  . GLU B 1 91 ? 2.731   -19.098 -12.789 1.00 16.94 ? 131 GLU A CG  1 
ATOM   1331 C CD  . GLU B 1 91 ? 3.457   -18.715 -11.512 1.00 24.13 ? 131 GLU A CD  1 
ATOM   1332 O OE1 . GLU B 1 91 ? 2.888   -18.898 -10.413 1.00 33.13 ? 131 GLU A OE1 1 
ATOM   1333 O OE2 . GLU B 1 91 ? 4.597   -18.223 -11.610 1.00 16.45 ? 131 GLU A OE2 1 
ATOM   1334 N N   . ALA B 1 92 ? 2.879   -16.423 -16.486 1.00 15.01 ? 132 ALA A N   1 
ATOM   1335 C CA  . ALA B 1 92 ? 2.674   -15.162 -17.182 1.00 14.55 ? 132 ALA A CA  1 
ATOM   1336 C C   . ALA B 1 92 ? 1.750   -15.342 -18.376 1.00 17.86 ? 132 ALA A C   1 
ATOM   1337 O O   . ALA B 1 92 ? 0.882   -14.499 -18.628 1.00 20.66 ? 132 ALA A O   1 
ATOM   1338 C CB  . ALA B 1 92 ? 4.019   -14.579 -17.620 1.00 16.20 ? 132 ALA A CB  1 
ATOM   1339 N N   . LYS B 1 93 ? 1.915   -16.447 -19.110 1.00 17.11 ? 133 LYS A N   1 
ATOM   1340 C CA  . LYS B 1 93 ? 1.070   -16.690 -20.274 1.00 20.55 ? 133 LYS A CA  1 
ATOM   1341 C C   . LYS B 1 93 ? -0.379  -16.885 -19.854 1.00 20.52 ? 133 LYS A C   1 
ATOM   1342 O O   . LYS B 1 93 ? -1.295  -16.320 -20.467 1.00 21.05 ? 133 LYS A O   1 
ATOM   1343 C CB  . LYS B 1 93 ? 1.580   -17.905 -21.044 1.00 19.74 ? 133 LYS A CB  1 
ATOM   1344 C CG  . LYS B 1 93 ? 0.720   -18.288 -22.251 1.00 30.94 ? 133 LYS A CG  1 
ATOM   1345 C CD  . LYS B 1 93 ? 1.206   -19.584 -22.882 1.00 28.90 ? 133 LYS A CD  1 
ATOM   1346 C CE  . LYS B 1 93 ? 0.311   -20.010 -24.041 1.00 39.16 ? 133 LYS A CE  1 
ATOM   1347 N NZ  . LYS B 1 93 ? 0.746   -21.306 -24.638 1.00 45.37 ? 133 LYS A NZ  1 
ATOM   1348 N N   . GLU B 1 94 ? -0.600  -17.655 -18.789 1.00 17.44 ? 134 GLU A N   1 
ATOM   1349 C CA  . GLU B 1 94 ? -1.960  -17.941 -18.343 1.00 19.37 ? 134 GLU A CA  1 
ATOM   1350 C C   . GLU B 1 94 ? -2.672  -16.680 -17.863 1.00 20.70 ? 134 GLU A C   1 
ATOM   1351 O O   . GLU B 1 94 ? -3.877  -16.514 -18.091 1.00 25.60 ? 134 GLU A O   1 
ATOM   1352 C CB  . GLU B 1 94 ? -1.921  -19.005 -17.246 1.00 26.18 ? 134 GLU A CB  1 
ATOM   1353 C CG  . GLU B 1 94 ? -3.261  -19.323 -16.602 1.00 32.17 ? 134 GLU A CG  1 
ATOM   1354 C CD  . GLU B 1 94 ? -4.215  -20.026 -17.550 1.00 36.03 ? 134 GLU A CD  1 
ATOM   1355 O OE1 . GLU B 1 94 ? -3.742  -20.658 -18.521 1.00 36.88 ? 134 GLU A OE1 1 
ATOM   1356 O OE2 . GLU B 1 94 ? -5.437  -19.969 -17.311 1.00 42.16 ? 134 GLU A OE2 1 
ATOM   1357 N N   . ALA B 1 95 ? -1.943  -15.768 -17.211 1.00 18.48 ? 135 ALA A N   1 
ATOM   1358 C CA  . ALA B 1 95 ? -2.560  -14.547 -16.708 1.00 19.62 ? 135 ALA A CA  1 
ATOM   1359 C C   . ALA B 1 95 ? -2.966  -13.599 -17.823 1.00 21.21 ? 135 ALA A C   1 
ATOM   1360 O O   . ALA B 1 95 ? -3.877  -12.787 -17.628 1.00 24.19 ? 135 ALA A O   1 
ATOM   1361 C CB  . ALA B 1 95 ? -1.609  -13.832 -15.750 1.00 22.46 ? 135 ALA A CB  1 
ATOM   1362 N N   . MET B 1 96 ? -2.319  -13.684 -18.981 1.00 22.65 ? 136 MET A N   1 
ATOM   1363 C CA  . MET B 1 96 ? -2.587  -12.790 -20.094 1.00 27.80 ? 136 MET A CA  1 
ATOM   1364 C C   . MET B 1 96 ? -3.419  -13.449 -21.189 1.00 30.31 ? 136 MET A C   1 
ATOM   1365 O O   . MET B 1 96 ? -3.617  -12.844 -22.248 1.00 38.07 ? 136 MET A O   1 
ATOM   1366 C CB  . MET B 1 96 ? -1.269  -12.269 -20.683 1.00 27.60 ? 136 MET A CB  1 
ATOM   1367 C CG  . MET B 1 96 ? -0.310  -11.620 -19.671 1.00 30.71 ? 136 MET A CG  1 
ATOM   1368 S SD  . MET B 1 96 ? -0.969  -10.210 -18.734 1.00 34.09 ? 136 MET A SD  1 
ATOM   1369 C CE  . MET B 1 96 ? -1.225  -9.012  -20.042 1.00 28.36 ? 136 MET A CE  1 
ATOM   1370 N N   . ARG B 1 97 ? -3.922  -14.661 -20.959 1.00 26.14 ? 137 ARG A N   1 
ATOM   1371 C CA  . ARG B 1 97 ? -4.604  -15.418 -22.014 1.00 30.75 ? 137 ARG A CA  1 
ATOM   1372 C C   . ARG B 1 97 ? -5.965  -14.808 -22.357 1.00 41.80 ? 137 ARG A C   1 
ATOM   1373 O O   . ARG B 1 97 ? -6.523  -14.032 -21.579 1.00 38.36 ? 137 ARG A O   1 
ATOM   1374 C CB  . ARG B 1 97 ? -4.779  -16.881 -21.601 1.00 34.41 ? 137 ARG A CB  1 
ATOM   1375 C CG  . ARG B 1 97 ? -6.084  -17.157 -20.887 1.00 32.34 ? 137 ARG A CG  1 
ATOM   1376 C CD  . ARG B 1 97 ? -6.124  -18.540 -20.278 1.00 36.71 ? 137 ARG A CD  1 
ATOM   1377 N NE  . ARG B 1 97 ? -7.395  -18.771 -19.599 1.00 40.42 ? 137 ARG A NE  1 
ATOM   1378 C CZ  . ARG B 1 97 ? -7.644  -18.404 -18.348 1.00 45.46 ? 137 ARG A CZ  1 
ATOM   1379 N NH1 . ARG B 1 97 ? -6.703  -17.789 -17.640 1.00 44.12 ? 137 ARG A NH1 1 
ATOM   1380 N NH2 . ARG B 1 97 ? -8.827  -18.654 -17.800 1.00 49.81 ? 137 ARG A NH2 1 
HETATM 1381 C C1  . GOL C 2 .  ? -16.774 10.943  11.992  1.00 32.36 ? 201 GOL B C1  1 
HETATM 1382 O O1  . GOL C 2 .  ? -16.245 12.079  12.645  1.00 38.76 ? 201 GOL B O1  1 
HETATM 1383 C C2  . GOL C 2 .  ? -16.013 10.721  10.694  1.00 34.81 ? 201 GOL B C2  1 
HETATM 1384 O O2  . GOL C 2 .  ? -15.492 9.413   10.689  1.00 27.01 ? 201 GOL B O2  1 
HETATM 1385 C C3  . GOL C 2 .  ? -16.937 10.936  9.498   1.00 38.59 ? 201 GOL B C3  1 
HETATM 1386 O O3  . GOL C 2 .  ? -16.183 11.007  8.302   1.00 38.46 ? 201 GOL B O3  1 
HETATM 1387 C C1  . GOL D 2 .  ? -17.161 4.904   3.234   1.00 44.30 ? 202 GOL B C1  1 
HETATM 1388 O O1  . GOL D 2 .  ? -16.091 3.999   3.045   1.00 40.58 ? 202 GOL B O1  1 
HETATM 1389 C C2  . GOL D 2 .  ? -17.217 5.369   4.689   1.00 47.66 ? 202 GOL B C2  1 
HETATM 1390 O O2  . GOL D 2 .  ? -16.962 6.755   4.765   1.00 51.63 ? 202 GOL B O2  1 
HETATM 1391 C C3  . GOL D 2 .  ? -18.591 5.088   5.283   1.00 45.38 ? 202 GOL B C3  1 
HETATM 1392 O O3  . GOL D 2 .  ? -18.698 5.734   6.535   1.00 48.41 ? 202 GOL B O3  1 
HETATM 1393 C C1  . GOL E 2 .  ? -0.121  -5.965  -21.523 1.00 35.78 ? 201 GOL A C1  1 
HETATM 1394 O O1  . GOL E 2 .  ? 1.013   -6.492  -22.182 1.00 34.40 ? 201 GOL A O1  1 
HETATM 1395 C C2  . GOL E 2 .  ? -0.024  -4.448  -21.448 1.00 27.28 ? 201 GOL A C2  1 
HETATM 1396 O O2  . GOL E 2 .  ? 0.333   -4.057  -20.138 1.00 21.92 ? 201 GOL A O2  1 
HETATM 1397 C C3  . GOL E 2 .  ? -1.357  -3.828  -21.831 1.00 37.82 ? 201 GOL A C3  1 
HETATM 1398 O O3  . GOL E 2 .  ? -2.168  -3.711  -20.686 1.00 39.19 ? 201 GOL A O3  1 
HETATM 1399 C C1  . GOL F 2 .  ? 2.403   3.811   -20.039 1.00 32.52 ? 202 GOL A C1  1 
HETATM 1400 O O1  . GOL F 2 .  ? 3.245   4.631   -19.251 1.00 25.41 ? 202 GOL A O1  1 
HETATM 1401 C C2  . GOL F 2 .  ? 1.026   4.437   -20.248 1.00 43.39 ? 202 GOL A C2  1 
HETATM 1402 O O2  . GOL F 2 .  ? 0.664   4.291   -21.603 1.00 54.33 ? 202 GOL A O2  1 
HETATM 1403 C C3  . GOL F 2 .  ? -0.006  3.707   -19.397 1.00 38.03 ? 202 GOL A C3  1 
HETATM 1404 O O3  . GOL F 2 .  ? 0.420   2.376   -19.195 1.00 33.95 ? 202 GOL A O3  1 
HETATM 1405 C C1  . GOL G 2 .  ? 21.080  -17.073 -17.370 1.00 43.23 ? 203 GOL A C1  1 
HETATM 1406 O O1  . GOL G 2 .  ? 21.087  -17.621 -16.063 1.00 39.39 ? 203 GOL A O1  1 
HETATM 1407 C C2  . GOL G 2 .  ? 20.500  -15.664 -17.304 1.00 28.82 ? 203 GOL A C2  1 
HETATM 1408 O O2  . GOL G 2 .  ? 20.980  -15.039 -16.148 1.00 21.35 ? 203 GOL A O2  1 
HETATM 1409 C C3  . GOL G 2 .  ? 20.843  -14.835 -18.534 1.00 31.87 ? 203 GOL A C3  1 
HETATM 1410 O O3  . GOL G 2 .  ? 22.162  -14.338 -18.441 1.00 41.07 ? 203 GOL A O3  1 
HETATM 1411 S S   . SO4 H 3 .  ? -1.404  11.197  0.285   1.00 25.23 ? 204 SO4 A S   1 
HETATM 1412 O O1  . SO4 H 3 .  ? -2.667  11.906  0.117   1.00 31.50 ? 204 SO4 A O1  1 
HETATM 1413 O O2  . SO4 H 3 .  ? -1.259  10.779  1.690   1.00 19.66 ? 204 SO4 A O2  1 
HETATM 1414 O O3  . SO4 H 3 .  ? -1.384  10.004  -0.560  1.00 30.60 ? 204 SO4 A O3  1 
HETATM 1415 O O4  . SO4 H 3 .  ? -0.303  12.078  -0.099  1.00 29.58 ? 204 SO4 A O4  1 
HETATM 1416 S S   . SO4 I 3 .  ? -4.509  -7.773  -3.280  1.00 55.66 ? 205 SO4 A S   1 
HETATM 1417 O O1  . SO4 I 3 .  ? -4.709  -9.005  -2.518  1.00 46.35 ? 205 SO4 A O1  1 
HETATM 1418 O O2  . SO4 I 3 .  ? -5.021  -6.640  -2.513  1.00 56.08 ? 205 SO4 A O2  1 
HETATM 1419 O O3  . SO4 I 3 .  ? -5.240  -7.880  -4.542  1.00 49.70 ? 205 SO4 A O3  1 
HETATM 1420 O O4  . SO4 I 3 .  ? -3.081  -7.562  -3.545  1.00 34.31 ? 205 SO4 A O4  1 
HETATM 1421 O O   . HOH J 4 .  ? -4.157  -2.276  1.309   1.00 28.56 ? 301 HOH B O   1 
HETATM 1422 O O   . HOH J 4 .  ? -5.191  -1.321  3.235   1.00 32.07 ? 302 HOH B O   1 
HETATM 1423 O O   . HOH J 4 .  ? -6.657  14.818  4.223   1.00 30.05 ? 303 HOH B O   1 
HETATM 1424 O O   . HOH J 4 .  ? -5.099  -5.346  7.007   1.00 39.84 ? 304 HOH B O   1 
HETATM 1425 O O   . HOH J 4 .  ? -12.135 5.303   3.829   1.00 24.68 ? 305 HOH B O   1 
HETATM 1426 O O   . HOH J 4 .  ? -11.244 -4.953  10.822  1.00 26.49 ? 306 HOH B O   1 
HETATM 1427 O O   . HOH J 4 .  ? 1.296   18.814  11.685  1.00 25.88 ? 307 HOH B O   1 
HETATM 1428 O O   . HOH J 4 .  ? -13.210 12.121  19.522  1.00 27.45 ? 308 HOH B O   1 
HETATM 1429 O O   . HOH J 4 .  ? -10.017 -1.333  3.868   1.00 20.99 ? 309 HOH B O   1 
HETATM 1430 O O   . HOH J 4 .  ? -17.569 -2.004  9.330   1.00 36.89 ? 310 HOH B O   1 
HETATM 1431 O O   . HOH J 4 .  ? -8.569  9.972   28.861  1.00 33.81 ? 311 HOH B O   1 
HETATM 1432 O O   . HOH J 4 .  ? -16.973 2.989   9.261   1.00 25.38 ? 312 HOH B O   1 
HETATM 1433 O O   . HOH J 4 .  ? -16.679 8.550   14.609  1.00 29.53 ? 313 HOH B O   1 
HETATM 1434 O O   . HOH J 4 .  ? -14.962 -0.621  3.099   1.00 36.74 ? 314 HOH B O   1 
HETATM 1435 O O   . HOH J 4 .  ? -5.892  16.788  7.969   1.00 24.93 ? 315 HOH B O   1 
HETATM 1436 O O   . HOH J 4 .  ? -10.437 8.382   26.902  1.00 32.22 ? 316 HOH B O   1 
HETATM 1437 O O   . HOH J 4 .  ? -13.615 6.268   0.185   1.00 28.29 ? 317 HOH B O   1 
HETATM 1438 O O   . HOH J 4 .  ? -2.622  15.476  21.163  1.00 27.75 ? 318 HOH B O   1 
HETATM 1439 O O   . HOH J 4 .  ? -1.779  14.913  4.478   1.00 35.31 ? 319 HOH B O   1 
HETATM 1440 O O   . HOH J 4 .  ? -9.133  -1.991  -0.157  1.00 35.41 ? 320 HOH B O   1 
HETATM 1441 O O   . HOH J 4 .  ? 7.344   6.293   27.779  1.00 20.32 ? 321 HOH B O   1 
HETATM 1442 O O   . HOH J 4 .  ? -2.035  -3.270  13.888  1.00 19.12 ? 322 HOH B O   1 
HETATM 1443 O O   . HOH J 4 .  ? -13.438 -2.148  3.913   1.00 31.82 ? 323 HOH B O   1 
HETATM 1444 O O   . HOH J 4 .  ? 5.503   7.663   29.557  1.00 26.40 ? 324 HOH B O   1 
HETATM 1445 O O   . HOH J 4 .  ? -6.923  6.568   0.122   1.00 36.31 ? 325 HOH B O   1 
HETATM 1446 O O   . HOH J 4 .  ? -7.965  12.108  25.353  1.00 27.86 ? 326 HOH B O   1 
HETATM 1447 O O   . HOH J 4 .  ? -9.615  0.391   25.447  1.00 18.63 ? 327 HOH B O   1 
HETATM 1448 O O   . HOH J 4 .  ? -4.766  4.492   28.852  1.00 13.39 ? 328 HOH B O   1 
HETATM 1449 O O   . HOH J 4 .  ? -6.887  3.990   -1.623  1.00 29.97 ? 329 HOH B O   1 
HETATM 1450 O O   . HOH J 4 .  ? -15.193 -2.928  8.227   1.00 30.64 ? 330 HOH B O   1 
HETATM 1451 O O   . HOH J 4 .  ? -10.526 3.011   25.134  1.00 23.64 ? 331 HOH B O   1 
HETATM 1452 O O   . HOH J 4 .  ? -0.611  15.947  12.743  1.00 14.38 ? 332 HOH B O   1 
HETATM 1453 O O   . HOH J 4 .  ? -9.845  -4.100  17.913  1.00 22.17 ? 333 HOH B O   1 
HETATM 1454 O O   . HOH J 4 .  ? -0.261  -3.836  11.353  1.00 35.95 ? 334 HOH B O   1 
HETATM 1455 O O   . HOH J 4 .  ? 1.473   -0.295  19.596  1.00 15.55 ? 335 HOH B O   1 
HETATM 1456 O O   . HOH J 4 .  ? -18.737 4.485   21.512  1.00 33.78 ? 336 HOH B O   1 
HETATM 1457 O O   . HOH J 4 .  ? 7.698   2.189   24.791  1.00 16.08 ? 337 HOH B O   1 
HETATM 1458 O O   . HOH J 4 .  ? 3.226   10.132  30.490  1.00 30.90 ? 338 HOH B O   1 
HETATM 1459 O O   . HOH J 4 .  ? -15.528 10.773  -0.259  1.00 36.27 ? 339 HOH B O   1 
HETATM 1460 O O   . HOH J 4 .  ? -9.788  9.316   5.066   1.00 19.24 ? 340 HOH B O   1 
HETATM 1461 O O   . HOH J 4 .  ? 1.295   17.297  17.893  1.00 15.65 ? 341 HOH B O   1 
HETATM 1462 O O   . HOH J 4 .  ? -1.678  23.005  15.979  1.00 25.22 ? 342 HOH B O   1 
HETATM 1463 O O   . HOH J 4 .  ? -0.080  22.378  12.005  1.00 34.76 ? 343 HOH B O   1 
HETATM 1464 O O   . HOH J 4 .  ? -14.062 9.921   21.400  1.00 32.61 ? 344 HOH B O   1 
HETATM 1465 O O   . HOH J 4 .  ? -7.494  -3.296  10.078  1.00 24.64 ? 345 HOH B O   1 
HETATM 1466 O O   . HOH J 4 .  ? 9.849   5.809   25.021  1.00 19.16 ? 346 HOH B O   1 
HETATM 1467 O O   . HOH J 4 .  ? -8.522  -0.122  19.523  1.00 17.31 ? 347 HOH B O   1 
HETATM 1468 O O   . HOH J 4 .  ? -4.393  -8.925  15.251  1.00 33.39 ? 348 HOH B O   1 
HETATM 1469 O O   . HOH J 4 .  ? 0.992   18.088  15.344  1.00 12.99 ? 349 HOH B O   1 
HETATM 1470 O O   . HOH J 4 .  ? -13.483 5.484   26.197  1.00 27.90 ? 350 HOH B O   1 
HETATM 1471 O O   . HOH J 4 .  ? -16.791 16.948  -1.917  1.00 48.17 ? 351 HOH B O   1 
HETATM 1472 O O   . HOH J 4 .  ? 7.200   2.298   14.042  1.00 26.91 ? 352 HOH B O   1 
HETATM 1473 O O   . HOH J 4 .  ? -6.005  20.335  10.373  1.00 28.12 ? 353 HOH B O   1 
HETATM 1474 O O   . HOH J 4 .  ? 3.678   11.179  3.284   1.00 27.48 ? 354 HOH B O   1 
HETATM 1475 O O   . HOH J 4 .  ? -1.313  -5.931  6.650   1.00 33.08 ? 355 HOH B O   1 
HETATM 1476 O O   . HOH J 4 .  ? -2.689  18.221  10.221  1.00 34.60 ? 356 HOH B O   1 
HETATM 1477 O O   . HOH J 4 .  ? 1.694   14.349  7.047   1.00 16.52 ? 357 HOH B O   1 
HETATM 1478 O O   . HOH J 4 .  ? 5.357   -0.147  12.907  1.00 32.74 ? 358 HOH B O   1 
HETATM 1479 O O   . HOH J 4 .  ? -9.688  1.114   21.882  1.00 15.08 ? 359 HOH B O   1 
HETATM 1480 O O   . HOH J 4 .  ? -3.134  16.967  23.353  1.00 29.22 ? 360 HOH B O   1 
HETATM 1481 O O   . HOH J 4 .  ? -16.679 1.054   19.363  1.00 29.52 ? 361 HOH B O   1 
HETATM 1482 O O   . HOH J 4 .  ? -4.402  22.449  20.022  1.00 28.57 ? 362 HOH B O   1 
HETATM 1483 O O   . HOH J 4 .  ? -6.076  -1.668  24.859  1.00 12.25 ? 363 HOH B O   1 
HETATM 1484 O O   . HOH J 4 .  ? -0.815  14.109  20.673  1.00 21.40 ? 364 HOH B O   1 
HETATM 1485 O O   . HOH J 4 .  ? -7.892  -1.324  22.799  1.00 19.09 ? 365 HOH B O   1 
HETATM 1486 O O   . HOH J 4 .  ? -13.557 -3.550  16.196  1.00 28.04 ? 366 HOH B O   1 
HETATM 1487 O O   . HOH J 4 .  ? -2.450  -2.032  17.634  1.00 12.73 ? 367 HOH B O   1 
HETATM 1488 O O   . HOH J 4 .  ? -1.392  -4.746  16.334  1.00 28.31 ? 368 HOH B O   1 
HETATM 1489 O O   . HOH J 4 .  ? -1.693  10.877  29.965  1.00 19.85 ? 369 HOH B O   1 
HETATM 1490 O O   . HOH J 4 .  ? 4.602   -1.809  15.493  1.00 38.21 ? 370 HOH B O   1 
HETATM 1491 O O   . HOH J 4 .  ? -10.479 18.902  18.891  1.00 33.15 ? 371 HOH B O   1 
HETATM 1492 O O   . HOH J 4 .  ? -4.014  7.211   1.295   1.00 22.91 ? 372 HOH B O   1 
HETATM 1493 O O   . HOH J 4 .  ? 2.526   -4.325  10.428  1.00 33.82 ? 373 HOH B O   1 
HETATM 1494 O O   . HOH J 4 .  ? 8.009   0.784   15.687  1.00 33.64 ? 374 HOH B O   1 
HETATM 1495 O O   . HOH J 4 .  ? -16.988 0.736   10.750  1.00 23.72 ? 375 HOH B O   1 
HETATM 1496 O O   . HOH J 4 .  ? -4.605  -5.261  13.231  1.00 30.30 ? 376 HOH B O   1 
HETATM 1497 O O   . HOH J 4 .  ? 0.271   -2.504  18.616  1.00 18.12 ? 377 HOH B O   1 
HETATM 1498 O O   . HOH J 4 .  ? 0.380   22.209  14.578  1.00 39.07 ? 378 HOH B O   1 
HETATM 1499 O O   . HOH J 4 .  ? -0.140  17.003  20.180  1.00 24.39 ? 379 HOH B O   1 
HETATM 1500 O O   . HOH J 4 .  ? -2.374  17.084  7.603   1.00 35.26 ? 380 HOH B O   1 
HETATM 1501 O O   . HOH J 4 .  ? -17.932 0.745   13.609  1.00 37.90 ? 381 HOH B O   1 
HETATM 1502 O O   . HOH J 4 .  ? -3.538  -5.323  8.553   1.00 40.96 ? 382 HOH B O   1 
HETATM 1503 O O   . HOH J 4 .  ? -0.336  -7.902  19.412  1.00 23.97 ? 383 HOH B O   1 
HETATM 1504 O O   . HOH J 4 .  ? -10.847 -4.019  2.927   1.00 39.83 ? 384 HOH B O   1 
HETATM 1505 O O   . HOH J 4 .  ? -15.570 -3.509  5.820   1.00 41.22 ? 385 HOH B O   1 
HETATM 1506 O O   . HOH J 4 .  ? -2.856  24.321  13.786  1.00 39.25 ? 386 HOH B O   1 
HETATM 1507 O O   . HOH J 4 .  ? -7.401  -1.437  -3.462  1.00 37.16 ? 387 HOH B O   1 
HETATM 1508 O O   . HOH J 4 .  ? 0.731   16.968  6.740   1.00 30.91 ? 388 HOH B O   1 
HETATM 1509 O O   . HOH J 4 .  ? -5.050  -3.897  10.772  1.00 29.23 ? 389 HOH B O   1 
HETATM 1510 O O   . HOH J 4 .  ? 2.367   20.424  15.294  1.00 21.15 ? 390 HOH B O   1 
HETATM 1511 O O   . HOH J 4 .  ? 2.531   -4.907  19.037  1.00 37.29 ? 391 HOH B O   1 
HETATM 1512 O O   . HOH J 4 .  ? -12.422 0.628   21.895  1.00 28.45 ? 392 HOH B O   1 
HETATM 1513 O O   . HOH J 4 .  ? 4.311   17.219  19.965  1.00 28.51 ? 393 HOH B O   1 
HETATM 1514 O O   . HOH J 4 .  ? -7.761  -2.569  4.798   1.00 33.00 ? 394 HOH B O   1 
HETATM 1515 O O   . HOH J 4 .  ? -2.032  24.029  19.233  1.00 39.69 ? 395 HOH B O   1 
HETATM 1516 O O   . HOH J 4 .  ? 1.291   18.735  8.735   1.00 31.22 ? 396 HOH B O   1 
HETATM 1517 O O   . HOH J 4 .  ? 2.166   -7.033  20.302  1.00 32.31 ? 397 HOH B O   1 
HETATM 1518 O O   . HOH J 4 .  ? -7.983  -3.562  7.082   1.00 36.66 ? 398 HOH B O   1 
HETATM 1519 O O   . HOH J 4 .  ? 8.295   -0.931  17.310  1.00 35.25 ? 399 HOH B O   1 
HETATM 1520 O O   . HOH J 4 .  ? 6.115   -2.186  17.995  1.00 28.44 ? 400 HOH B O   1 
HETATM 1521 O O   . HOH J 4 .  ? -1.140  18.696  21.871  1.00 36.32 ? 401 HOH B O   1 
HETATM 1522 O O   . HOH K 4 .  ? -3.368  -5.474  -19.840 1.00 28.75 ? 301 HOH A O   1 
HETATM 1523 O O   . HOH K 4 .  ? 10.001  2.233   -3.231  1.00 37.09 ? 302 HOH A O   1 
HETATM 1524 O O   . HOH K 4 .  ? -2.447  1.676   -16.480 1.00 35.76 ? 303 HOH A O   1 
HETATM 1525 O O   . HOH K 4 .  ? 3.252   -9.950  4.318   1.00 35.55 ? 304 HOH A O   1 
HETATM 1526 O O   . HOH K 4 .  ? 7.217   7.424   -12.139 1.00 33.15 ? 305 HOH A O   1 
HETATM 1527 O O   . HOH K 4 .  ? 2.961   -18.912 -7.914  1.00 30.09 ? 306 HOH A O   1 
HETATM 1528 O O   . HOH K 4 .  ? -17.641 -0.848  -14.153 1.00 28.39 ? 307 HOH A O   1 
HETATM 1529 O O   . HOH K 4 .  ? -6.503  -16.260 -15.633 1.00 44.01 ? 308 HOH A O   1 
HETATM 1530 O O   . HOH K 4 .  ? 7.781   -9.344  -22.527 1.00 24.90 ? 309 HOH A O   1 
HETATM 1531 O O   . HOH K 4 .  ? 0.966   -8.808  1.980   1.00 32.85 ? 310 HOH A O   1 
HETATM 1532 O O   . HOH K 4 .  ? -11.330 -9.663  -10.633 1.00 32.60 ? 311 HOH A O   1 
HETATM 1533 O O   . HOH K 4 .  ? 10.661  -16.871 -15.380 1.00 24.94 ? 312 HOH A O   1 
HETATM 1534 O O   . HOH K 4 .  ? -1.339  -2.065  -2.553  1.00 28.00 ? 313 HOH A O   1 
HETATM 1535 O O   . HOH K 4 .  ? 1.878   12.419  -1.530  1.00 37.58 ? 314 HOH A O   1 
HETATM 1536 O O   . HOH K 4 .  ? -4.453  -10.492 -10.742 1.00 22.83 ? 315 HOH A O   1 
HETATM 1537 O O   . HOH K 4 .  ? 0.431   4.003   -4.723  1.00 33.45 ? 316 HOH A O   1 
HETATM 1538 O O   . HOH K 4 .  ? -15.014 -7.200  -10.011 1.00 35.94 ? 317 HOH A O   1 
HETATM 1539 O O   . HOH K 4 .  ? -3.954  0.340   -17.705 1.00 39.66 ? 318 HOH A O   1 
HETATM 1540 O O   . HOH K 4 .  ? -2.695  -0.508  -14.279 1.00 31.62 ? 319 HOH A O   1 
HETATM 1541 O O   . HOH K 4 .  ? 4.178   -22.618 -13.659 1.00 24.18 ? 320 HOH A O   1 
HETATM 1542 O O   . HOH K 4 .  ? 23.984  -14.862 -9.225  1.00 25.87 ? 321 HOH A O   1 
HETATM 1543 O O   . HOH K 4 .  ? -3.380  9.580   2.808   1.00 20.21 ? 322 HOH A O   1 
HETATM 1544 O O   . HOH K 4 .  ? 3.467   -3.824  -22.448 1.00 31.52 ? 323 HOH A O   1 
HETATM 1545 O O   . HOH K 4 .  ? 23.372  -16.267 -12.205 1.00 30.90 ? 324 HOH A O   1 
HETATM 1546 O O   . HOH K 4 .  ? -3.578  -3.693  -6.135  1.00 23.57 ? 325 HOH A O   1 
HETATM 1547 O O   . HOH K 4 .  ? 6.283   -18.985 -9.644  1.00 11.69 ? 326 HOH A O   1 
HETATM 1548 O O   . HOH K 4 .  ? 18.328  -10.958 -21.793 1.00 36.24 ? 327 HOH A O   1 
HETATM 1549 O O   . HOH K 4 .  ? -7.057  -10.837 -19.640 1.00 35.26 ? 328 HOH A O   1 
HETATM 1550 O O   . HOH K 4 .  ? 2.986   5.232   3.967   1.00 19.51 ? 329 HOH A O   1 
HETATM 1551 O O   . HOH K 4 .  ? 9.002   -19.021 -10.290 1.00 16.08 ? 330 HOH A O   1 
HETATM 1552 O O   . HOH K 4 .  ? 16.913  -3.772  -6.577  1.00 16.19 ? 331 HOH A O   1 
HETATM 1553 O O   . HOH K 4 .  ? 23.581  -13.814 -6.648  1.00 24.83 ? 332 HOH A O   1 
HETATM 1554 O O   . HOH K 4 .  ? -1.762  -13.585 -12.039 1.00 24.45 ? 333 HOH A O   1 
HETATM 1555 O O   . HOH K 4 .  ? 14.098  -12.636 -20.297 1.00 23.85 ? 334 HOH A O   1 
HETATM 1556 O O   . HOH K 4 .  ? -3.951  -10.265 -23.122 1.00 32.73 ? 335 HOH A O   1 
HETATM 1557 O O   . HOH K 4 .  ? -16.616 -3.895  -15.915 1.00 31.44 ? 336 HOH A O   1 
HETATM 1558 O O   . HOH K 4 .  ? 11.938  1.634   -6.448  1.00 21.60 ? 337 HOH A O   1 
HETATM 1559 O O   . HOH K 4 .  ? 21.222  -7.959  -17.082 1.00 13.83 ? 338 HOH A O   1 
HETATM 1560 O O   . HOH K 4 .  ? 18.346  -1.802  -18.998 1.00 17.94 ? 339 HOH A O   1 
HETATM 1561 O O   . HOH K 4 .  ? 4.351   -15.888 -9.392  1.00 12.63 ? 340 HOH A O   1 
HETATM 1562 O O   . HOH K 4 .  ? -15.435 -3.529  -11.347 1.00 23.66 ? 341 HOH A O   1 
HETATM 1563 O O   . HOH K 4 .  ? 22.198  -13.704 -3.177  1.00 21.32 ? 342 HOH A O   1 
HETATM 1564 O O   . HOH K 4 .  ? 13.127  4.221   -14.865 1.00 28.52 ? 343 HOH A O   1 
HETATM 1565 O O   . HOH K 4 .  ? 4.329   -5.554  -24.745 1.00 35.87 ? 344 HOH A O   1 
HETATM 1566 O O   . HOH K 4 .  ? -9.718  -9.510  -19.073 1.00 25.37 ? 345 HOH A O   1 
HETATM 1567 O O   . HOH K 4 .  ? -2.884  -4.738  -13.073 1.00 20.84 ? 346 HOH A O   1 
HETATM 1568 O O   . HOH K 4 .  ? 21.437  -12.004 -19.774 1.00 38.76 ? 347 HOH A O   1 
HETATM 1569 O O   . HOH K 4 .  ? 6.961   4.812   -9.722  1.00 25.15 ? 348 HOH A O   1 
HETATM 1570 O O   . HOH K 4 .  ? 22.517  -9.578  -3.942  1.00 14.21 ? 349 HOH A O   1 
HETATM 1571 O O   . HOH K 4 .  ? 10.512  -1.356  -26.273 1.00 32.56 ? 350 HOH A O   1 
HETATM 1572 O O   . HOH K 4 .  ? 3.003   7.879   -15.567 1.00 30.64 ? 351 HOH A O   1 
HETATM 1573 O O   . HOH K 4 .  ? -0.234  5.927   -2.167  1.00 26.15 ? 352 HOH A O   1 
HETATM 1574 O O   . HOH K 4 .  ? 16.777  -3.672  -20.187 1.00 22.10 ? 353 HOH A O   1 
HETATM 1575 O O   . HOH K 4 .  ? -4.604  -10.139 -18.222 1.00 21.27 ? 354 HOH A O   1 
HETATM 1576 O O   . HOH K 4 .  ? 15.834  -4.782  -23.715 1.00 26.35 ? 355 HOH A O   1 
HETATM 1577 O O   . HOH K 4 .  ? 13.640  -0.147  -15.287 1.00 17.70 ? 356 HOH A O   1 
HETATM 1578 O O   . HOH K 4 .  ? 4.892   9.142   -13.935 1.00 40.31 ? 357 HOH A O   1 
HETATM 1579 O O   . HOH K 4 .  ? -3.478  13.343  2.420   1.00 39.46 ? 358 HOH A O   1 
HETATM 1580 O O   . HOH K 4 .  ? 17.116  -0.132  -15.743 1.00 16.55 ? 359 HOH A O   1 
HETATM 1581 O O   . HOH K 4 .  ? 11.721  -16.112 -12.607 1.00 21.11 ? 360 HOH A O   1 
HETATM 1582 O O   . HOH K 4 .  ? 0.578   -13.783 -4.567  1.00 19.22 ? 361 HOH A O   1 
HETATM 1583 O O   . HOH K 4 .  ? 19.639  -1.058  -14.987 1.00 12.42 ? 362 HOH A O   1 
HETATM 1584 O O   . HOH K 4 .  ? 15.297  -6.122  0.225   1.00 33.86 ? 363 HOH A O   1 
HETATM 1585 O O   . HOH K 4 .  ? 16.364  -8.847  -22.278 1.00 29.40 ? 364 HOH A O   1 
HETATM 1586 O O   . HOH K 4 .  ? -5.929  0.538   -2.141  1.00 37.96 ? 365 HOH A O   1 
HETATM 1587 O O   . HOH K 4 .  ? -10.437 -5.325  -20.659 1.00 30.52 ? 366 HOH A O   1 
HETATM 1588 O O   . HOH K 4 .  ? -10.211 -5.612  -11.678 1.00 17.90 ? 367 HOH A O   1 
HETATM 1589 O O   . HOH K 4 .  ? 12.134  -18.461 -16.668 1.00 31.83 ? 368 HOH A O   1 
HETATM 1590 O O   . HOH K 4 .  ? -1.738  -2.083  -11.989 1.00 32.49 ? 369 HOH A O   1 
HETATM 1591 O O   . HOH K 4 .  ? -9.680  -12.576 -13.197 1.00 31.33 ? 370 HOH A O   1 
HETATM 1592 O O   . HOH K 4 .  ? 14.912  -1.464  -17.673 1.00 16.24 ? 371 HOH A O   1 
HETATM 1593 O O   . HOH K 4 .  ? 14.711  7.195   -7.542  1.00 29.43 ? 372 HOH A O   1 
HETATM 1594 O O   . HOH K 4 .  ? -1.179  -17.258 -13.800 1.00 21.81 ? 373 HOH A O   1 
HETATM 1595 O O   . HOH K 4 .  ? -7.848  -1.088  -16.181 1.00 22.38 ? 374 HOH A O   1 
HETATM 1596 O O   . HOH K 4 .  ? 4.869   4.180   2.352   1.00 21.99 ? 375 HOH A O   1 
HETATM 1597 O O   . HOH K 4 .  ? 10.207  -11.057 -25.314 1.00 41.16 ? 376 HOH A O   1 
HETATM 1598 O O   . HOH K 4 .  ? -15.134 -14.794 -16.087 1.00 42.68 ? 377 HOH A O   1 
HETATM 1599 O O   . HOH K 4 .  ? 14.583  -0.365  -8.726  1.00 13.31 ? 378 HOH A O   1 
HETATM 1600 O O   . HOH K 4 .  ? 14.562  1.980   -6.580  1.00 30.48 ? 379 HOH A O   1 
HETATM 1601 O O   . HOH K 4 .  ? 8.143   4.238   -5.348  1.00 30.84 ? 380 HOH A O   1 
HETATM 1602 O O   . HOH K 4 .  ? 13.468  -2.550  -1.241  1.00 33.42 ? 381 HOH A O   1 
HETATM 1603 O O   . HOH K 4 .  ? -2.751  -6.594  -6.610  1.00 19.21 ? 382 HOH A O   1 
HETATM 1604 O O   . HOH K 4 .  ? -8.726  -2.309  -18.564 1.00 34.81 ? 383 HOH A O   1 
HETATM 1605 O O   . HOH K 4 .  ? 5.210   -16.302 -21.137 1.00 26.98 ? 384 HOH A O   1 
HETATM 1606 O O   . HOH K 4 .  ? 11.301  4.465   -7.931  1.00 30.85 ? 385 HOH A O   1 
HETATM 1607 O O   . HOH K 4 .  ? 10.506  1.397   0.003   1.00 31.21 ? 386 HOH A O   1 
HETATM 1608 O O   . HOH K 4 .  ? 0.944   8.637   -1.823  1.00 35.20 ? 387 HOH A O   1 
HETATM 1609 O O   . HOH K 4 .  ? 8.363   -7.569  -24.611 1.00 34.72 ? 388 HOH A O   1 
HETATM 1610 O O   . HOH K 4 .  ? 10.512  1.988   -22.446 1.00 28.68 ? 389 HOH A O   1 
HETATM 1611 O O   . HOH K 4 .  ? 6.790   -22.256 -17.375 1.00 22.99 ? 390 HOH A O   1 
HETATM 1612 O O   . HOH K 4 .  ? 0.721   -16.581 -10.354 1.00 32.72 ? 391 HOH A O   1 
HETATM 1613 O O   . HOH K 4 .  ? 16.405  -1.081  -6.723  1.00 18.62 ? 392 HOH A O   1 
HETATM 1614 O O   . HOH K 4 .  ? -2.162  -14.222 -8.844  1.00 37.97 ? 393 HOH A O   1 
HETATM 1615 O O   . HOH K 4 .  ? -2.667  -12.933 -6.326  1.00 39.95 ? 394 HOH A O   1 
HETATM 1616 O O   . HOH K 4 .  ? -3.542  -3.467  -3.123  1.00 35.09 ? 395 HOH A O   1 
HETATM 1617 O O   . HOH K 4 .  ? -6.525  1.014   -15.225 1.00 39.15 ? 396 HOH A O   1 
HETATM 1618 O O   . HOH K 4 .  ? 1.695   -21.802 -10.355 1.00 35.37 ? 397 HOH A O   1 
HETATM 1619 O O   . HOH K 4 .  ? 10.562  -18.796 -12.526 1.00 24.14 ? 398 HOH A O   1 
HETATM 1620 O O   . HOH K 4 .  ? -5.211  3.405   -8.198  1.00 33.02 ? 399 HOH A O   1 
HETATM 1621 O O   . HOH K 4 .  ? 2.959   7.658   -18.051 1.00 43.03 ? 400 HOH A O   1 
HETATM 1622 O O   . HOH K 4 .  ? 6.580   6.208   -5.453  1.00 38.49 ? 401 HOH A O   1 
HETATM 1623 O O   . HOH K 4 .  ? -9.829  -11.578 -11.072 1.00 40.66 ? 402 HOH A O   1 
HETATM 1624 O O   . HOH K 4 .  ? -3.727  -16.714 -14.131 1.00 32.44 ? 403 HOH A O   1 
HETATM 1625 O O   . HOH K 4 .  ? 8.483   4.189   -7.692  1.00 32.95 ? 404 HOH A O   1 
HETATM 1626 O O   . HOH K 4 .  ? 20.292  -10.383 -1.380  1.00 31.22 ? 405 HOH A O   1 
HETATM 1627 O O   . HOH K 4 .  ? -0.754  -15.964 -5.447  1.00 34.13 ? 406 HOH A O   1 
HETATM 1628 O O   . HOH K 4 .  ? -9.960  -7.817  -21.319 1.00 26.70 ? 407 HOH A O   1 
HETATM 1629 O O   . HOH K 4 .  ? 14.208  -0.100  -19.809 1.00 35.04 ? 408 HOH A O   1 
HETATM 1630 O O   . HOH K 4 .  ? 11.036  -7.258  3.435   1.00 31.25 ? 409 HOH A O   1 
HETATM 1631 O O   . HOH K 4 .  ? 15.355  -2.171  -26.019 1.00 36.78 ? 410 HOH A O   1 
HETATM 1632 O O   . HOH K 4 .  ? 23.472  -12.264 -1.633  1.00 36.27 ? 411 HOH A O   1 
HETATM 1633 O O   . HOH K 4 .  ? 5.945   -24.292 -15.135 1.00 40.98 ? 412 HOH A O   1 
HETATM 1634 O O   . HOH K 4 .  ? 3.775   -14.000 -21.818 1.00 39.24 ? 413 HOH A O   1 
HETATM 1635 O O   . HOH K 4 .  ? 20.886  -6.253  -19.693 1.00 33.12 ? 414 HOH A O   1 
HETATM 1636 O O   . HOH K 4 .  ? 16.707  -2.626  -3.491  1.00 29.68 ? 415 HOH A O   1 
HETATM 1637 O O   . HOH K 4 .  ? -4.228  -14.710 -11.571 1.00 40.02 ? 416 HOH A O   1 
HETATM 1638 O O   . HOH K 4 .  ? -18.714 -1.679  -10.483 1.00 29.32 ? 417 HOH A O   1 
HETATM 1639 O O   . HOH K 4 .  ? 5.789   -21.687 -9.001  1.00 19.47 ? 418 HOH A O   1 
HETATM 1640 O O   . HOH K 4 .  ? -17.810 -4.329  -11.592 1.00 34.27 ? 419 HOH A O   1 
HETATM 1641 O O   . HOH K 4 .  ? 12.937  -19.321 -10.550 1.00 35.23 ? 420 HOH A O   1 
HETATM 1642 O O   . HOH K 4 .  ? 17.718  -3.365  -1.333  1.00 26.38 ? 421 HOH A O   1 
HETATM 1643 O O   . HOH K 4 .  ? 10.530  -20.544 -14.651 1.00 33.38 ? 422 HOH A O   1 
HETATM 1644 O O   . HOH K 4 .  ? -13.457 -9.234  -9.072  1.00 42.23 ? 423 HOH A O   1 
HETATM 1645 O O   . HOH K 4 .  ? -5.991  -12.470 -12.073 1.00 30.56 ? 424 HOH A O   1 
HETATM 1646 O O   . HOH K 4 .  ? 4.558   5.918   -8.709  1.00 32.27 ? 425 HOH A O   1 
HETATM 1647 O O   . HOH K 4 .  ? 12.087  1.528   -3.672  1.00 31.79 ? 426 HOH A O   1 
HETATM 1648 O O   . HOH K 4 .  ? 13.790  -0.314  -2.087  1.00 35.54 ? 427 HOH A O   1 
HETATM 1649 O O   . HOH K 4 .  ? 11.564  -21.439 -17.177 1.00 38.20 ? 428 HOH A O   1 
HETATM 1650 O O   . HOH K 4 .  ? 7.925   -16.590 -22.242 1.00 40.13 ? 429 HOH A O   1 
# 
loop_
_pdbx_poly_seq_scheme.asym_id 
_pdbx_poly_seq_scheme.entity_id 
_pdbx_poly_seq_scheme.seq_id 
_pdbx_poly_seq_scheme.mon_id 
_pdbx_poly_seq_scheme.ndb_seq_num 
_pdbx_poly_seq_scheme.pdb_seq_num 
_pdbx_poly_seq_scheme.auth_seq_num 
_pdbx_poly_seq_scheme.pdb_mon_id 
_pdbx_poly_seq_scheme.auth_mon_id 
_pdbx_poly_seq_scheme.pdb_strand_id 
_pdbx_poly_seq_scheme.pdb_ins_code 
_pdbx_poly_seq_scheme.hetero 
A 1 1   GLY 1   41  ?   ?   ?   B . n 
A 1 2   SER 2   42  ?   ?   ?   B . n 
A 1 3   HIS 3   43  ?   ?   ?   B . n 
A 1 4   MET 4   44  ?   ?   ?   B . n 
A 1 5   GLY 5   45  ?   ?   ?   B . n 
A 1 6   GLU 6   46  ?   ?   ?   B . n 
A 1 7   SER 7   47  ?   ?   ?   B . n 
A 1 8   PRO 8   48  48  PRO PRO B . n 
A 1 9   LYS 9   49  49  LYS LYS B . n 
A 1 10  PHE 10  50  50  PHE PHE B . n 
A 1 11  VAL 11  51  51  VAL VAL B . n 
A 1 12  ARG 12  52  52  ARG ARG B . n 
A 1 13  LEU 13  53  53  LEU LEU B . n 
A 1 14  ARG 14  54  54  ARG ARG B . n 
A 1 15  GLY 15  55  55  GLY GLY B . n 
A 1 16  LEU 16  56  56  LEU LEU B . n 
A 1 17  PRO 17  57  57  PRO PRO B . n 
A 1 18  TRP 18  58  58  TRP TRP B . n 
A 1 19  SER 19  59  59  SER SER B . n 
A 1 20  ALA 20  60  60  ALA ALA B . n 
A 1 21  THR 21  61  61  THR THR B . n 
A 1 22  HIS 22  62  62  HIS HIS B . n 
A 1 23  LYS 23  63  63  LYS LYS B . n 
A 1 24  GLU 24  64  64  GLU GLU B . n 
A 1 25  ILE 25  65  65  ILE ILE B . n 
A 1 26  LEU 26  66  66  LEU LEU B . n 
A 1 27  ASP 27  67  67  ASP ASP B . n 
A 1 28  PHE 28  68  68  PHE PHE B . n 
A 1 29  LEU 29  69  69  LEU LEU B . n 
A 1 30  GLU 30  70  70  GLU GLU B . n 
A 1 31  ASN 31  71  71  ASN ASN B . n 
A 1 32  VAL 32  72  72  VAL VAL B . n 
A 1 33  ASN 33  73  73  ASN ASN B . n 
A 1 34  VAL 34  74  74  VAL VAL B . n 
A 1 35  THR 35  75  75  THR THR B . n 
A 1 36  ASN 36  76  76  ASN ASN B . n 
A 1 37  GLY 37  77  77  GLY GLY B . n 
A 1 38  SER 38  78  78  SER SER B . n 
A 1 39  ALA 39  79  79  ALA ALA B . n 
A 1 40  GLY 40  80  80  GLY GLY B . n 
A 1 41  ILE 41  81  81  ILE ILE B . n 
A 1 42  HIS 42  82  82  HIS HIS B . n 
A 1 43  LEU 43  83  83  LEU LEU B . n 
A 1 44  VAL 44  84  84  VAL VAL B . n 
A 1 45  THR 45  85  85  THR THR B . n 
A 1 46  SER 46  86  86  SER SER B . n 
A 1 47  ARG 47  87  ?   ?   ?   B . n 
A 1 48  VAL 48  88  ?   ?   ?   B . n 
A 1 49  ASP 49  89  ?   ?   ?   B . n 
A 1 50  GLY 50  90  ?   ?   ?   B . n 
A 1 51  LYS 51  91  ?   ?   ?   B . n 
A 1 52  ASN 52  92  92  ASN ASN B . n 
A 1 53  THR 53  93  93  THR THR B . n 
A 1 54  GLY 54  94  94  GLY GLY B . n 
A 1 55  GLU 55  95  95  GLU GLU B . n 
A 1 56  ALA 56  96  96  ALA ALA B . n 
A 1 57  TYR 57  97  97  TYR TYR B . n 
A 1 58  VAL 58  98  98  VAL VAL B . n 
A 1 59  GLU 59  99  99  GLU GLU B . n 
A 1 60  VAL 60  100 100 VAL VAL B . n 
A 1 61  ALA 61  101 101 ALA ALA B . n 
A 1 62  SER 62  102 102 SER SER B . n 
A 1 63  GLN 63  103 103 GLN GLN B . n 
A 1 64  GLU 64  104 104 GLU GLU B . n 
A 1 65  ASP 65  105 105 ASP ASP B . n 
A 1 66  VAL 66  106 106 VAL VAL B . n 
A 1 67  GLU 67  107 107 GLU GLU B . n 
A 1 68  GLU 68  108 108 GLU GLU B . n 
A 1 69  ALA 69  109 109 ALA ALA B . n 
A 1 70  ARG 70  110 110 ARG ARG B . n 
A 1 71  LYS 71  111 111 LYS LYS B . n 
A 1 72  LEU 72  112 112 LEU LEU B . n 
A 1 73  ASN 73  113 113 ASN ASN B . n 
A 1 74  LYS 74  114 114 LYS LYS B . n 
A 1 75  ALA 75  115 115 ALA ALA B . n 
A 1 76  SER 76  116 116 SER SER B . n 
A 1 77  MET 77  117 117 MET MET B . n 
A 1 78  GLY 78  118 118 GLY GLY B . n 
A 1 79  HIS 79  119 119 HIS HIS B . n 
A 1 80  ARG 80  120 120 ARG ARG B . n 
A 1 81  TYR 81  121 121 TYR TYR B . n 
A 1 82  ILE 82  122 122 ILE ILE B . n 
A 1 83  GLU 83  123 123 GLU GLU B . n 
A 1 84  VAL 84  124 124 VAL VAL B . n 
A 1 85  PHE 85  125 125 PHE PHE B . n 
A 1 86  THR 86  126 126 THR THR B . n 
A 1 87  ALA 87  127 127 ALA ALA B . n 
A 1 88  THR 88  128 128 THR THR B . n 
A 1 89  PRO 89  129 129 PRO PRO B . n 
A 1 90  LYS 90  130 130 LYS LYS B . n 
A 1 91  GLU 91  131 131 GLU GLU B . n 
A 1 92  ALA 92  132 132 ALA ALA B . n 
A 1 93  LYS 93  133 133 LYS LYS B . n 
A 1 94  GLU 94  134 134 GLU GLU B . n 
A 1 95  ALA 95  135 135 ALA ALA B . n 
A 1 96  MET 96  136 136 MET MET B . n 
A 1 97  ARG 97  137 ?   ?   ?   B . n 
A 1 98  LYS 98  138 ?   ?   ?   B . n 
A 1 99  ILE 99  139 ?   ?   ?   B . n 
A 1 100 SER 100 140 ?   ?   ?   B . n 
A 1 101 GLY 101 141 ?   ?   ?   B . n 
B 1 1   GLY 1   41  ?   ?   ?   A . n 
B 1 2   SER 2   42  ?   ?   ?   A . n 
B 1 3   HIS 3   43  ?   ?   ?   A . n 
B 1 4   MET 4   44  ?   ?   ?   A . n 
B 1 5   GLY 5   45  ?   ?   ?   A . n 
B 1 6   GLU 6   46  ?   ?   ?   A . n 
B 1 7   SER 7   47  ?   ?   ?   A . n 
B 1 8   PRO 8   48  48  PRO PRO A . n 
B 1 9   LYS 9   49  49  LYS LYS A . n 
B 1 10  PHE 10  50  50  PHE PHE A . n 
B 1 11  VAL 11  51  51  VAL VAL A . n 
B 1 12  ARG 12  52  52  ARG ARG A . n 
B 1 13  LEU 13  53  53  LEU LEU A . n 
B 1 14  ARG 14  54  54  ARG ARG A . n 
B 1 15  GLY 15  55  55  GLY GLY A . n 
B 1 16  LEU 16  56  56  LEU LEU A . n 
B 1 17  PRO 17  57  57  PRO PRO A . n 
B 1 18  TRP 18  58  58  TRP TRP A . n 
B 1 19  SER 19  59  59  SER SER A . n 
B 1 20  ALA 20  60  60  ALA ALA A . n 
B 1 21  THR 21  61  61  THR THR A . n 
B 1 22  HIS 22  62  62  HIS HIS A . n 
B 1 23  LYS 23  63  63  LYS LYS A . n 
B 1 24  GLU 24  64  64  GLU GLU A . n 
B 1 25  ILE 25  65  65  ILE ILE A . n 
B 1 26  LEU 26  66  66  LEU LEU A . n 
B 1 27  ASP 27  67  67  ASP ASP A . n 
B 1 28  PHE 28  68  68  PHE PHE A . n 
B 1 29  LEU 29  69  69  LEU LEU A . n 
B 1 30  GLU 30  70  70  GLU GLU A . n 
B 1 31  ASN 31  71  71  ASN ASN A . n 
B 1 32  VAL 32  72  72  VAL VAL A . n 
B 1 33  ASN 33  73  73  ASN ASN A . n 
B 1 34  VAL 34  74  74  VAL VAL A . n 
B 1 35  THR 35  75  75  THR THR A . n 
B 1 36  ASN 36  76  76  ASN ASN A . n 
B 1 37  GLY 37  77  77  GLY GLY A . n 
B 1 38  SER 38  78  78  SER SER A . n 
B 1 39  ALA 39  79  79  ALA ALA A . n 
B 1 40  GLY 40  80  80  GLY GLY A . n 
B 1 41  ILE 41  81  81  ILE ILE A . n 
B 1 42  HIS 42  82  82  HIS HIS A . n 
B 1 43  LEU 43  83  83  LEU LEU A . n 
B 1 44  VAL 44  84  84  VAL VAL A . n 
B 1 45  THR 45  85  85  THR THR A . n 
B 1 46  SER 46  86  86  SER SER A . n 
B 1 47  ARG 47  87  87  ARG ARG A . n 
B 1 48  VAL 48  88  88  VAL VAL A . n 
B 1 49  ASP 49  89  89  ASP ASP A . n 
B 1 50  GLY 50  90  90  GLY GLY A . n 
B 1 51  LYS 51  91  91  LYS LYS A . n 
B 1 52  ASN 52  92  92  ASN ASN A . n 
B 1 53  THR 53  93  93  THR THR A . n 
B 1 54  GLY 54  94  94  GLY GLY A . n 
B 1 55  GLU 55  95  95  GLU GLU A . n 
B 1 56  ALA 56  96  96  ALA ALA A . n 
B 1 57  TYR 57  97  97  TYR TYR A . n 
B 1 58  VAL 58  98  98  VAL VAL A . n 
B 1 59  GLU 59  99  99  GLU GLU A . n 
B 1 60  VAL 60  100 100 VAL VAL A . n 
B 1 61  ALA 61  101 101 ALA ALA A . n 
B 1 62  SER 62  102 102 SER SER A . n 
B 1 63  GLN 63  103 103 GLN GLN A . n 
B 1 64  GLU 64  104 104 GLU GLU A . n 
B 1 65  ASP 65  105 105 ASP ASP A . n 
B 1 66  VAL 66  106 106 VAL VAL A . n 
B 1 67  GLU 67  107 107 GLU GLU A . n 
B 1 68  GLU 68  108 108 GLU GLU A . n 
B 1 69  ALA 69  109 109 ALA ALA A . n 
B 1 70  ARG 70  110 110 ARG ARG A . n 
B 1 71  LYS 71  111 111 LYS LYS A . n 
B 1 72  LEU 72  112 112 LEU LEU A . n 
B 1 73  ASN 73  113 113 ASN ASN A . n 
B 1 74  LYS 74  114 114 LYS LYS A . n 
B 1 75  ALA 75  115 115 ALA ALA A . n 
B 1 76  SER 76  116 116 SER SER A . n 
B 1 77  MET 77  117 117 MET MET A . n 
B 1 78  GLY 78  118 118 GLY GLY A . n 
B 1 79  HIS 79  119 119 HIS HIS A . n 
B 1 80  ARG 80  120 120 ARG ARG A . n 
B 1 81  TYR 81  121 121 TYR TYR A . n 
B 1 82  ILE 82  122 122 ILE ILE A . n 
B 1 83  GLU 83  123 123 GLU GLU A . n 
B 1 84  VAL 84  124 124 VAL VAL A . n 
B 1 85  PHE 85  125 125 PHE PHE A . n 
B 1 86  THR 86  126 126 THR THR A . n 
B 1 87  ALA 87  127 127 ALA ALA A . n 
B 1 88  THR 88  128 128 THR THR A . n 
B 1 89  PRO 89  129 129 PRO PRO A . n 
B 1 90  LYS 90  130 130 LYS LYS A . n 
B 1 91  GLU 91  131 131 GLU GLU A . n 
B 1 92  ALA 92  132 132 ALA ALA A . n 
B 1 93  LYS 93  133 133 LYS LYS A . n 
B 1 94  GLU 94  134 134 GLU GLU A . n 
B 1 95  ALA 95  135 135 ALA ALA A . n 
B 1 96  MET 96  136 136 MET MET A . n 
B 1 97  ARG 97  137 137 ARG ARG A . n 
B 1 98  LYS 98  138 ?   ?   ?   A . n 
B 1 99  ILE 99  139 ?   ?   ?   A . n 
B 1 100 SER 100 140 ?   ?   ?   A . n 
B 1 101 GLY 101 141 ?   ?   ?   A . n 
# 
loop_
_pdbx_nonpoly_scheme.asym_id 
_pdbx_nonpoly_scheme.entity_id 
_pdbx_nonpoly_scheme.mon_id 
_pdbx_nonpoly_scheme.ndb_seq_num 
_pdbx_nonpoly_scheme.pdb_seq_num 
_pdbx_nonpoly_scheme.auth_seq_num 
_pdbx_nonpoly_scheme.pdb_mon_id 
_pdbx_nonpoly_scheme.auth_mon_id 
_pdbx_nonpoly_scheme.pdb_strand_id 
_pdbx_nonpoly_scheme.pdb_ins_code 
C 2 GOL 1   201 2   GOL GOL B . 
D 2 GOL 1   202 5   GOL GOL B . 
E 2 GOL 1   201 3   GOL GOL A . 
F 2 GOL 1   202 4   GOL GOL A . 
G 2 GOL 1   203 6   GOL GOL A . 
H 3 SO4 1   204 1   SO4 SO4 A . 
I 3 SO4 1   205 2   SO4 SO4 A . 
J 4 HOH 1   301 166 HOH HOH B . 
J 4 HOH 2   302 243 HOH HOH B . 
J 4 HOH 3   303 63  HOH HOH B . 
J 4 HOH 4   304 191 HOH HOH B . 
J 4 HOH 5   305 138 HOH HOH B . 
J 4 HOH 6   306 74  HOH HOH B . 
J 4 HOH 7   307 91  HOH HOH B . 
J 4 HOH 8   308 50  HOH HOH B . 
J 4 HOH 9   309 19  HOH HOH B . 
J 4 HOH 10  310 173 HOH HOH B . 
J 4 HOH 11  311 177 HOH HOH B . 
J 4 HOH 12  312 222 HOH HOH B . 
J 4 HOH 13  313 119 HOH HOH B . 
J 4 HOH 14  314 156 HOH HOH B . 
J 4 HOH 15  315 70  HOH HOH B . 
J 4 HOH 16  316 148 HOH HOH B . 
J 4 HOH 17  317 140 HOH HOH B . 
J 4 HOH 18  318 65  HOH HOH B . 
J 4 HOH 19  319 212 HOH HOH B . 
J 4 HOH 20  320 125 HOH HOH B . 
J 4 HOH 21  321 136 HOH HOH B . 
J 4 HOH 22  322 4   HOH HOH B . 
J 4 HOH 23  323 124 HOH HOH B . 
J 4 HOH 24  324 99  HOH HOH B . 
J 4 HOH 25  325 241 HOH HOH B . 
J 4 HOH 26  326 90  HOH HOH B . 
J 4 HOH 27  327 32  HOH HOH B . 
J 4 HOH 28  328 12  HOH HOH B . 
J 4 HOH 29  329 58  HOH HOH B . 
J 4 HOH 30  330 118 HOH HOH B . 
J 4 HOH 31  331 123 HOH HOH B . 
J 4 HOH 32  332 35  HOH HOH B . 
J 4 HOH 33  333 76  HOH HOH B . 
J 4 HOH 34  334 190 HOH HOH B . 
J 4 HOH 35  335 30  HOH HOH B . 
J 4 HOH 36  336 181 HOH HOH B . 
J 4 HOH 37  337 14  HOH HOH B . 
J 4 HOH 38  338 106 HOH HOH B . 
J 4 HOH 39  339 164 HOH HOH B . 
J 4 HOH 40  340 57  HOH HOH B . 
J 4 HOH 41  341 18  HOH HOH B . 
J 4 HOH 42  342 102 HOH HOH B . 
J 4 HOH 43  343 133 HOH HOH B . 
J 4 HOH 44  344 71  HOH HOH B . 
J 4 HOH 45  345 64  HOH HOH B . 
J 4 HOH 46  346 61  HOH HOH B . 
J 4 HOH 47  347 37  HOH HOH B . 
J 4 HOH 48  348 130 HOH HOH B . 
J 4 HOH 49  349 10  HOH HOH B . 
J 4 HOH 50  350 68  HOH HOH B . 
J 4 HOH 51  351 246 HOH HOH B . 
J 4 HOH 52  352 153 HOH HOH B . 
J 4 HOH 53  353 105 HOH HOH B . 
J 4 HOH 54  354 128 HOH HOH B . 
J 4 HOH 55  355 158 HOH HOH B . 
J 4 HOH 56  356 100 HOH HOH B . 
J 4 HOH 57  357 5   HOH HOH B . 
J 4 HOH 58  358 240 HOH HOH B . 
J 4 HOH 59  359 13  HOH HOH B . 
J 4 HOH 60  360 134 HOH HOH B . 
J 4 HOH 61  361 146 HOH HOH B . 
J 4 HOH 62  362 84  HOH HOH B . 
J 4 HOH 63  363 11  HOH HOH B . 
J 4 HOH 64  364 115 HOH HOH B . 
J 4 HOH 65  365 20  HOH HOH B . 
J 4 HOH 66  366 163 HOH HOH B . 
J 4 HOH 67  367 1   HOH HOH B . 
J 4 HOH 68  368 112 HOH HOH B . 
J 4 HOH 69  369 183 HOH HOH B . 
J 4 HOH 70  370 258 HOH HOH B . 
J 4 HOH 71  371 236 HOH HOH B . 
J 4 HOH 72  372 66  HOH HOH B . 
J 4 HOH 73  373 186 HOH HOH B . 
J 4 HOH 74  374 36  HOH HOH B . 
J 4 HOH 75  375 223 HOH HOH B . 
J 4 HOH 76  376 147 HOH HOH B . 
J 4 HOH 77  377 21  HOH HOH B . 
J 4 HOH 78  378 227 HOH HOH B . 
J 4 HOH 79  379 67  HOH HOH B . 
J 4 HOH 80  380 168 HOH HOH B . 
J 4 HOH 81  381 224 HOH HOH B . 
J 4 HOH 82  382 117 HOH HOH B . 
J 4 HOH 83  383 221 HOH HOH B . 
J 4 HOH 84  384 249 HOH HOH B . 
J 4 HOH 85  385 253 HOH HOH B . 
J 4 HOH 86  386 210 HOH HOH B . 
J 4 HOH 87  387 219 HOH HOH B . 
J 4 HOH 88  388 207 HOH HOH B . 
J 4 HOH 89  389 83  HOH HOH B . 
J 4 HOH 90  390 194 HOH HOH B . 
J 4 HOH 91  391 197 HOH HOH B . 
J 4 HOH 92  392 208 HOH HOH B . 
J 4 HOH 93  393 196 HOH HOH B . 
J 4 HOH 94  394 193 HOH HOH B . 
J 4 HOH 95  395 251 HOH HOH B . 
J 4 HOH 96  396 81  HOH HOH B . 
J 4 HOH 97  397 220 HOH HOH B . 
J 4 HOH 98  398 192 HOH HOH B . 
J 4 HOH 99  399 225 HOH HOH B . 
J 4 HOH 100 400 195 HOH HOH B . 
J 4 HOH 101 401 257 HOH HOH B . 
K 4 HOH 1   301 143 HOH HOH A . 
K 4 HOH 2   302 229 HOH HOH A . 
K 4 HOH 3   303 245 HOH HOH A . 
K 4 HOH 4   304 248 HOH HOH A . 
K 4 HOH 5   305 137 HOH HOH A . 
K 4 HOH 6   306 141 HOH HOH A . 
K 4 HOH 7   307 40  HOH HOH A . 
K 4 HOH 8   308 132 HOH HOH A . 
K 4 HOH 9   309 52  HOH HOH A . 
K 4 HOH 10  310 188 HOH HOH A . 
K 4 HOH 11  311 165 HOH HOH A . 
K 4 HOH 12  312 48  HOH HOH A . 
K 4 HOH 13  313 121 HOH HOH A . 
K 4 HOH 14  314 175 HOH HOH A . 
K 4 HOH 15  315 46  HOH HOH A . 
K 4 HOH 16  316 129 HOH HOH A . 
K 4 HOH 17  317 171 HOH HOH A . 
K 4 HOH 18  318 231 HOH HOH A . 
K 4 HOH 19  319 152 HOH HOH A . 
K 4 HOH 20  320 39  HOH HOH A . 
K 4 HOH 21  321 98  HOH HOH A . 
K 4 HOH 22  322 62  HOH HOH A . 
K 4 HOH 23  323 170 HOH HOH A . 
K 4 HOH 24  324 103 HOH HOH A . 
K 4 HOH 25  325 72  HOH HOH A . 
K 4 HOH 26  326 3   HOH HOH A . 
K 4 HOH 27  327 142 HOH HOH A . 
K 4 HOH 28  328 179 HOH HOH A . 
K 4 HOH 29  329 49  HOH HOH A . 
K 4 HOH 30  330 17  HOH HOH A . 
K 4 HOH 31  331 43  HOH HOH A . 
K 4 HOH 32  332 96  HOH HOH A . 
K 4 HOH 33  333 80  HOH HOH A . 
K 4 HOH 34  334 77  HOH HOH A . 
K 4 HOH 35  335 230 HOH HOH A . 
K 4 HOH 36  336 155 HOH HOH A . 
K 4 HOH 37  337 31  HOH HOH A . 
K 4 HOH 38  338 7   HOH HOH A . 
K 4 HOH 39  339 56  HOH HOH A . 
K 4 HOH 40  340 9   HOH HOH A . 
K 4 HOH 41  341 79  HOH HOH A . 
K 4 HOH 42  342 198 HOH HOH A . 
K 4 HOH 43  343 75  HOH HOH A . 
K 4 HOH 44  344 239 HOH HOH A . 
K 4 HOH 45  345 97  HOH HOH A . 
K 4 HOH 46  346 69  HOH HOH A . 
K 4 HOH 47  347 244 HOH HOH A . 
K 4 HOH 48  348 42  HOH HOH A . 
K 4 HOH 49  349 38  HOH HOH A . 
K 4 HOH 50  350 144 HOH HOH A . 
K 4 HOH 51  351 87  HOH HOH A . 
K 4 HOH 52  352 94  HOH HOH A . 
K 4 HOH 53  353 85  HOH HOH A . 
K 4 HOH 54  354 34  HOH HOH A . 
K 4 HOH 55  355 167 HOH HOH A . 
K 4 HOH 56  356 22  HOH HOH A . 
K 4 HOH 57  357 93  HOH HOH A . 
K 4 HOH 58  358 242 HOH HOH A . 
K 4 HOH 59  359 199 HOH HOH A . 
K 4 HOH 60  360 86  HOH HOH A . 
K 4 HOH 61  361 41  HOH HOH A . 
K 4 HOH 62  362 27  HOH HOH A . 
K 4 HOH 63  363 184 HOH HOH A . 
K 4 HOH 64  364 78  HOH HOH A . 
K 4 HOH 65  365 218 HOH HOH A . 
K 4 HOH 66  366 139 HOH HOH A . 
K 4 HOH 67  367 29  HOH HOH A . 
K 4 HOH 68  368 131 HOH HOH A . 
K 4 HOH 69  369 172 HOH HOH A . 
K 4 HOH 70  370 149 HOH HOH A . 
K 4 HOH 71  371 23  HOH HOH A . 
K 4 HOH 72  372 107 HOH HOH A . 
K 4 HOH 73  373 33  HOH HOH A . 
K 4 HOH 74  374 60  HOH HOH A . 
K 4 HOH 75  375 73  HOH HOH A . 
K 4 HOH 76  376 237 HOH HOH A . 
K 4 HOH 77  377 174 HOH HOH A . 
K 4 HOH 78  378 8   HOH HOH A . 
K 4 HOH 79  379 120 HOH HOH A . 
K 4 HOH 80  380 151 HOH HOH A . 
K 4 HOH 81  381 187 HOH HOH A . 
K 4 HOH 82  382 45  HOH HOH A . 
K 4 HOH 83  383 185 HOH HOH A . 
K 4 HOH 84  384 101 HOH HOH A . 
K 4 HOH 85  385 92  HOH HOH A . 
K 4 HOH 86  386 235 HOH HOH A . 
K 4 HOH 87  387 110 HOH HOH A . 
K 4 HOH 88  388 238 HOH HOH A . 
K 4 HOH 89  389 82  HOH HOH A . 
K 4 HOH 90  390 47  HOH HOH A . 
K 4 HOH 91  391 109 HOH HOH A . 
K 4 HOH 92  392 44  HOH HOH A . 
K 4 HOH 93  393 154 HOH HOH A . 
K 4 HOH 94  394 178 HOH HOH A . 
K 4 HOH 95  395 111 HOH HOH A . 
K 4 HOH 96  396 232 HOH HOH A . 
K 4 HOH 97  397 176 HOH HOH A . 
K 4 HOH 98  398 59  HOH HOH A . 
K 4 HOH 99  399 228 HOH HOH A . 
K 4 HOH 100 400 252 HOH HOH A . 
K 4 HOH 101 401 159 HOH HOH A . 
K 4 HOH 102 402 256 HOH HOH A . 
K 4 HOH 103 403 202 HOH HOH A . 
K 4 HOH 104 404 113 HOH HOH A . 
K 4 HOH 105 405 161 HOH HOH A . 
K 4 HOH 106 406 114 HOH HOH A . 
K 4 HOH 107 407 213 HOH HOH A . 
K 4 HOH 108 408 200 HOH HOH A . 
K 4 HOH 109 409 214 HOH HOH A . 
K 4 HOH 110 410 259 HOH HOH A . 
K 4 HOH 111 411 250 HOH HOH A . 
K 4 HOH 112 412 260 HOH HOH A . 
K 4 HOH 113 413 209 HOH HOH A . 
K 4 HOH 114 414 216 HOH HOH A . 
K 4 HOH 115 415 206 HOH HOH A . 
K 4 HOH 116 416 203 HOH HOH A . 
K 4 HOH 117 417 201 HOH HOH A . 
K 4 HOH 118 418 162 HOH HOH A . 
K 4 HOH 119 419 211 HOH HOH A . 
K 4 HOH 120 420 247 HOH HOH A . 
K 4 HOH 121 421 205 HOH HOH A . 
K 4 HOH 122 422 255 HOH HOH A . 
K 4 HOH 123 423 108 HOH HOH A . 
K 4 HOH 124 424 204 HOH HOH A . 
K 4 HOH 125 425 234 HOH HOH A . 
K 4 HOH 126 426 233 HOH HOH A . 
K 4 HOH 127 427 217 HOH HOH A . 
K 4 HOH 128 428 254 HOH HOH A . 
K 4 HOH 129 429 226 HOH HOH A . 
# 
_pdbx_struct_assembly.id                   1 
_pdbx_struct_assembly.details              author_and_software_defined_assembly 
_pdbx_struct_assembly.method_details       PISA 
_pdbx_struct_assembly.oligomeric_details   dimeric 
_pdbx_struct_assembly.oligomeric_count     2 
# 
_pdbx_struct_assembly_gen.assembly_id       1 
_pdbx_struct_assembly_gen.oper_expression   1 
_pdbx_struct_assembly_gen.asym_id_list      A,B,C,D,E,F,G,H,I,J,K 
# 
loop_
_pdbx_struct_assembly_prop.biol_id 
_pdbx_struct_assembly_prop.type 
_pdbx_struct_assembly_prop.value 
_pdbx_struct_assembly_prop.details 
1 'ABSA (A^2)' 1990  ? 
1 MORE         -24   ? 
1 'SSA (A^2)'  10230 ? 
# 
_pdbx_struct_oper_list.id                   1 
_pdbx_struct_oper_list.type                 'identity operation' 
_pdbx_struct_oper_list.name                 1_555 
_pdbx_struct_oper_list.symmetry_operation   x,y,z 
_pdbx_struct_oper_list.matrix[1][1]         1.0000000000 
_pdbx_struct_oper_list.matrix[1][2]         0.0000000000 
_pdbx_struct_oper_list.matrix[1][3]         0.0000000000 
_pdbx_struct_oper_list.vector[1]            0.0000000000 
_pdbx_struct_oper_list.matrix[2][1]         0.0000000000 
_pdbx_struct_oper_list.matrix[2][2]         1.0000000000 
_pdbx_struct_oper_list.matrix[2][3]         0.0000000000 
_pdbx_struct_oper_list.vector[2]            0.0000000000 
_pdbx_struct_oper_list.matrix[3][1]         0.0000000000 
_pdbx_struct_oper_list.matrix[3][2]         0.0000000000 
_pdbx_struct_oper_list.matrix[3][3]         1.0000000000 
_pdbx_struct_oper_list.vector[3]            0.0000000000 
# 
loop_
_pdbx_audit_revision_history.ordinal 
_pdbx_audit_revision_history.data_content_type 
_pdbx_audit_revision_history.major_revision 
_pdbx_audit_revision_history.minor_revision 
_pdbx_audit_revision_history.revision_date 
1 'Structure model' 1 0 2017-03-22 
2 'Structure model' 1 1 2017-03-29 
3 'Structure model' 1 2 2017-04-19 
4 'Structure model' 1 3 2023-10-04 
# 
_pdbx_audit_revision_details.ordinal             1 
_pdbx_audit_revision_details.revision_ordinal    1 
_pdbx_audit_revision_details.data_content_type   'Structure model' 
_pdbx_audit_revision_details.provider            repository 
_pdbx_audit_revision_details.type                'Initial release' 
_pdbx_audit_revision_details.description         ? 
_pdbx_audit_revision_details.details             ? 
# 
loop_
_pdbx_audit_revision_group.ordinal 
_pdbx_audit_revision_group.revision_ordinal 
_pdbx_audit_revision_group.data_content_type 
_pdbx_audit_revision_group.group 
1 2 'Structure model' 'Database references'    
2 3 'Structure model' 'Database references'    
3 4 'Structure model' 'Data collection'        
4 4 'Structure model' 'Database references'    
5 4 'Structure model' 'Refinement description' 
# 
loop_
_pdbx_audit_revision_category.ordinal 
_pdbx_audit_revision_category.revision_ordinal 
_pdbx_audit_revision_category.data_content_type 
_pdbx_audit_revision_category.category 
1 4 'Structure model' chem_comp_atom                
2 4 'Structure model' chem_comp_bond                
3 4 'Structure model' database_2                    
4 4 'Structure model' pdbx_initial_refinement_model 
# 
loop_
_pdbx_audit_revision_item.ordinal 
_pdbx_audit_revision_item.revision_ordinal 
_pdbx_audit_revision_item.data_content_type 
_pdbx_audit_revision_item.item 
1 4 'Structure model' '_database_2.pdbx_DOI'                
2 4 'Structure model' '_database_2.pdbx_database_accession' 
# 
loop_
_software.citation_id 
_software.classification 
_software.compiler_name 
_software.compiler_version 
_software.contact_author 
_software.contact_author_email 
_software.date 
_software.description 
_software.dependencies 
_software.hardware 
_software.language 
_software.location 
_software.mods 
_software.name 
_software.os 
_software.os_version 
_software.type 
_software.version 
_software.pdbx_ordinal 
? refinement        ? ? ? ? ? ? ? ? ? ? ? PHENIX   ? ? ? '(1.10.1_2155)' 1 
? 'data collection' ? ? ? ? ? ? ? ? ? ? ? HKL-2000 ? ? ? .               2 
? 'data scaling'    ? ? ? ? ? ? ? ? ? ? ? HKL-2000 ? ? ? .               3 
? phasing           ? ? ? ? ? ? ? ? ? ? ? MOLREP   ? ? ? .               4 
? 'data reduction'  ? ? ? ? ? ? ? ? ? ? ? HKL-2000 ? ? ? .               5 
# 
loop_
_pdbx_unobs_or_zero_occ_residues.id 
_pdbx_unobs_or_zero_occ_residues.PDB_model_num 
_pdbx_unobs_or_zero_occ_residues.polymer_flag 
_pdbx_unobs_or_zero_occ_residues.occupancy_flag 
_pdbx_unobs_or_zero_occ_residues.auth_asym_id 
_pdbx_unobs_or_zero_occ_residues.auth_comp_id 
_pdbx_unobs_or_zero_occ_residues.auth_seq_id 
_pdbx_unobs_or_zero_occ_residues.PDB_ins_code 
_pdbx_unobs_or_zero_occ_residues.label_asym_id 
_pdbx_unobs_or_zero_occ_residues.label_comp_id 
_pdbx_unobs_or_zero_occ_residues.label_seq_id 
1  1 Y 1 B GLY 41  ? A GLY 1   
2  1 Y 1 B SER 42  ? A SER 2   
3  1 Y 1 B HIS 43  ? A HIS 3   
4  1 Y 1 B MET 44  ? A MET 4   
5  1 Y 1 B GLY 45  ? A GLY 5   
6  1 Y 1 B GLU 46  ? A GLU 6   
7  1 Y 1 B SER 47  ? A SER 7   
8  1 Y 1 B ARG 87  ? A ARG 47  
9  1 Y 1 B VAL 88  ? A VAL 48  
10 1 Y 1 B ASP 89  ? A ASP 49  
11 1 Y 1 B GLY 90  ? A GLY 50  
12 1 Y 1 B LYS 91  ? A LYS 51  
13 1 Y 1 B ARG 137 ? A ARG 97  
14 1 Y 1 B LYS 138 ? A LYS 98  
15 1 Y 1 B ILE 139 ? A ILE 99  
16 1 Y 1 B SER 140 ? A SER 100 
17 1 Y 1 B GLY 141 ? A GLY 101 
18 1 Y 1 A GLY 41  ? B GLY 1   
19 1 Y 1 A SER 42  ? B SER 2   
20 1 Y 1 A HIS 43  ? B HIS 3   
21 1 Y 1 A MET 44  ? B MET 4   
22 1 Y 1 A GLY 45  ? B GLY 5   
23 1 Y 1 A GLU 46  ? B GLU 6   
24 1 Y 1 A SER 47  ? B SER 7   
25 1 Y 1 A LYS 138 ? B LYS 98  
26 1 Y 1 A ILE 139 ? B ILE 99  
27 1 Y 1 A SER 140 ? B SER 100 
28 1 Y 1 A GLY 141 ? B GLY 101 
# 
loop_
_chem_comp_atom.comp_id 
_chem_comp_atom.atom_id 
_chem_comp_atom.type_symbol 
_chem_comp_atom.pdbx_aromatic_flag 
_chem_comp_atom.pdbx_stereo_config 
_chem_comp_atom.pdbx_ordinal 
ALA N    N N N 1   
ALA CA   C N S 2   
ALA C    C N N 3   
ALA O    O N N 4   
ALA CB   C N N 5   
ALA OXT  O N N 6   
ALA H    H N N 7   
ALA H2   H N N 8   
ALA HA   H N N 9   
ALA HB1  H N N 10  
ALA HB2  H N N 11  
ALA HB3  H N N 12  
ALA HXT  H N N 13  
ARG N    N N N 14  
ARG CA   C N S 15  
ARG C    C N N 16  
ARG O    O N N 17  
ARG CB   C N N 18  
ARG CG   C N N 19  
ARG CD   C N N 20  
ARG NE   N N N 21  
ARG CZ   C N N 22  
ARG NH1  N N N 23  
ARG NH2  N N N 24  
ARG OXT  O N N 25  
ARG H    H N N 26  
ARG H2   H N N 27  
ARG HA   H N N 28  
ARG HB2  H N N 29  
ARG HB3  H N N 30  
ARG HG2  H N N 31  
ARG HG3  H N N 32  
ARG HD2  H N N 33  
ARG HD3  H N N 34  
ARG HE   H N N 35  
ARG HH11 H N N 36  
ARG HH12 H N N 37  
ARG HH21 H N N 38  
ARG HH22 H N N 39  
ARG HXT  H N N 40  
ASN N    N N N 41  
ASN CA   C N S 42  
ASN C    C N N 43  
ASN O    O N N 44  
ASN CB   C N N 45  
ASN CG   C N N 46  
ASN OD1  O N N 47  
ASN ND2  N N N 48  
ASN OXT  O N N 49  
ASN H    H N N 50  
ASN H2   H N N 51  
ASN HA   H N N 52  
ASN HB2  H N N 53  
ASN HB3  H N N 54  
ASN HD21 H N N 55  
ASN HD22 H N N 56  
ASN HXT  H N N 57  
ASP N    N N N 58  
ASP CA   C N S 59  
ASP C    C N N 60  
ASP O    O N N 61  
ASP CB   C N N 62  
ASP CG   C N N 63  
ASP OD1  O N N 64  
ASP OD2  O N N 65  
ASP OXT  O N N 66  
ASP H    H N N 67  
ASP H2   H N N 68  
ASP HA   H N N 69  
ASP HB2  H N N 70  
ASP HB3  H N N 71  
ASP HD2  H N N 72  
ASP HXT  H N N 73  
GLN N    N N N 74  
GLN CA   C N S 75  
GLN C    C N N 76  
GLN O    O N N 77  
GLN CB   C N N 78  
GLN CG   C N N 79  
GLN CD   C N N 80  
GLN OE1  O N N 81  
GLN NE2  N N N 82  
GLN OXT  O N N 83  
GLN H    H N N 84  
GLN H2   H N N 85  
GLN HA   H N N 86  
GLN HB2  H N N 87  
GLN HB3  H N N 88  
GLN HG2  H N N 89  
GLN HG3  H N N 90  
GLN HE21 H N N 91  
GLN HE22 H N N 92  
GLN HXT  H N N 93  
GLU N    N N N 94  
GLU CA   C N S 95  
GLU C    C N N 96  
GLU O    O N N 97  
GLU CB   C N N 98  
GLU CG   C N N 99  
GLU CD   C N N 100 
GLU OE1  O N N 101 
GLU OE2  O N N 102 
GLU OXT  O N N 103 
GLU H    H N N 104 
GLU H2   H N N 105 
GLU HA   H N N 106 
GLU HB2  H N N 107 
GLU HB3  H N N 108 
GLU HG2  H N N 109 
GLU HG3  H N N 110 
GLU HE2  H N N 111 
GLU HXT  H N N 112 
GLY N    N N N 113 
GLY CA   C N N 114 
GLY C    C N N 115 
GLY O    O N N 116 
GLY OXT  O N N 117 
GLY H    H N N 118 
GLY H2   H N N 119 
GLY HA2  H N N 120 
GLY HA3  H N N 121 
GLY HXT  H N N 122 
GOL C1   C N N 123 
GOL O1   O N N 124 
GOL C2   C N N 125 
GOL O2   O N N 126 
GOL C3   C N N 127 
GOL O3   O N N 128 
GOL H11  H N N 129 
GOL H12  H N N 130 
GOL HO1  H N N 131 
GOL H2   H N N 132 
GOL HO2  H N N 133 
GOL H31  H N N 134 
GOL H32  H N N 135 
GOL HO3  H N N 136 
HIS N    N N N 137 
HIS CA   C N S 138 
HIS C    C N N 139 
HIS O    O N N 140 
HIS CB   C N N 141 
HIS CG   C Y N 142 
HIS ND1  N Y N 143 
HIS CD2  C Y N 144 
HIS CE1  C Y N 145 
HIS NE2  N Y N 146 
HIS OXT  O N N 147 
HIS H    H N N 148 
HIS H2   H N N 149 
HIS HA   H N N 150 
HIS HB2  H N N 151 
HIS HB3  H N N 152 
HIS HD1  H N N 153 
HIS HD2  H N N 154 
HIS HE1  H N N 155 
HIS HE2  H N N 156 
HIS HXT  H N N 157 
HOH O    O N N 158 
HOH H1   H N N 159 
HOH H2   H N N 160 
ILE N    N N N 161 
ILE CA   C N S 162 
ILE C    C N N 163 
ILE O    O N N 164 
ILE CB   C N S 165 
ILE CG1  C N N 166 
ILE CG2  C N N 167 
ILE CD1  C N N 168 
ILE OXT  O N N 169 
ILE H    H N N 170 
ILE H2   H N N 171 
ILE HA   H N N 172 
ILE HB   H N N 173 
ILE HG12 H N N 174 
ILE HG13 H N N 175 
ILE HG21 H N N 176 
ILE HG22 H N N 177 
ILE HG23 H N N 178 
ILE HD11 H N N 179 
ILE HD12 H N N 180 
ILE HD13 H N N 181 
ILE HXT  H N N 182 
LEU N    N N N 183 
LEU CA   C N S 184 
LEU C    C N N 185 
LEU O    O N N 186 
LEU CB   C N N 187 
LEU CG   C N N 188 
LEU CD1  C N N 189 
LEU CD2  C N N 190 
LEU OXT  O N N 191 
LEU H    H N N 192 
LEU H2   H N N 193 
LEU HA   H N N 194 
LEU HB2  H N N 195 
LEU HB3  H N N 196 
LEU HG   H N N 197 
LEU HD11 H N N 198 
LEU HD12 H N N 199 
LEU HD13 H N N 200 
LEU HD21 H N N 201 
LEU HD22 H N N 202 
LEU HD23 H N N 203 
LEU HXT  H N N 204 
LYS N    N N N 205 
LYS CA   C N S 206 
LYS C    C N N 207 
LYS O    O N N 208 
LYS CB   C N N 209 
LYS CG   C N N 210 
LYS CD   C N N 211 
LYS CE   C N N 212 
LYS NZ   N N N 213 
LYS OXT  O N N 214 
LYS H    H N N 215 
LYS H2   H N N 216 
LYS HA   H N N 217 
LYS HB2  H N N 218 
LYS HB3  H N N 219 
LYS HG2  H N N 220 
LYS HG3  H N N 221 
LYS HD2  H N N 222 
LYS HD3  H N N 223 
LYS HE2  H N N 224 
LYS HE3  H N N 225 
LYS HZ1  H N N 226 
LYS HZ2  H N N 227 
LYS HZ3  H N N 228 
LYS HXT  H N N 229 
MET N    N N N 230 
MET CA   C N S 231 
MET C    C N N 232 
MET O    O N N 233 
MET CB   C N N 234 
MET CG   C N N 235 
MET SD   S N N 236 
MET CE   C N N 237 
MET OXT  O N N 238 
MET H    H N N 239 
MET H2   H N N 240 
MET HA   H N N 241 
MET HB2  H N N 242 
MET HB3  H N N 243 
MET HG2  H N N 244 
MET HG3  H N N 245 
MET HE1  H N N 246 
MET HE2  H N N 247 
MET HE3  H N N 248 
MET HXT  H N N 249 
PHE N    N N N 250 
PHE CA   C N S 251 
PHE C    C N N 252 
PHE O    O N N 253 
PHE CB   C N N 254 
PHE CG   C Y N 255 
PHE CD1  C Y N 256 
PHE CD2  C Y N 257 
PHE CE1  C Y N 258 
PHE CE2  C Y N 259 
PHE CZ   C Y N 260 
PHE OXT  O N N 261 
PHE H    H N N 262 
PHE H2   H N N 263 
PHE HA   H N N 264 
PHE HB2  H N N 265 
PHE HB3  H N N 266 
PHE HD1  H N N 267 
PHE HD2  H N N 268 
PHE HE1  H N N 269 
PHE HE2  H N N 270 
PHE HZ   H N N 271 
PHE HXT  H N N 272 
PRO N    N N N 273 
PRO CA   C N S 274 
PRO C    C N N 275 
PRO O    O N N 276 
PRO CB   C N N 277 
PRO CG   C N N 278 
PRO CD   C N N 279 
PRO OXT  O N N 280 
PRO H    H N N 281 
PRO HA   H N N 282 
PRO HB2  H N N 283 
PRO HB3  H N N 284 
PRO HG2  H N N 285 
PRO HG3  H N N 286 
PRO HD2  H N N 287 
PRO HD3  H N N 288 
PRO HXT  H N N 289 
SER N    N N N 290 
SER CA   C N S 291 
SER C    C N N 292 
SER O    O N N 293 
SER CB   C N N 294 
SER OG   O N N 295 
SER OXT  O N N 296 
SER H    H N N 297 
SER H2   H N N 298 
SER HA   H N N 299 
SER HB2  H N N 300 
SER HB3  H N N 301 
SER HG   H N N 302 
SER HXT  H N N 303 
SO4 S    S N N 304 
SO4 O1   O N N 305 
SO4 O2   O N N 306 
SO4 O3   O N N 307 
SO4 O4   O N N 308 
THR N    N N N 309 
THR CA   C N S 310 
THR C    C N N 311 
THR O    O N N 312 
THR CB   C N R 313 
THR OG1  O N N 314 
THR CG2  C N N 315 
THR OXT  O N N 316 
THR H    H N N 317 
THR H2   H N N 318 
THR HA   H N N 319 
THR HB   H N N 320 
THR HG1  H N N 321 
THR HG21 H N N 322 
THR HG22 H N N 323 
THR HG23 H N N 324 
THR HXT  H N N 325 
TRP N    N N N 326 
TRP CA   C N S 327 
TRP C    C N N 328 
TRP O    O N N 329 
TRP CB   C N N 330 
TRP CG   C Y N 331 
TRP CD1  C Y N 332 
TRP CD2  C Y N 333 
TRP NE1  N Y N 334 
TRP CE2  C Y N 335 
TRP CE3  C Y N 336 
TRP CZ2  C Y N 337 
TRP CZ3  C Y N 338 
TRP CH2  C Y N 339 
TRP OXT  O N N 340 
TRP H    H N N 341 
TRP H2   H N N 342 
TRP HA   H N N 343 
TRP HB2  H N N 344 
TRP HB3  H N N 345 
TRP HD1  H N N 346 
TRP HE1  H N N 347 
TRP HE3  H N N 348 
TRP HZ2  H N N 349 
TRP HZ3  H N N 350 
TRP HH2  H N N 351 
TRP HXT  H N N 352 
TYR N    N N N 353 
TYR CA   C N S 354 
TYR C    C N N 355 
TYR O    O N N 356 
TYR CB   C N N 357 
TYR CG   C Y N 358 
TYR CD1  C Y N 359 
TYR CD2  C Y N 360 
TYR CE1  C Y N 361 
TYR CE2  C Y N 362 
TYR CZ   C Y N 363 
TYR OH   O N N 364 
TYR OXT  O N N 365 
TYR H    H N N 366 
TYR H2   H N N 367 
TYR HA   H N N 368 
TYR HB2  H N N 369 
TYR HB3  H N N 370 
TYR HD1  H N N 371 
TYR HD2  H N N 372 
TYR HE1  H N N 373 
TYR HE2  H N N 374 
TYR HH   H N N 375 
TYR HXT  H N N 376 
VAL N    N N N 377 
VAL CA   C N S 378 
VAL C    C N N 379 
VAL O    O N N 380 
VAL CB   C N N 381 
VAL CG1  C N N 382 
VAL CG2  C N N 383 
VAL OXT  O N N 384 
VAL H    H N N 385 
VAL H2   H N N 386 
VAL HA   H N N 387 
VAL HB   H N N 388 
VAL HG11 H N N 389 
VAL HG12 H N N 390 
VAL HG13 H N N 391 
VAL HG21 H N N 392 
VAL HG22 H N N 393 
VAL HG23 H N N 394 
VAL HXT  H N N 395 
# 
loop_
_chem_comp_bond.comp_id 
_chem_comp_bond.atom_id_1 
_chem_comp_bond.atom_id_2 
_chem_comp_bond.value_order 
_chem_comp_bond.pdbx_aromatic_flag 
_chem_comp_bond.pdbx_stereo_config 
_chem_comp_bond.pdbx_ordinal 
ALA N   CA   sing N N 1   
ALA N   H    sing N N 2   
ALA N   H2   sing N N 3   
ALA CA  C    sing N N 4   
ALA CA  CB   sing N N 5   
ALA CA  HA   sing N N 6   
ALA C   O    doub N N 7   
ALA C   OXT  sing N N 8   
ALA CB  HB1  sing N N 9   
ALA CB  HB2  sing N N 10  
ALA CB  HB3  sing N N 11  
ALA OXT HXT  sing N N 12  
ARG N   CA   sing N N 13  
ARG N   H    sing N N 14  
ARG N   H2   sing N N 15  
ARG CA  C    sing N N 16  
ARG CA  CB   sing N N 17  
ARG CA  HA   sing N N 18  
ARG C   O    doub N N 19  
ARG C   OXT  sing N N 20  
ARG CB  CG   sing N N 21  
ARG CB  HB2  sing N N 22  
ARG CB  HB3  sing N N 23  
ARG CG  CD   sing N N 24  
ARG CG  HG2  sing N N 25  
ARG CG  HG3  sing N N 26  
ARG CD  NE   sing N N 27  
ARG CD  HD2  sing N N 28  
ARG CD  HD3  sing N N 29  
ARG NE  CZ   sing N N 30  
ARG NE  HE   sing N N 31  
ARG CZ  NH1  sing N N 32  
ARG CZ  NH2  doub N N 33  
ARG NH1 HH11 sing N N 34  
ARG NH1 HH12 sing N N 35  
ARG NH2 HH21 sing N N 36  
ARG NH2 HH22 sing N N 37  
ARG OXT HXT  sing N N 38  
ASN N   CA   sing N N 39  
ASN N   H    sing N N 40  
ASN N   H2   sing N N 41  
ASN CA  C    sing N N 42  
ASN CA  CB   sing N N 43  
ASN CA  HA   sing N N 44  
ASN C   O    doub N N 45  
ASN C   OXT  sing N N 46  
ASN CB  CG   sing N N 47  
ASN CB  HB2  sing N N 48  
ASN CB  HB3  sing N N 49  
ASN CG  OD1  doub N N 50  
ASN CG  ND2  sing N N 51  
ASN ND2 HD21 sing N N 52  
ASN ND2 HD22 sing N N 53  
ASN OXT HXT  sing N N 54  
ASP N   CA   sing N N 55  
ASP N   H    sing N N 56  
ASP N   H2   sing N N 57  
ASP CA  C    sing N N 58  
ASP CA  CB   sing N N 59  
ASP CA  HA   sing N N 60  
ASP C   O    doub N N 61  
ASP C   OXT  sing N N 62  
ASP CB  CG   sing N N 63  
ASP CB  HB2  sing N N 64  
ASP CB  HB3  sing N N 65  
ASP CG  OD1  doub N N 66  
ASP CG  OD2  sing N N 67  
ASP OD2 HD2  sing N N 68  
ASP OXT HXT  sing N N 69  
GLN N   CA   sing N N 70  
GLN N   H    sing N N 71  
GLN N   H2   sing N N 72  
GLN CA  C    sing N N 73  
GLN CA  CB   sing N N 74  
GLN CA  HA   sing N N 75  
GLN C   O    doub N N 76  
GLN C   OXT  sing N N 77  
GLN CB  CG   sing N N 78  
GLN CB  HB2  sing N N 79  
GLN CB  HB3  sing N N 80  
GLN CG  CD   sing N N 81  
GLN CG  HG2  sing N N 82  
GLN CG  HG3  sing N N 83  
GLN CD  OE1  doub N N 84  
GLN CD  NE2  sing N N 85  
GLN NE2 HE21 sing N N 86  
GLN NE2 HE22 sing N N 87  
GLN OXT HXT  sing N N 88  
GLU N   CA   sing N N 89  
GLU N   H    sing N N 90  
GLU N   H2   sing N N 91  
GLU CA  C    sing N N 92  
GLU CA  CB   sing N N 93  
GLU CA  HA   sing N N 94  
GLU C   O    doub N N 95  
GLU C   OXT  sing N N 96  
GLU CB  CG   sing N N 97  
GLU CB  HB2  sing N N 98  
GLU CB  HB3  sing N N 99  
GLU CG  CD   sing N N 100 
GLU CG  HG2  sing N N 101 
GLU CG  HG3  sing N N 102 
GLU CD  OE1  doub N N 103 
GLU CD  OE2  sing N N 104 
GLU OE2 HE2  sing N N 105 
GLU OXT HXT  sing N N 106 
GLY N   CA   sing N N 107 
GLY N   H    sing N N 108 
GLY N   H2   sing N N 109 
GLY CA  C    sing N N 110 
GLY CA  HA2  sing N N 111 
GLY CA  HA3  sing N N 112 
GLY C   O    doub N N 113 
GLY C   OXT  sing N N 114 
GLY OXT HXT  sing N N 115 
GOL C1  O1   sing N N 116 
GOL C1  C2   sing N N 117 
GOL C1  H11  sing N N 118 
GOL C1  H12  sing N N 119 
GOL O1  HO1  sing N N 120 
GOL C2  O2   sing N N 121 
GOL C2  C3   sing N N 122 
GOL C2  H2   sing N N 123 
GOL O2  HO2  sing N N 124 
GOL C3  O3   sing N N 125 
GOL C3  H31  sing N N 126 
GOL C3  H32  sing N N 127 
GOL O3  HO3  sing N N 128 
HIS N   CA   sing N N 129 
HIS N   H    sing N N 130 
HIS N   H2   sing N N 131 
HIS CA  C    sing N N 132 
HIS CA  CB   sing N N 133 
HIS CA  HA   sing N N 134 
HIS C   O    doub N N 135 
HIS C   OXT  sing N N 136 
HIS CB  CG   sing N N 137 
HIS CB  HB2  sing N N 138 
HIS CB  HB3  sing N N 139 
HIS CG  ND1  sing Y N 140 
HIS CG  CD2  doub Y N 141 
HIS ND1 CE1  doub Y N 142 
HIS ND1 HD1  sing N N 143 
HIS CD2 NE2  sing Y N 144 
HIS CD2 HD2  sing N N 145 
HIS CE1 NE2  sing Y N 146 
HIS CE1 HE1  sing N N 147 
HIS NE2 HE2  sing N N 148 
HIS OXT HXT  sing N N 149 
HOH O   H1   sing N N 150 
HOH O   H2   sing N N 151 
ILE N   CA   sing N N 152 
ILE N   H    sing N N 153 
ILE N   H2   sing N N 154 
ILE CA  C    sing N N 155 
ILE CA  CB   sing N N 156 
ILE CA  HA   sing N N 157 
ILE C   O    doub N N 158 
ILE C   OXT  sing N N 159 
ILE CB  CG1  sing N N 160 
ILE CB  CG2  sing N N 161 
ILE CB  HB   sing N N 162 
ILE CG1 CD1  sing N N 163 
ILE CG1 HG12 sing N N 164 
ILE CG1 HG13 sing N N 165 
ILE CG2 HG21 sing N N 166 
ILE CG2 HG22 sing N N 167 
ILE CG2 HG23 sing N N 168 
ILE CD1 HD11 sing N N 169 
ILE CD1 HD12 sing N N 170 
ILE CD1 HD13 sing N N 171 
ILE OXT HXT  sing N N 172 
LEU N   CA   sing N N 173 
LEU N   H    sing N N 174 
LEU N   H2   sing N N 175 
LEU CA  C    sing N N 176 
LEU CA  CB   sing N N 177 
LEU CA  HA   sing N N 178 
LEU C   O    doub N N 179 
LEU C   OXT  sing N N 180 
LEU CB  CG   sing N N 181 
LEU CB  HB2  sing N N 182 
LEU CB  HB3  sing N N 183 
LEU CG  CD1  sing N N 184 
LEU CG  CD2  sing N N 185 
LEU CG  HG   sing N N 186 
LEU CD1 HD11 sing N N 187 
LEU CD1 HD12 sing N N 188 
LEU CD1 HD13 sing N N 189 
LEU CD2 HD21 sing N N 190 
LEU CD2 HD22 sing N N 191 
LEU CD2 HD23 sing N N 192 
LEU OXT HXT  sing N N 193 
LYS N   CA   sing N N 194 
LYS N   H    sing N N 195 
LYS N   H2   sing N N 196 
LYS CA  C    sing N N 197 
LYS CA  CB   sing N N 198 
LYS CA  HA   sing N N 199 
LYS C   O    doub N N 200 
LYS C   OXT  sing N N 201 
LYS CB  CG   sing N N 202 
LYS CB  HB2  sing N N 203 
LYS CB  HB3  sing N N 204 
LYS CG  CD   sing N N 205 
LYS CG  HG2  sing N N 206 
LYS CG  HG3  sing N N 207 
LYS CD  CE   sing N N 208 
LYS CD  HD2  sing N N 209 
LYS CD  HD3  sing N N 210 
LYS CE  NZ   sing N N 211 
LYS CE  HE2  sing N N 212 
LYS CE  HE3  sing N N 213 
LYS NZ  HZ1  sing N N 214 
LYS NZ  HZ2  sing N N 215 
LYS NZ  HZ3  sing N N 216 
LYS OXT HXT  sing N N 217 
MET N   CA   sing N N 218 
MET N   H    sing N N 219 
MET N   H2   sing N N 220 
MET CA  C    sing N N 221 
MET CA  CB   sing N N 222 
MET CA  HA   sing N N 223 
MET C   O    doub N N 224 
MET C   OXT  sing N N 225 
MET CB  CG   sing N N 226 
MET CB  HB2  sing N N 227 
MET CB  HB3  sing N N 228 
MET CG  SD   sing N N 229 
MET CG  HG2  sing N N 230 
MET CG  HG3  sing N N 231 
MET SD  CE   sing N N 232 
MET CE  HE1  sing N N 233 
MET CE  HE2  sing N N 234 
MET CE  HE3  sing N N 235 
MET OXT HXT  sing N N 236 
PHE N   CA   sing N N 237 
PHE N   H    sing N N 238 
PHE N   H2   sing N N 239 
PHE CA  C    sing N N 240 
PHE CA  CB   sing N N 241 
PHE CA  HA   sing N N 242 
PHE C   O    doub N N 243 
PHE C   OXT  sing N N 244 
PHE CB  CG   sing N N 245 
PHE CB  HB2  sing N N 246 
PHE CB  HB3  sing N N 247 
PHE CG  CD1  doub Y N 248 
PHE CG  CD2  sing Y N 249 
PHE CD1 CE1  sing Y N 250 
PHE CD1 HD1  sing N N 251 
PHE CD2 CE2  doub Y N 252 
PHE CD2 HD2  sing N N 253 
PHE CE1 CZ   doub Y N 254 
PHE CE1 HE1  sing N N 255 
PHE CE2 CZ   sing Y N 256 
PHE CE2 HE2  sing N N 257 
PHE CZ  HZ   sing N N 258 
PHE OXT HXT  sing N N 259 
PRO N   CA   sing N N 260 
PRO N   CD   sing N N 261 
PRO N   H    sing N N 262 
PRO CA  C    sing N N 263 
PRO CA  CB   sing N N 264 
PRO CA  HA   sing N N 265 
PRO C   O    doub N N 266 
PRO C   OXT  sing N N 267 
PRO CB  CG   sing N N 268 
PRO CB  HB2  sing N N 269 
PRO CB  HB3  sing N N 270 
PRO CG  CD   sing N N 271 
PRO CG  HG2  sing N N 272 
PRO CG  HG3  sing N N 273 
PRO CD  HD2  sing N N 274 
PRO CD  HD3  sing N N 275 
PRO OXT HXT  sing N N 276 
SER N   CA   sing N N 277 
SER N   H    sing N N 278 
SER N   H2   sing N N 279 
SER CA  C    sing N N 280 
SER CA  CB   sing N N 281 
SER CA  HA   sing N N 282 
SER C   O    doub N N 283 
SER C   OXT  sing N N 284 
SER CB  OG   sing N N 285 
SER CB  HB2  sing N N 286 
SER CB  HB3  sing N N 287 
SER OG  HG   sing N N 288 
SER OXT HXT  sing N N 289 
SO4 S   O1   doub N N 290 
SO4 S   O2   doub N N 291 
SO4 S   O3   sing N N 292 
SO4 S   O4   sing N N 293 
THR N   CA   sing N N 294 
THR N   H    sing N N 295 
THR N   H2   sing N N 296 
THR CA  C    sing N N 297 
THR CA  CB   sing N N 298 
THR CA  HA   sing N N 299 
THR C   O    doub N N 300 
THR C   OXT  sing N N 301 
THR CB  OG1  sing N N 302 
THR CB  CG2  sing N N 303 
THR CB  HB   sing N N 304 
THR OG1 HG1  sing N N 305 
THR CG2 HG21 sing N N 306 
THR CG2 HG22 sing N N 307 
THR CG2 HG23 sing N N 308 
THR OXT HXT  sing N N 309 
TRP N   CA   sing N N 310 
TRP N   H    sing N N 311 
TRP N   H2   sing N N 312 
TRP CA  C    sing N N 313 
TRP CA  CB   sing N N 314 
TRP CA  HA   sing N N 315 
TRP C   O    doub N N 316 
TRP C   OXT  sing N N 317 
TRP CB  CG   sing N N 318 
TRP CB  HB2  sing N N 319 
TRP CB  HB3  sing N N 320 
TRP CG  CD1  doub Y N 321 
TRP CG  CD2  sing Y N 322 
TRP CD1 NE1  sing Y N 323 
TRP CD1 HD1  sing N N 324 
TRP CD2 CE2  doub Y N 325 
TRP CD2 CE3  sing Y N 326 
TRP NE1 CE2  sing Y N 327 
TRP NE1 HE1  sing N N 328 
TRP CE2 CZ2  sing Y N 329 
TRP CE3 CZ3  doub Y N 330 
TRP CE3 HE3  sing N N 331 
TRP CZ2 CH2  doub Y N 332 
TRP CZ2 HZ2  sing N N 333 
TRP CZ3 CH2  sing Y N 334 
TRP CZ3 HZ3  sing N N 335 
TRP CH2 HH2  sing N N 336 
TRP OXT HXT  sing N N 337 
TYR N   CA   sing N N 338 
TYR N   H    sing N N 339 
TYR N   H2   sing N N 340 
TYR CA  C    sing N N 341 
TYR CA  CB   sing N N 342 
TYR CA  HA   sing N N 343 
TYR C   O    doub N N 344 
TYR C   OXT  sing N N 345 
TYR CB  CG   sing N N 346 
TYR CB  HB2  sing N N 347 
TYR CB  HB3  sing N N 348 
TYR CG  CD1  doub Y N 349 
TYR CG  CD2  sing Y N 350 
TYR CD1 CE1  sing Y N 351 
TYR CD1 HD1  sing N N 352 
TYR CD2 CE2  doub Y N 353 
TYR CD2 HD2  sing N N 354 
TYR CE1 CZ   doub Y N 355 
TYR CE1 HE1  sing N N 356 
TYR CE2 CZ   sing Y N 357 
TYR CE2 HE2  sing N N 358 
TYR CZ  OH   sing N N 359 
TYR OH  HH   sing N N 360 
TYR OXT HXT  sing N N 361 
VAL N   CA   sing N N 362 
VAL N   H    sing N N 363 
VAL N   H2   sing N N 364 
VAL CA  C    sing N N 365 
VAL CA  CB   sing N N 366 
VAL CA  HA   sing N N 367 
VAL C   O    doub N N 368 
VAL C   OXT  sing N N 369 
VAL CB  CG1  sing N N 370 
VAL CB  CG2  sing N N 371 
VAL CB  HB   sing N N 372 
VAL CG1 HG11 sing N N 373 
VAL CG1 HG12 sing N N 374 
VAL CG1 HG13 sing N N 375 
VAL CG2 HG21 sing N N 376 
VAL CG2 HG22 sing N N 377 
VAL CG2 HG23 sing N N 378 
VAL OXT HXT  sing N N 379 
# 
loop_
_pdbx_entity_nonpoly.entity_id 
_pdbx_entity_nonpoly.name 
_pdbx_entity_nonpoly.comp_id 
2 GLYCEROL      GOL 
3 'SULFATE ION' SO4 
4 water         HOH 
# 
_pdbx_initial_refinement_model.id               1 
_pdbx_initial_refinement_model.entity_id_list   ? 
_pdbx_initial_refinement_model.type             'experimental model' 
_pdbx_initial_refinement_model.source_name      PDB 
_pdbx_initial_refinement_model.accession_code   2KFY 
_pdbx_initial_refinement_model.details          ? 
# 
_pdbx_struct_assembly_auth_evidence.id                     1 
_pdbx_struct_assembly_auth_evidence.assembly_id            1 
_pdbx_struct_assembly_auth_evidence.experimental_support   none 
_pdbx_struct_assembly_auth_evidence.details                ? 
# 
